data_7NST
#
_entry.id   7NST
#
_cell.length_a   1.00
_cell.length_b   1.00
_cell.length_c   1.00
_cell.angle_alpha   90.00
_cell.angle_beta   90.00
_cell.angle_gamma   90.00
#
_symmetry.space_group_name_H-M   'P 1'
#
loop_
_entity.id
_entity.type
_entity.pdbx_description
1 polymer 'Outer membrane protein F'
2 polymer Colicin-E9
3 polymer 'Tol-Pal system protein TolB'
#
loop_
_entity_poly.entity_id
_entity_poly.type
_entity_poly.pdbx_seq_one_letter_code
_entity_poly.pdbx_strand_id
1 'polypeptide(L)'
;AEIYNKDGNKVDLYGKAVGLHYFSKGNGENSYGGNGDMTYARLGFKGETQINSDLTGYGQWEYNFQGNNSEGADAQTGNK
TRLAFAGLKYADVGSFDYGRNYGVVYDALGYTDMLPEFGGDTAYSDDFFVGRVGGVATYRNSNFFGLVDGLNFAVQYLGK
NERDTARRSNGDGVGGSISYEYEGFGIVGAYGAADRTNLQEAQPLGNGKKAEQWATGLKYDANNIYLAANYGETRNATPI
TNKFTNTSGFANKTQDVLLVAQYQFDFGLRPSIAYTKSKAKDVEGIGDVDLVNYFEVGATYYFNKNMSTYVDYIINQIDS
DNKLGVGSDDTVAVGIVYQF
;
A,B,C
2 'polypeptide(L)'
;MSGGDGRGHNTGAHSTSGNINGGPTGIGVSGGCSDGSGWSSENNPWGGGSGSGIHWGGGSGRGNGGGNGNSGGGSGTGGN
LSAVAAPVAFGFPALSTPGAGGLAVSISASELSAAIAGIIAKLKKVNLKFTPFGVVLSSLIPSEIAKDDPNMMSKIVTSL
PADDITESPVSSLPLDKATVNVNVRVVDDVKDERQNISVVSGVPMSVPVVDAKPTERPGVFTASIPGAPVLNISVNDSTP
AVQTLSPGVTNNTDKDVRPAGFTQGGNTRDAVIRFPKDSGHNAVYVSVSDVLSPDQVKQRQDEENRRQQEWDAT
;
D
3 'polypeptide(L)'
;MKQALRVAFGFLILWASVLHAEVRIVIDSGVDSGRPIGVVPFQWAGPGAAPEDIGGIVAADLRNSGKFNPLDRARLPQQP
GSAQEVQPAAWSALGIDAVVVGQVTPNPDGSYNVAYQLVDTGGAPGTVLAQNSYKVNKQWLRYAGHTASDEVFEKLTGIK
GAFRTRIAYVVQTNGGQFPYELRVSDYDGYNQFVVHRSPQCLMSPAWSPDGSKLAYVTFESGRSALVIQTLANGAVRQVA
SFPRHNGAPAFSPDGSKLAFALSKTGSLNLYVMDLASGQIRQVTDGRSNNTEPTWFPDSQNLAFTSDQAGRPQVYKVNIN
GGAPQRITWEGSQNQDADVSSDGKFMVMVSSNGGQQHIAKQDLATGGVQVLSSTFLDETPSLAPNGTMVIYSSSQGMGSV
LNLVSTDGRFKARLPATDGQVKFPAWSPYL
;
E
#
# COMPACT_ATOMS: atom_id res chain seq x y z
N ALA A 1 13.03 0.54 11.07
CA ALA A 1 14.13 1.49 10.73
C ALA A 1 13.60 2.64 9.87
N GLU A 2 14.23 3.80 9.98
CA GLU A 2 13.84 4.96 9.19
C GLU A 2 14.46 4.83 7.81
N ILE A 3 13.61 4.67 6.80
CA ILE A 3 14.12 4.45 5.45
C ILE A 3 14.00 5.69 4.59
N TYR A 4 12.96 6.49 4.83
CA TYR A 4 12.70 7.70 4.07
C TYR A 4 12.42 8.84 5.03
N ASN A 5 13.29 9.85 5.02
CA ASN A 5 13.12 11.03 5.86
C ASN A 5 13.43 12.24 4.98
N LYS A 6 12.43 12.68 4.22
CA LYS A 6 12.62 13.74 3.23
C LYS A 6 11.32 14.53 3.09
N ASP A 7 11.47 15.74 2.55
CA ASP A 7 10.32 16.60 2.25
C ASP A 7 9.43 16.78 3.48
N GLY A 8 10.06 16.93 4.63
CA GLY A 8 9.31 17.05 5.87
C GLY A 8 8.46 15.85 6.17
N ASN A 9 8.82 14.69 5.64
CA ASN A 9 8.12 13.44 5.87
C ASN A 9 9.14 12.39 6.24
N LYS A 10 8.80 11.53 7.19
CA LYS A 10 9.71 10.52 7.68
C LYS A 10 8.94 9.22 7.83
N VAL A 11 9.54 8.13 7.34
CA VAL A 11 8.93 6.81 7.36
C VAL A 11 9.85 5.85 8.10
N ASP A 12 9.26 5.11 9.03
CA ASP A 12 9.93 4.10 9.85
C ASP A 12 9.24 2.78 9.57
N LEU A 13 9.85 1.97 8.70
CA LEU A 13 9.38 0.61 8.50
C LEU A 13 9.89 -0.23 9.65
N TYR A 14 8.98 -0.91 10.34
CA TYR A 14 9.34 -1.76 11.47
C TYR A 14 8.74 -3.13 11.23
N GLY A 15 9.60 -4.14 11.24
CA GLY A 15 9.16 -5.50 11.04
C GLY A 15 10.13 -6.44 11.73
N LYS A 16 9.63 -7.62 12.05
CA LYS A 16 10.41 -8.57 12.81
C LYS A 16 9.97 -9.98 12.47
N ALA A 17 10.83 -10.92 12.83
CA ALA A 17 10.61 -12.34 12.67
C ALA A 17 10.92 -13.00 14.00
N VAL A 18 10.15 -14.03 14.33
CA VAL A 18 10.21 -14.67 15.64
C VAL A 18 10.15 -16.16 15.40
N GLY A 19 11.24 -16.85 15.72
CA GLY A 19 11.24 -18.29 15.77
C GLY A 19 10.91 -18.71 17.18
N LEU A 20 9.76 -19.37 17.34
CA LEU A 20 9.17 -19.58 18.65
C LEU A 20 8.76 -21.04 18.78
N HIS A 21 8.77 -21.53 20.00
CA HIS A 21 8.21 -22.84 20.25
C HIS A 21 7.67 -22.90 21.67
N TYR A 22 6.60 -23.66 21.84
CA TYR A 22 5.94 -23.87 23.11
C TYR A 22 6.03 -25.33 23.48
N PHE A 23 6.54 -25.62 24.68
CA PHE A 23 6.65 -26.97 25.18
C PHE A 23 5.69 -27.14 26.37
N SER A 24 5.10 -28.32 26.46
CA SER A 24 4.12 -28.63 27.48
C SER A 24 3.97 -30.14 27.55
N LYS A 25 3.53 -30.61 28.71
CA LYS A 25 3.28 -32.03 28.86
C LYS A 25 2.06 -32.44 28.04
N GLY A 26 2.14 -33.61 27.43
CA GLY A 26 1.07 -34.12 26.62
C GLY A 26 0.98 -33.42 25.27
N ASN A 27 -0.19 -33.60 24.64
CA ASN A 27 -0.42 -33.00 23.32
C ASN A 27 -0.43 -31.49 23.39
N GLY A 28 -0.80 -30.92 24.52
CA GLY A 28 -0.89 -29.49 24.68
C GLY A 28 -2.29 -28.93 24.71
N GLU A 29 -3.31 -29.78 24.85
CA GLU A 29 -4.68 -29.28 24.95
C GLU A 29 -4.88 -28.56 26.27
N ASN A 30 -4.33 -29.10 27.36
CA ASN A 30 -4.51 -28.53 28.69
C ASN A 30 -3.45 -27.50 29.03
N SER A 31 -2.44 -27.34 28.19
CA SER A 31 -1.40 -26.35 28.44
C SER A 31 -2.00 -24.95 28.43
N TYR A 32 -1.44 -24.09 29.28
CA TYR A 32 -1.91 -22.71 29.35
C TYR A 32 -1.94 -22.08 27.96
N GLY A 33 -0.78 -22.05 27.30
CA GLY A 33 -0.66 -21.40 26.01
C GLY A 33 -0.91 -22.34 24.86
N GLY A 34 -0.31 -23.50 24.91
CA GLY A 34 -0.43 -24.48 23.84
C GLY A 34 0.83 -25.31 23.73
N ASN A 35 1.13 -25.73 22.51
CA ASN A 35 2.32 -26.52 22.24
C ASN A 35 2.60 -26.52 20.74
N GLY A 36 3.87 -26.61 20.39
CA GLY A 36 4.31 -26.68 19.03
C GLY A 36 5.06 -25.44 18.59
N ASP A 37 5.09 -25.24 17.26
CA ASP A 37 5.78 -24.11 16.67
C ASP A 37 4.82 -22.93 16.54
N MET A 38 5.23 -21.79 17.08
CA MET A 38 4.42 -20.58 17.03
C MET A 38 5.20 -19.42 16.40
N THR A 39 6.07 -19.74 15.45
CA THR A 39 6.88 -18.72 14.80
C THR A 39 5.99 -17.75 14.03
N TYR A 40 6.31 -16.47 14.10
CA TYR A 40 5.50 -15.47 13.41
C TYR A 40 6.36 -14.26 13.04
N ALA A 41 5.95 -13.59 11.98
CA ALA A 41 6.62 -12.39 11.50
C ALA A 41 5.61 -11.26 11.38
N ARG A 42 5.99 -10.09 11.86
CA ARG A 42 5.13 -8.91 11.79
C ARG A 42 5.77 -7.86 10.91
N LEU A 43 4.95 -7.18 10.12
CA LEU A 43 5.42 -6.11 9.26
C LEU A 43 4.54 -4.88 9.46
N GLY A 44 5.14 -3.70 9.46
CA GLY A 44 4.36 -2.50 9.65
C GLY A 44 5.15 -1.28 9.27
N PHE A 45 4.42 -0.20 9.06
CA PHE A 45 5.02 1.08 8.69
C PHE A 45 4.40 2.18 9.53
N LYS A 46 5.25 3.07 10.02
CA LYS A 46 4.84 4.29 10.69
C LYS A 46 5.35 5.47 9.89
N GLY A 47 4.56 6.53 9.84
CA GLY A 47 4.95 7.69 9.07
C GLY A 47 4.49 8.97 9.72
N GLU A 48 5.34 9.99 9.67
CA GLU A 48 5.01 11.30 10.20
C GLU A 48 5.37 12.35 9.16
N THR A 49 4.77 13.52 9.31
CA THR A 49 5.08 14.64 8.43
C THR A 49 4.65 15.92 9.11
N GLN A 50 5.59 16.84 9.27
CA GLN A 50 5.32 18.13 9.91
C GLN A 50 4.72 19.06 8.85
N ILE A 51 3.39 19.12 8.82
CA ILE A 51 2.73 20.04 7.90
C ILE A 51 3.14 21.47 8.22
N ASN A 52 3.12 21.81 9.50
CA ASN A 52 3.57 23.10 10.00
C ASN A 52 4.46 22.86 11.21
N SER A 53 5.07 23.94 11.69
CA SER A 53 5.88 23.82 12.90
C SER A 53 5.05 23.26 14.05
N ASP A 54 3.80 23.71 14.16
CA ASP A 54 2.93 23.33 15.26
C ASP A 54 2.00 22.16 14.92
N LEU A 55 2.02 21.67 13.68
CA LEU A 55 1.10 20.63 13.25
C LEU A 55 1.82 19.55 12.48
N THR A 56 1.66 18.29 12.92
CA THR A 56 2.20 17.13 12.24
C THR A 56 1.12 16.06 12.13
N GLY A 57 1.19 15.30 11.06
CA GLY A 57 0.25 14.21 10.81
C GLY A 57 0.99 12.89 10.79
N TYR A 58 0.35 11.86 11.35
CA TYR A 58 0.96 10.54 11.47
C TYR A 58 -0.01 9.45 11.05
N GLY A 59 0.56 8.39 10.46
CA GLY A 59 -0.19 7.21 10.09
C GLY A 59 0.59 5.93 10.39
N GLN A 60 -0.07 4.94 10.98
CA GLN A 60 0.61 3.71 11.36
C GLN A 60 -0.22 2.50 10.97
N TRP A 61 0.47 1.44 10.54
CA TRP A 61 -0.19 0.19 10.18
C TRP A 61 0.70 -0.99 10.54
N GLU A 62 0.08 -2.05 11.03
CA GLU A 62 0.80 -3.27 11.42
C GLU A 62 0.01 -4.51 11.00
N TYR A 63 0.73 -5.53 10.54
CA TYR A 63 0.15 -6.81 10.17
C TYR A 63 0.99 -7.93 10.77
N ASN A 64 0.33 -9.06 10.99
CA ASN A 64 0.94 -10.26 11.58
C ASN A 64 0.69 -11.44 10.64
N PHE A 65 1.77 -12.15 10.32
CA PHE A 65 1.76 -13.34 9.49
C PHE A 65 2.30 -14.49 10.32
N GLN A 66 1.63 -15.63 10.30
CA GLN A 66 2.06 -16.78 11.07
C GLN A 66 2.78 -17.76 10.15
N GLY A 67 3.91 -18.28 10.63
CA GLY A 67 4.69 -19.22 9.87
C GLY A 67 4.41 -20.67 10.24
N ASN A 68 3.78 -20.87 11.39
CA ASN A 68 3.48 -22.23 11.82
C ASN A 68 2.56 -22.94 10.85
N ASN A 69 1.71 -22.19 10.17
CA ASN A 69 0.75 -22.77 9.26
C ASN A 69 1.44 -23.33 8.01
N SER A 70 0.71 -24.22 7.34
CA SER A 70 1.17 -24.82 6.10
C SER A 70 0.82 -23.93 4.92
N GLU A 71 1.10 -24.41 3.71
CA GLU A 71 0.80 -23.70 2.48
C GLU A 71 -0.54 -24.12 1.89
N GLY A 72 -1.30 -24.95 2.60
CA GLY A 72 -2.59 -25.38 2.12
C GLY A 72 -3.71 -24.43 2.49
N ALA A 73 -4.89 -25.00 2.78
CA ALA A 73 -6.05 -24.19 3.10
C ALA A 73 -5.89 -23.41 4.39
N ASP A 74 -4.96 -23.81 5.26
CA ASP A 74 -4.80 -23.19 6.56
C ASP A 74 -3.70 -22.12 6.58
N ALA A 75 -3.29 -21.64 5.42
CA ALA A 75 -2.20 -20.66 5.37
C ALA A 75 -2.57 -19.38 6.11
N GLN A 76 -3.81 -18.92 5.94
CA GLN A 76 -4.22 -17.64 6.49
C GLN A 76 -4.58 -17.70 7.98
N THR A 77 -4.65 -18.89 8.57
CA THR A 77 -5.01 -18.98 9.98
C THR A 77 -4.06 -18.17 10.83
N GLY A 78 -4.61 -17.26 11.63
CA GLY A 78 -3.82 -16.44 12.51
C GLY A 78 -3.16 -15.25 11.86
N ASN A 79 -3.48 -14.98 10.60
CA ASN A 79 -2.93 -13.84 9.87
C ASN A 79 -3.93 -12.70 9.98
N LYS A 80 -3.44 -11.51 10.31
CA LYS A 80 -4.38 -10.41 10.57
C LYS A 80 -3.64 -9.08 10.51
N THR A 81 -4.43 -8.01 10.63
CA THR A 81 -3.91 -6.66 10.77
C THR A 81 -4.13 -6.21 12.21
N ARG A 82 -3.05 -5.95 12.92
CA ARG A 82 -3.16 -5.53 14.31
C ARG A 82 -3.63 -4.08 14.42
N LEU A 83 -2.86 -3.16 13.86
CA LEU A 83 -3.11 -1.73 13.96
C LEU A 83 -3.24 -1.14 12.56
N ALA A 84 -4.22 -0.26 12.39
CA ALA A 84 -4.32 0.49 11.13
C ALA A 84 -5.12 1.76 11.43
N PHE A 85 -4.44 2.89 11.59
CA PHE A 85 -5.10 4.12 11.96
C PHE A 85 -4.33 5.30 11.40
N ALA A 86 -4.86 6.50 11.66
CA ALA A 86 -4.18 7.73 11.33
C ALA A 86 -4.53 8.76 12.39
N GLY A 87 -3.98 9.96 12.25
CA GLY A 87 -4.26 11.02 13.20
C GLY A 87 -3.29 12.18 13.05
N LEU A 88 -3.57 13.23 13.80
CA LEU A 88 -2.82 14.47 13.76
C LEU A 88 -2.46 14.90 15.18
N LYS A 89 -1.25 15.42 15.33
CA LYS A 89 -0.75 15.93 16.61
C LYS A 89 -0.50 17.42 16.51
N TYR A 90 -1.33 18.21 17.18
CA TYR A 90 -1.09 19.63 17.28
C TYR A 90 0.03 19.90 18.29
N ALA A 91 0.54 21.13 18.27
CA ALA A 91 1.71 21.44 19.09
C ALA A 91 1.48 21.15 20.56
N ASP A 92 0.44 21.74 21.15
CA ASP A 92 0.22 21.66 22.59
C ASP A 92 -1.12 21.06 22.98
N VAL A 93 -2.19 21.37 22.25
CA VAL A 93 -3.51 20.95 22.68
C VAL A 93 -3.56 19.44 22.83
N GLY A 94 -2.87 18.72 21.96
CA GLY A 94 -2.85 17.27 22.02
C GLY A 94 -2.83 16.62 20.66
N SER A 95 -3.46 15.45 20.54
CA SER A 95 -3.44 14.68 19.31
C SER A 95 -4.72 13.87 19.22
N PHE A 96 -5.22 13.71 17.99
CA PHE A 96 -6.46 13.00 17.73
C PHE A 96 -6.24 12.01 16.60
N ASP A 97 -6.68 10.78 16.81
CA ASP A 97 -6.48 9.72 15.83
C ASP A 97 -7.76 8.90 15.72
N TYR A 98 -7.82 8.10 14.65
CA TYR A 98 -8.96 7.26 14.37
C TYR A 98 -8.50 6.05 13.56
N GLY A 99 -9.14 4.91 13.81
CA GLY A 99 -8.88 3.70 13.07
C GLY A 99 -9.01 2.45 13.89
N ARG A 100 -8.02 1.57 13.79
CA ARG A 100 -7.92 0.35 14.57
C ARG A 100 -6.67 0.46 15.44
N ASN A 101 -6.89 0.64 16.74
CA ASN A 101 -5.81 0.98 17.66
C ASN A 101 -6.14 0.42 19.04
N TYR A 102 -5.18 0.60 19.96
CA TYR A 102 -5.36 0.14 21.33
C TYR A 102 -6.40 0.99 22.05
N GLY A 103 -7.17 0.34 22.92
CA GLY A 103 -8.13 1.05 23.73
C GLY A 103 -7.46 1.76 24.90
N VAL A 104 -8.11 2.84 25.35
CA VAL A 104 -7.55 3.67 26.41
C VAL A 104 -7.16 2.81 27.59
N VAL A 105 -7.97 1.80 27.92
CA VAL A 105 -7.72 1.00 29.11
C VAL A 105 -6.41 0.26 28.99
N TYR A 106 -6.03 -0.10 27.76
CA TYR A 106 -4.76 -0.80 27.58
C TYR A 106 -3.61 0.02 28.12
N ASP A 107 -3.74 1.34 28.11
CA ASP A 107 -2.67 2.17 28.63
C ASP A 107 -2.32 1.75 30.05
N ALA A 108 -3.35 1.58 30.89
CA ALA A 108 -3.08 1.11 32.24
C ALA A 108 -2.52 -0.29 32.18
N LEU A 109 -3.11 -1.15 31.37
CA LEU A 109 -2.65 -2.52 31.28
C LEU A 109 -1.33 -2.62 30.55
N GLY A 110 -0.84 -1.52 29.98
CA GLY A 110 0.46 -1.55 29.33
C GLY A 110 1.59 -1.79 30.30
N TYR A 111 1.42 -1.37 31.55
CA TYR A 111 2.49 -1.48 32.52
C TYR A 111 2.88 -2.94 32.75
N THR A 112 1.89 -3.81 32.91
CA THR A 112 2.18 -5.22 33.17
C THR A 112 2.60 -5.96 31.91
N ASP A 113 2.13 -5.52 30.74
CA ASP A 113 2.41 -6.22 29.50
C ASP A 113 3.82 -5.85 29.02
N MET A 114 4.80 -6.25 29.82
CA MET A 114 6.21 -6.10 29.49
C MET A 114 6.89 -7.44 29.34
N LEU A 115 6.14 -8.53 29.38
CA LEU A 115 6.72 -9.86 29.34
C LEU A 115 7.22 -10.17 27.93
N PRO A 116 8.11 -11.15 27.80
CA PRO A 116 8.65 -11.45 26.46
C PRO A 116 7.60 -11.95 25.49
N GLU A 117 6.86 -13.00 25.87
CA GLU A 117 5.82 -13.56 25.01
C GLU A 117 4.45 -13.53 25.66
N PHE A 118 4.32 -14.09 26.86
CA PHE A 118 3.06 -14.10 27.58
C PHE A 118 2.84 -12.75 28.26
N GLY A 119 1.75 -12.65 29.01
CA GLY A 119 1.43 -11.44 29.73
C GLY A 119 0.28 -10.68 29.08
N GLY A 120 -0.37 -9.85 29.89
CA GLY A 120 -1.52 -9.11 29.40
C GLY A 120 -2.66 -10.01 29.00
N ASP A 121 -2.84 -11.13 29.68
CA ASP A 121 -3.89 -12.07 29.31
C ASP A 121 -5.27 -11.42 29.45
N THR A 122 -5.45 -10.59 30.47
CA THR A 122 -6.72 -9.91 30.63
C THR A 122 -7.02 -9.02 29.44
N ALA A 123 -5.98 -8.44 28.83
CA ALA A 123 -6.15 -7.51 27.72
C ALA A 123 -6.41 -8.32 26.45
N TYR A 124 -7.63 -8.85 26.36
CA TYR A 124 -8.02 -9.60 25.19
C TYR A 124 -8.19 -8.67 24.00
N SER A 125 -8.02 -9.23 22.80
CA SER A 125 -8.16 -8.46 21.59
C SER A 125 -9.62 -8.44 21.14
N ASP A 126 -9.95 -7.46 20.31
CA ASP A 126 -11.31 -7.24 19.83
C ASP A 126 -12.30 -7.13 20.99
N ASP A 127 -11.82 -6.79 22.17
CA ASP A 127 -12.67 -6.48 23.32
C ASP A 127 -12.78 -4.96 23.48
N PHE A 128 -13.75 -4.56 24.30
CA PHE A 128 -14.26 -3.19 24.24
C PHE A 128 -13.14 -2.16 24.30
N PHE A 129 -12.41 -2.11 25.40
CA PHE A 129 -11.38 -1.11 25.59
C PHE A 129 -10.04 -1.67 26.05
N VAL A 130 -9.95 -2.96 26.39
CA VAL A 130 -8.74 -3.48 26.98
C VAL A 130 -7.68 -3.78 25.92
N GLY A 131 -8.11 -4.17 24.72
CA GLY A 131 -7.21 -4.55 23.66
C GLY A 131 -7.44 -3.74 22.39
N ARG A 132 -6.65 -4.06 21.39
CA ARG A 132 -6.69 -3.32 20.13
C ARG A 132 -7.96 -3.66 19.36
N VAL A 133 -8.70 -2.63 18.95
CA VAL A 133 -9.99 -2.80 18.29
C VAL A 133 -10.13 -1.76 17.18
N GLY A 134 -11.10 -2.01 16.32
CA GLY A 134 -11.36 -1.16 15.16
C GLY A 134 -12.62 -0.34 15.41
N GLY A 135 -12.57 0.92 15.01
CA GLY A 135 -13.71 1.81 15.15
C GLY A 135 -13.61 2.74 16.33
N VAL A 136 -12.40 3.17 16.69
CA VAL A 136 -12.19 4.05 17.82
C VAL A 136 -11.73 5.41 17.31
N ALA A 137 -12.18 6.46 17.98
CA ALA A 137 -11.71 7.82 17.77
C ALA A 137 -11.17 8.31 19.10
N THR A 138 -9.86 8.61 19.14
CA THR A 138 -9.18 8.92 20.38
C THR A 138 -8.54 10.30 20.30
N TYR A 139 -8.64 11.03 21.40
CA TYR A 139 -7.95 12.30 21.58
C TYR A 139 -7.02 12.16 22.78
N ARG A 140 -5.84 12.75 22.69
CA ARG A 140 -4.85 12.65 23.74
C ARG A 140 -4.23 14.02 23.99
N ASN A 141 -3.98 14.32 25.26
CA ASN A 141 -3.35 15.54 25.70
C ASN A 141 -2.10 15.17 26.46
N SER A 142 -1.00 15.87 26.16
CA SER A 142 0.29 15.65 26.79
C SER A 142 0.57 16.80 27.74
N ASN A 143 0.83 16.46 29.01
CA ASN A 143 1.18 17.44 30.04
C ASN A 143 0.07 18.48 30.22
N PHE A 144 -1.17 18.08 29.98
CA PHE A 144 -2.34 18.93 30.16
C PHE A 144 -2.12 20.30 29.50
N PHE A 145 -1.90 20.26 28.19
CA PHE A 145 -1.65 21.46 27.39
C PHE A 145 -0.30 22.07 27.72
N GLY A 146 0.64 21.25 28.20
CA GLY A 146 1.93 21.74 28.61
C GLY A 146 1.93 22.49 29.91
N LEU A 147 0.84 22.44 30.66
CA LEU A 147 0.77 23.16 31.93
C LEU A 147 1.53 22.41 33.02
N VAL A 148 1.23 21.12 33.19
CA VAL A 148 1.82 20.30 34.25
C VAL A 148 2.59 19.17 33.57
N ASP A 149 3.87 19.05 33.92
CA ASP A 149 4.71 18.04 33.29
C ASP A 149 4.37 16.65 33.79
N GLY A 150 4.31 15.69 32.87
CA GLY A 150 4.10 14.30 33.20
C GLY A 150 2.65 13.85 33.31
N LEU A 151 1.69 14.76 33.14
CA LEU A 151 0.28 14.42 33.25
C LEU A 151 -0.34 14.36 31.86
N ASN A 152 -0.53 13.14 31.36
CA ASN A 152 -1.12 12.90 30.05
C ASN A 152 -2.49 12.29 30.24
N PHE A 153 -3.49 12.86 29.59
CA PHE A 153 -4.85 12.33 29.68
C PHE A 153 -5.44 12.14 28.29
N ALA A 154 -6.30 11.14 28.15
CA ALA A 154 -6.89 10.83 26.86
C ALA A 154 -8.33 10.39 27.02
N VAL A 155 -9.06 10.44 25.91
CA VAL A 155 -10.46 10.10 25.84
C VAL A 155 -10.71 9.38 24.52
N GLN A 156 -11.67 8.46 24.53
CA GLN A 156 -11.87 7.59 23.37
C GLN A 156 -13.34 7.26 23.21
N TYR A 157 -13.83 7.40 21.98
CA TYR A 157 -15.17 6.98 21.59
C TYR A 157 -15.06 5.73 20.74
N LEU A 158 -16.00 4.81 20.91
CA LEU A 158 -15.97 3.51 20.24
C LEU A 158 -17.23 3.35 19.40
N GLY A 159 -17.06 3.42 18.09
CA GLY A 159 -18.17 3.17 17.20
C GLY A 159 -18.63 1.73 17.29
N LYS A 160 -19.94 1.54 17.15
CA LYS A 160 -20.51 0.21 17.26
C LYS A 160 -20.00 -0.70 16.14
N ASN A 161 -19.79 -1.97 16.48
CA ASN A 161 -19.38 -2.98 15.51
C ASN A 161 -20.34 -4.16 15.62
N GLU A 162 -21.11 -4.41 14.57
CA GLU A 162 -22.05 -5.52 14.52
C GLU A 162 -21.41 -6.64 13.71
N ARG A 163 -20.77 -7.58 14.39
CA ARG A 163 -20.13 -8.72 13.76
C ARG A 163 -20.98 -9.97 13.94
N ASP A 164 -20.49 -11.07 13.37
CA ASP A 164 -21.24 -12.33 13.44
C ASP A 164 -21.27 -12.90 14.85
N THR A 165 -20.21 -12.71 15.63
CA THR A 165 -20.10 -13.31 16.95
C THR A 165 -20.05 -12.23 18.01
N ALA A 166 -20.66 -12.52 19.17
CA ALA A 166 -20.63 -11.59 20.28
C ALA A 166 -19.22 -11.38 20.82
N ARG A 167 -18.36 -12.39 20.66
CA ARG A 167 -17.00 -12.27 21.17
C ARG A 167 -16.25 -11.12 20.50
N ARG A 168 -16.52 -10.89 19.23
CA ARG A 168 -15.82 -9.87 18.46
C ARG A 168 -16.65 -8.61 18.24
N SER A 169 -17.87 -8.56 18.75
CA SER A 169 -18.77 -7.44 18.51
C SER A 169 -18.79 -6.50 19.70
N ASN A 170 -19.37 -5.33 19.48
CA ASN A 170 -19.46 -4.32 20.52
C ASN A 170 -20.59 -3.36 20.15
N GLY A 171 -20.63 -2.21 20.80
CA GLY A 171 -21.54 -1.15 20.44
C GLY A 171 -20.98 0.21 20.77
N ASP A 172 -21.82 1.24 20.79
CA ASP A 172 -21.35 2.57 21.15
C ASP A 172 -20.68 2.52 22.51
N GLY A 173 -19.51 3.14 22.63
CA GLY A 173 -18.80 3.15 23.89
C GLY A 173 -18.01 4.42 24.08
N VAL A 174 -17.60 4.64 25.33
CA VAL A 174 -16.82 5.81 25.71
C VAL A 174 -15.81 5.37 26.75
N GLY A 175 -14.74 6.15 26.88
CA GLY A 175 -13.73 5.83 27.87
C GLY A 175 -12.75 6.98 28.04
N GLY A 176 -12.01 6.91 29.14
CA GLY A 176 -11.02 7.91 29.46
C GLY A 176 -9.89 7.28 30.24
N SER A 177 -8.76 7.98 30.25
CA SER A 177 -7.57 7.48 30.92
C SER A 177 -6.70 8.66 31.33
N ILE A 178 -6.06 8.54 32.49
CA ILE A 178 -5.17 9.56 33.02
C ILE A 178 -3.89 8.89 33.48
N SER A 179 -2.76 9.58 33.28
CA SER A 179 -1.45 9.03 33.61
C SER A 179 -0.58 10.17 34.16
N TYR A 180 -0.09 9.99 35.37
CA TYR A 180 0.84 10.93 36.01
C TYR A 180 2.18 10.25 36.21
N GLU A 181 3.22 10.79 35.56
CA GLU A 181 4.59 10.33 35.70
C GLU A 181 5.37 11.36 36.49
N TYR A 182 5.94 10.95 37.61
CA TYR A 182 6.70 11.85 38.47
C TYR A 182 7.95 11.15 38.97
N GLU A 183 9.11 11.69 38.61
CA GLU A 183 10.38 11.27 39.20
C GLU A 183 10.67 9.78 38.98
N GLY A 184 10.12 9.23 37.90
CA GLY A 184 10.31 7.83 37.61
C GLY A 184 9.07 7.01 37.91
N PHE A 185 8.40 7.33 39.02
CA PHE A 185 7.16 6.67 39.36
C PHE A 185 6.09 7.00 38.33
N GLY A 186 5.14 6.08 38.17
CA GLY A 186 4.04 6.29 37.26
C GLY A 186 2.73 5.74 37.79
N ILE A 187 1.65 6.50 37.60
CA ILE A 187 0.32 6.10 38.06
C ILE A 187 -0.64 6.31 36.91
N VAL A 188 -1.64 5.45 36.81
CA VAL A 188 -2.61 5.54 35.73
C VAL A 188 -3.96 5.04 36.22
N GLY A 189 -5.01 5.57 35.61
CA GLY A 189 -6.37 5.13 35.86
C GLY A 189 -7.21 5.26 34.60
N ALA A 190 -7.91 4.19 34.24
CA ALA A 190 -8.71 4.18 33.02
C ALA A 190 -10.08 3.59 33.29
N TYR A 191 -11.07 4.08 32.55
CA TYR A 191 -12.46 3.65 32.67
C TYR A 191 -13.09 3.62 31.29
N GLY A 192 -13.88 2.58 31.03
CA GLY A 192 -14.60 2.46 29.79
C GLY A 192 -15.98 1.85 29.98
N ALA A 193 -16.98 2.33 29.25
CA ALA A 193 -18.33 1.83 29.36
C ALA A 193 -18.98 1.84 27.98
N ALA A 194 -19.74 0.79 27.69
CA ALA A 194 -20.38 0.66 26.38
C ALA A 194 -21.63 -0.19 26.52
N ASP A 195 -22.40 -0.27 25.45
CA ASP A 195 -23.63 -1.05 25.43
C ASP A 195 -23.41 -2.34 24.66
N ARG A 196 -23.91 -3.44 25.20
CA ARG A 196 -23.79 -4.73 24.54
C ARG A 196 -24.88 -4.88 23.49
N THR A 197 -24.54 -5.51 22.38
CA THR A 197 -25.52 -5.72 21.33
C THR A 197 -26.47 -6.86 21.70
N ASN A 198 -27.55 -6.97 20.93
CA ASN A 198 -28.53 -8.02 21.18
C ASN A 198 -27.90 -9.39 21.10
N LEU A 199 -27.01 -9.59 20.12
CA LEU A 199 -26.35 -10.88 19.98
C LEU A 199 -25.62 -11.26 21.25
N GLN A 200 -25.00 -10.28 21.91
CA GLN A 200 -24.27 -10.55 23.13
C GLN A 200 -25.22 -11.00 24.24
N GLU A 201 -26.34 -10.31 24.39
CA GLU A 201 -27.30 -10.68 25.42
C GLU A 201 -27.86 -12.07 25.16
N ALA A 202 -28.07 -12.42 23.89
CA ALA A 202 -28.63 -13.73 23.57
C ALA A 202 -27.74 -14.87 24.04
N GLN A 203 -26.46 -14.62 24.24
CA GLN A 203 -25.56 -15.67 24.69
C GLN A 203 -26.03 -16.25 26.02
N PRO A 204 -25.81 -17.55 26.24
CA PRO A 204 -26.29 -18.14 27.50
C PRO A 204 -25.66 -17.50 28.72
N LEU A 205 -24.37 -17.23 28.67
CA LEU A 205 -23.67 -16.57 29.76
C LEU A 205 -23.74 -15.06 29.57
N GLY A 206 -23.57 -14.33 30.67
CA GLY A 206 -23.64 -12.89 30.61
C GLY A 206 -25.04 -12.37 30.83
N ASN A 207 -25.17 -11.25 31.53
CA ASN A 207 -26.46 -10.64 31.79
C ASN A 207 -26.26 -9.15 32.00
N GLY A 208 -27.14 -8.37 31.40
CA GLY A 208 -27.04 -6.92 31.42
C GLY A 208 -26.56 -6.37 30.09
N LYS A 209 -26.69 -5.04 29.98
CA LYS A 209 -26.36 -4.32 28.76
C LYS A 209 -25.09 -3.49 28.88
N LYS A 210 -24.91 -2.82 30.01
CA LYS A 210 -23.75 -1.95 30.21
C LYS A 210 -22.51 -2.80 30.46
N ALA A 211 -21.69 -2.96 29.41
CA ALA A 211 -20.41 -3.63 29.54
C ALA A 211 -19.39 -2.60 30.01
N GLU A 212 -18.81 -2.83 31.17
CA GLU A 212 -17.98 -1.85 31.85
C GLU A 212 -16.63 -2.44 32.18
N GLN A 213 -15.58 -1.65 31.99
CA GLN A 213 -14.23 -2.03 32.35
C GLN A 213 -13.59 -0.85 33.06
N TRP A 214 -12.71 -1.14 34.01
CA TRP A 214 -11.89 -0.06 34.56
C TRP A 214 -10.69 -0.67 35.24
N ALA A 215 -9.65 0.15 35.37
CA ALA A 215 -8.36 -0.37 35.78
C ALA A 215 -7.52 0.73 36.39
N THR A 216 -6.60 0.33 37.26
CA THR A 216 -5.68 1.23 37.93
C THR A 216 -4.31 0.60 37.85
N GLY A 217 -3.31 1.40 37.54
CA GLY A 217 -1.97 0.90 37.32
C GLY A 217 -0.93 1.73 38.03
N LEU A 218 0.10 1.05 38.54
CA LEU A 218 1.19 1.71 39.22
C LEU A 218 2.49 1.10 38.71
N LYS A 219 3.54 1.90 38.70
CA LYS A 219 4.82 1.38 38.23
C LYS A 219 5.96 2.25 38.72
N TYR A 220 7.15 1.68 38.67
CA TYR A 220 8.40 2.41 38.89
C TYR A 220 9.44 1.82 37.96
N ASP A 221 10.04 2.67 37.12
CA ASP A 221 11.02 2.22 36.14
C ASP A 221 12.25 3.11 36.25
N ALA A 222 13.39 2.51 36.58
CA ALA A 222 14.65 3.24 36.67
C ALA A 222 15.73 2.26 37.08
N ASN A 223 16.98 2.68 36.92
CA ASN A 223 18.14 1.94 37.43
C ASN A 223 18.14 0.50 36.92
N ASN A 224 17.65 0.29 35.71
CA ASN A 224 17.56 -1.03 35.09
C ASN A 224 16.53 -1.91 35.79
N ILE A 225 15.47 -1.29 36.28
CA ILE A 225 14.43 -1.97 37.05
C ILE A 225 13.08 -1.51 36.53
N TYR A 226 12.09 -2.40 36.65
CA TYR A 226 10.73 -2.13 36.21
C TYR A 226 9.77 -2.90 37.11
N LEU A 227 9.04 -2.18 37.94
CA LEU A 227 8.00 -2.73 38.81
C LEU A 227 6.65 -2.23 38.32
N ALA A 228 5.64 -3.09 38.40
CA ALA A 228 4.32 -2.71 37.91
C ALA A 228 3.25 -3.54 38.61
N ALA A 229 2.10 -2.90 38.83
CA ALA A 229 0.97 -3.52 39.53
C ALA A 229 -0.31 -2.91 38.99
N ASN A 230 -1.09 -3.72 38.25
CA ASN A 230 -2.37 -3.30 37.70
C ASN A 230 -3.52 -4.09 38.31
N TYR A 231 -4.51 -3.38 38.85
CA TYR A 231 -5.72 -3.97 39.40
C TYR A 231 -6.90 -3.46 38.58
N GLY A 232 -7.65 -4.37 37.99
CA GLY A 232 -8.77 -4.00 37.13
C GLY A 232 -10.02 -4.78 37.45
N GLU A 233 -11.16 -4.09 37.36
CA GLU A 233 -12.46 -4.72 37.60
C GLU A 233 -13.37 -4.44 36.41
N THR A 234 -14.17 -5.43 36.05
CA THR A 234 -15.05 -5.31 34.90
C THR A 234 -16.37 -6.02 35.15
N ARG A 235 -17.39 -5.60 34.41
CA ARG A 235 -18.71 -6.21 34.41
C ARG A 235 -19.10 -6.50 32.98
N ASN A 236 -19.59 -7.71 32.73
CA ASN A 236 -20.12 -8.09 31.42
C ASN A 236 -19.16 -7.71 30.30
N ALA A 237 -17.87 -7.91 30.54
CA ALA A 237 -16.86 -7.51 29.57
C ALA A 237 -15.92 -8.64 29.20
N THR A 238 -15.61 -9.51 30.15
CA THR A 238 -14.60 -10.52 29.86
C THR A 238 -15.22 -11.75 29.23
N PRO A 239 -14.62 -12.29 28.17
CA PRO A 239 -15.15 -13.50 27.55
C PRO A 239 -14.76 -14.76 28.30
N ILE A 240 -15.64 -15.76 28.23
CA ILE A 240 -15.45 -17.01 28.94
C ILE A 240 -16.04 -18.14 28.10
N THR A 241 -15.38 -19.28 28.11
CA THR A 241 -15.78 -20.45 27.34
C THR A 241 -15.77 -21.67 28.25
N ASN A 242 -16.78 -22.53 28.07
CA ASN A 242 -16.94 -23.74 28.87
C ASN A 242 -16.81 -24.93 27.94
N LYS A 243 -15.70 -25.67 28.10
CA LYS A 243 -15.48 -26.89 27.33
C LYS A 243 -16.52 -27.95 27.70
N PHE A 244 -16.84 -28.05 28.99
CA PHE A 244 -17.81 -29.05 29.42
C PHE A 244 -19.15 -28.83 28.73
N THR A 245 -19.57 -27.58 28.64
CA THR A 245 -20.81 -27.22 27.95
C THR A 245 -20.56 -26.86 26.50
N ASN A 246 -19.30 -26.60 26.14
CA ASN A 246 -18.95 -26.14 24.80
C ASN A 246 -19.75 -24.89 24.44
N THR A 247 -19.91 -24.01 25.43
CA THR A 247 -20.68 -22.78 25.25
C THR A 247 -19.88 -21.61 25.80
N SER A 248 -20.02 -20.46 25.15
CA SER A 248 -19.26 -19.28 25.53
C SER A 248 -20.20 -18.13 25.88
N GLY A 249 -19.57 -17.01 26.23
CA GLY A 249 -20.30 -15.80 26.58
C GLY A 249 -19.36 -14.85 27.32
N PHE A 250 -19.96 -14.01 28.16
CA PHE A 250 -19.19 -13.03 28.91
C PHE A 250 -19.40 -13.22 30.40
N ALA A 251 -18.54 -12.57 31.17
CA ALA A 251 -18.50 -12.71 32.62
C ALA A 251 -19.32 -11.60 33.28
N ASN A 252 -20.28 -11.99 34.12
CA ASN A 252 -21.07 -11.01 34.84
C ASN A 252 -20.17 -10.08 35.66
N LYS A 253 -19.14 -10.63 36.29
CA LYS A 253 -18.20 -9.79 37.04
C LYS A 253 -16.82 -10.41 36.95
N THR A 254 -15.79 -9.56 36.99
CA THR A 254 -14.42 -10.05 36.93
C THR A 254 -13.50 -9.10 37.68
N GLN A 255 -12.58 -9.69 38.44
CA GLN A 255 -11.47 -8.98 39.05
C GLN A 255 -10.16 -9.54 38.50
N ASP A 256 -9.22 -8.66 38.18
CA ASP A 256 -7.95 -9.06 37.59
C ASP A 256 -6.83 -8.33 38.32
N VAL A 257 -5.77 -9.07 38.61
CA VAL A 257 -4.60 -8.56 39.31
C VAL A 257 -3.36 -8.99 38.55
N LEU A 258 -2.49 -8.04 38.26
CA LEU A 258 -1.25 -8.29 37.53
C LEU A 258 -0.11 -7.62 38.27
N LEU A 259 1.01 -8.32 38.37
CA LEU A 259 2.19 -7.82 39.06
C LEU A 259 3.42 -8.24 38.28
N VAL A 260 4.34 -7.33 38.06
CA VAL A 260 5.54 -7.59 37.28
C VAL A 260 6.74 -6.96 37.96
N ALA A 261 7.86 -7.66 37.91
CA ALA A 261 9.12 -7.18 38.46
C ALA A 261 10.23 -7.68 37.54
N GLN A 262 10.88 -6.77 36.85
CA GLN A 262 11.94 -7.10 35.92
C GLN A 262 13.19 -6.29 36.26
N TYR A 263 14.32 -6.98 36.26
CA TYR A 263 15.62 -6.34 36.40
C TYR A 263 16.39 -6.47 35.09
N GLN A 264 17.23 -5.49 34.82
CA GLN A 264 18.02 -5.46 33.59
C GLN A 264 19.48 -5.32 33.96
N PHE A 265 20.33 -5.96 33.18
CA PHE A 265 21.77 -5.93 33.40
C PHE A 265 22.45 -5.23 32.22
N ASP A 266 23.66 -4.73 32.48
CA ASP A 266 24.42 -4.07 31.44
C ASP A 266 24.76 -5.03 30.32
N PHE A 267 25.01 -6.29 30.64
CA PHE A 267 25.45 -7.28 29.66
C PHE A 267 24.25 -7.98 29.01
N GLY A 268 23.37 -7.16 28.44
CA GLY A 268 22.28 -7.67 27.62
C GLY A 268 21.45 -8.78 28.24
N LEU A 269 21.06 -8.64 29.50
CA LEU A 269 20.22 -9.62 30.17
C LEU A 269 19.06 -8.92 30.86
N ARG A 270 17.94 -9.62 30.98
CA ARG A 270 16.74 -9.07 31.60
C ARG A 270 15.92 -10.20 32.20
N PRO A 271 16.20 -10.58 33.44
CA PRO A 271 15.32 -11.53 34.13
C PRO A 271 14.00 -10.87 34.50
N SER A 272 12.94 -11.67 34.49
CA SER A 272 11.60 -11.16 34.73
C SER A 272 10.83 -12.10 35.64
N ILE A 273 9.90 -11.53 36.39
CA ILE A 273 8.99 -12.27 37.25
C ILE A 273 7.61 -11.64 37.11
N ALA A 274 6.58 -12.47 37.09
CA ALA A 274 5.23 -11.95 36.93
C ALA A 274 4.24 -12.85 37.67
N TYR A 275 3.39 -12.22 38.47
CA TYR A 275 2.22 -12.87 39.05
C TYR A 275 0.97 -12.36 38.35
N THR A 276 -0.03 -13.22 38.26
CA THR A 276 -1.25 -12.90 37.54
C THR A 276 -2.42 -13.65 38.18
N LYS A 277 -3.60 -13.06 38.05
CA LYS A 277 -4.80 -13.72 38.53
C LYS A 277 -6.02 -13.03 37.94
N SER A 278 -7.05 -13.83 37.68
CA SER A 278 -8.32 -13.31 37.21
C SER A 278 -9.42 -14.20 37.78
N LYS A 279 -10.36 -13.59 38.50
CA LYS A 279 -11.46 -14.31 39.13
C LYS A 279 -12.77 -13.76 38.59
N ALA A 280 -13.59 -14.66 38.06
CA ALA A 280 -14.92 -14.31 37.59
C ALA A 280 -15.92 -14.58 38.70
N LYS A 281 -16.91 -13.69 38.80
CA LYS A 281 -17.94 -13.75 39.82
C LYS A 281 -19.31 -13.61 39.17
N ASP A 282 -20.32 -14.13 39.87
CA ASP A 282 -21.70 -14.12 39.42
C ASP A 282 -21.83 -14.78 38.05
N VAL A 283 -21.06 -15.84 37.84
CA VAL A 283 -21.16 -16.59 36.60
C VAL A 283 -22.45 -17.40 36.61
N GLU A 284 -23.05 -17.56 35.42
CA GLU A 284 -24.33 -18.23 35.29
C GLU A 284 -24.12 -19.73 35.46
N GLY A 285 -24.45 -20.24 36.64
CA GLY A 285 -24.38 -21.65 36.93
C GLY A 285 -23.03 -22.14 37.43
N ILE A 286 -22.03 -21.27 37.51
CA ILE A 286 -20.70 -21.66 37.97
C ILE A 286 -20.26 -20.84 39.17
N GLY A 287 -21.12 -20.01 39.72
CA GLY A 287 -20.73 -19.20 40.87
C GLY A 287 -19.49 -18.38 40.57
N ASP A 288 -18.51 -18.47 41.47
CA ASP A 288 -17.25 -17.78 41.34
C ASP A 288 -16.16 -18.78 40.99
N VAL A 289 -15.26 -18.40 40.08
CA VAL A 289 -14.22 -19.30 39.58
C VAL A 289 -13.00 -18.48 39.21
N ASP A 290 -11.87 -19.15 39.09
CA ASP A 290 -10.63 -18.52 38.67
C ASP A 290 -10.34 -18.90 37.22
N LEU A 291 -10.21 -17.89 36.36
CA LEU A 291 -9.89 -18.15 34.96
C LEU A 291 -8.40 -18.43 34.79
N VAL A 292 -7.56 -17.64 35.43
CA VAL A 292 -6.11 -17.77 35.32
C VAL A 292 -5.48 -17.44 36.67
N ASN A 293 -4.50 -18.25 37.07
CA ASN A 293 -3.80 -18.04 38.32
C ASN A 293 -2.45 -18.74 38.17
N TYR A 294 -1.41 -17.97 37.91
CA TYR A 294 -0.12 -18.55 37.58
C TYR A 294 1.00 -17.60 37.95
N PHE A 295 2.21 -18.16 38.03
CA PHE A 295 3.43 -17.38 38.13
C PHE A 295 4.15 -17.43 36.79
N GLU A 296 4.98 -16.42 36.56
CA GLU A 296 5.92 -16.43 35.45
C GLU A 296 7.33 -16.43 36.02
N VAL A 297 8.24 -17.12 35.32
CA VAL A 297 9.66 -17.00 35.59
C VAL A 297 10.35 -17.08 34.24
N GLY A 298 11.00 -16.00 33.83
CA GLY A 298 11.59 -15.98 32.51
C GLY A 298 12.77 -15.05 32.42
N ALA A 299 13.29 -14.91 31.22
CA ALA A 299 14.49 -14.10 31.00
C ALA A 299 14.54 -13.71 29.53
N THR A 300 15.38 -12.73 29.25
CA THR A 300 15.57 -12.21 27.90
C THR A 300 16.99 -11.70 27.78
N TYR A 301 17.70 -12.21 26.78
CA TYR A 301 19.02 -11.70 26.43
C TYR A 301 18.87 -10.77 25.24
N TYR A 302 19.34 -9.55 25.40
CA TYR A 302 19.29 -8.55 24.33
C TYR A 302 20.69 -8.44 23.75
N PHE A 303 20.93 -9.19 22.67
CA PHE A 303 22.17 -9.01 21.93
C PHE A 303 22.30 -7.57 21.46
N ASN A 304 21.20 -6.99 21.03
CA ASN A 304 21.10 -5.58 20.66
C ASN A 304 19.63 -5.26 20.53
N LYS A 305 19.32 -4.03 20.13
CA LYS A 305 17.93 -3.66 19.95
C LYS A 305 17.28 -4.49 18.86
N ASN A 306 18.04 -4.85 17.82
CA ASN A 306 17.49 -5.53 16.66
C ASN A 306 17.50 -7.04 16.79
N MET A 307 18.13 -7.61 17.83
CA MET A 307 18.25 -9.05 17.97
C MET A 307 18.07 -9.41 19.44
N SER A 308 17.26 -10.43 19.71
CA SER A 308 17.02 -10.82 21.09
C SER A 308 16.63 -12.28 21.17
N THR A 309 16.79 -12.85 22.36
CA THR A 309 16.38 -14.22 22.66
C THR A 309 15.66 -14.19 24.01
N TYR A 310 14.73 -15.12 24.21
CA TYR A 310 14.00 -15.09 25.47
C TYR A 310 13.38 -16.44 25.79
N VAL A 311 13.04 -16.59 27.07
CA VAL A 311 12.45 -17.81 27.61
C VAL A 311 11.42 -17.39 28.66
N ASP A 312 10.34 -18.17 28.75
CA ASP A 312 9.32 -17.91 29.75
C ASP A 312 8.75 -19.24 30.24
N TYR A 313 8.75 -19.45 31.55
CA TYR A 313 8.23 -20.65 32.17
C TYR A 313 7.00 -20.26 32.99
N ILE A 314 5.86 -20.82 32.63
CA ILE A 314 4.57 -20.45 33.21
C ILE A 314 4.19 -21.56 34.18
N ILE A 315 4.16 -21.21 35.47
CA ILE A 315 3.76 -22.12 36.54
C ILE A 315 2.27 -21.89 36.74
N ASN A 316 1.46 -22.69 36.05
CA ASN A 316 0.01 -22.63 36.17
C ASN A 316 -0.42 -23.22 37.51
N GLN A 317 -0.97 -22.39 38.38
CA GLN A 317 -1.50 -22.83 39.66
C GLN A 317 -2.94 -23.30 39.57
N ILE A 318 -3.55 -23.19 38.38
CA ILE A 318 -4.94 -23.60 38.22
C ILE A 318 -5.09 -25.08 38.55
N ASP A 319 -6.17 -25.40 39.26
CA ASP A 319 -6.46 -26.78 39.62
C ASP A 319 -7.27 -27.45 38.50
N SER A 320 -7.15 -28.77 38.43
CA SER A 320 -7.87 -29.52 37.39
C SER A 320 -9.38 -29.46 37.57
N ASP A 321 -9.87 -29.43 38.81
CA ASP A 321 -11.30 -29.47 39.05
C ASP A 321 -12.02 -28.20 38.62
N ASN A 322 -11.31 -27.23 38.02
CA ASN A 322 -11.96 -26.01 37.56
C ASN A 322 -13.20 -26.32 36.75
N LYS A 323 -14.24 -25.53 36.97
CA LYS A 323 -15.58 -25.79 36.45
C LYS A 323 -15.78 -25.19 35.06
N LEU A 324 -14.71 -24.91 34.34
CA LEU A 324 -14.82 -24.37 32.99
C LEU A 324 -13.93 -25.10 31.98
N GLY A 325 -13.13 -26.06 32.41
CA GLY A 325 -12.23 -26.75 31.52
C GLY A 325 -10.95 -26.02 31.23
N VAL A 326 -10.62 -24.98 31.99
CA VAL A 326 -9.41 -24.22 31.77
C VAL A 326 -8.21 -25.12 32.04
N GLY A 327 -7.15 -24.93 31.26
CA GLY A 327 -5.97 -25.77 31.41
C GLY A 327 -5.35 -25.62 32.78
N SER A 328 -5.09 -26.76 33.43
CA SER A 328 -4.47 -26.80 34.75
C SER A 328 -3.02 -27.26 34.68
N ASP A 329 -2.37 -27.11 33.53
CA ASP A 329 -1.01 -27.59 33.34
C ASP A 329 -0.06 -26.41 33.18
N ASP A 330 1.21 -26.67 33.45
CA ASP A 330 2.27 -25.69 33.29
C ASP A 330 2.58 -25.51 31.81
N THR A 331 3.54 -24.64 31.50
CA THR A 331 3.95 -24.47 30.11
C THR A 331 5.28 -23.77 30.07
N VAL A 332 5.95 -23.83 28.91
CA VAL A 332 7.16 -23.08 28.70
C VAL A 332 7.22 -22.65 27.25
N ALA A 333 7.88 -21.52 27.00
CA ALA A 333 8.04 -20.99 25.67
C ALA A 333 9.46 -20.49 25.50
N VAL A 334 10.03 -20.75 24.32
CA VAL A 334 11.38 -20.31 23.99
C VAL A 334 11.33 -19.62 22.64
N GLY A 335 11.89 -18.43 22.55
CA GLY A 335 11.77 -17.62 21.36
C GLY A 335 13.06 -16.92 21.01
N ILE A 336 13.21 -16.64 19.72
CA ILE A 336 14.33 -15.90 19.17
C ILE A 336 13.74 -14.87 18.22
N VAL A 337 14.29 -13.66 18.22
CA VAL A 337 13.67 -12.53 17.55
C VAL A 337 14.73 -11.74 16.80
N TYR A 338 14.44 -11.40 15.55
CA TYR A 338 15.13 -10.36 14.82
C TYR A 338 14.13 -9.28 14.49
N GLN A 339 14.53 -8.01 14.60
CA GLN A 339 13.62 -6.91 14.33
C GLN A 339 14.40 -5.68 13.91
N PHE A 340 13.91 -5.00 12.88
CA PHE A 340 14.53 -3.80 12.37
C PHE A 340 13.69 -2.57 12.72
N ALA B 1 16.58 -5.20 -2.57
CA ALA B 1 17.60 -4.11 -2.49
C ALA B 1 17.88 -3.74 -1.05
N GLU B 2 19.10 -3.28 -0.78
CA GLU B 2 19.49 -2.86 0.56
C GLU B 2 18.98 -1.44 0.77
N ILE B 3 18.04 -1.29 1.70
CA ILE B 3 17.42 0.01 1.92
C ILE B 3 17.95 0.67 3.18
N TYR B 4 18.27 -0.12 4.20
CA TYR B 4 18.76 0.37 5.47
C TYR B 4 20.00 -0.41 5.85
N ASN B 5 21.14 0.29 5.94
CA ASN B 5 22.40 -0.33 6.36
C ASN B 5 23.05 0.65 7.32
N LYS B 6 22.64 0.57 8.59
CA LYS B 6 23.09 1.52 9.61
C LYS B 6 23.13 0.83 10.96
N ASP B 7 23.88 1.43 11.88
CA ASP B 7 23.96 0.96 13.26
C ASP B 7 24.34 -0.52 13.32
N GLY B 8 25.25 -0.93 12.44
CA GLY B 8 25.63 -2.32 12.38
C GLY B 8 24.50 -3.24 12.03
N ASN B 9 23.48 -2.72 11.35
CA ASN B 9 22.33 -3.48 10.91
C ASN B 9 22.08 -3.16 9.45
N LYS B 10 21.71 -4.17 8.67
CA LYS B 10 21.51 -4.01 7.24
C LYS B 10 20.25 -4.76 6.86
N VAL B 11 19.41 -4.11 6.06
CA VAL B 11 18.13 -4.68 5.63
C VAL B 11 18.09 -4.69 4.11
N ASP B 12 17.71 -5.83 3.56
CA ASP B 12 17.59 -6.07 2.13
C ASP B 12 16.13 -6.47 1.88
N LEU B 13 15.32 -5.50 1.45
CA LEU B 13 13.97 -5.80 1.02
C LEU B 13 14.05 -6.37 -0.39
N TYR B 14 13.48 -7.56 -0.58
CA TYR B 14 13.49 -8.23 -1.87
C TYR B 14 12.07 -8.59 -2.23
N GLY B 15 11.62 -8.12 -3.38
CA GLY B 15 10.28 -8.40 -3.84
C GLY B 15 10.25 -8.33 -5.35
N LYS B 16 9.28 -9.03 -5.91
CA LYS B 16 9.20 -9.15 -7.36
C LYS B 16 7.76 -9.33 -7.77
N ALA B 17 7.53 -9.10 -9.06
CA ALA B 17 6.25 -9.28 -9.70
C ALA B 17 6.47 -10.09 -10.97
N VAL B 18 5.52 -10.95 -11.27
CA VAL B 18 5.66 -11.93 -12.34
C VAL B 18 4.34 -11.95 -13.11
N GLY B 19 4.39 -11.50 -14.35
CA GLY B 19 3.27 -11.68 -15.26
C GLY B 19 3.47 -12.97 -16.01
N LEU B 20 2.59 -13.93 -15.78
CA LEU B 20 2.81 -15.30 -16.19
C LEU B 20 1.56 -15.82 -16.88
N HIS B 21 1.76 -16.76 -17.80
CA HIS B 21 0.62 -17.46 -18.36
C HIS B 21 1.04 -18.86 -18.77
N TYR B 22 0.09 -19.78 -18.66
CA TYR B 22 0.26 -21.17 -19.00
C TYR B 22 -0.67 -21.52 -20.14
N PHE B 23 -0.12 -22.08 -21.22
CA PHE B 23 -0.91 -22.50 -22.36
C PHE B 23 -0.85 -24.02 -22.46
N SER B 24 -1.97 -24.61 -22.85
CA SER B 24 -2.11 -26.05 -22.94
C SER B 24 -3.34 -26.35 -23.80
N LYS B 25 -3.34 -27.54 -24.39
CA LYS B 25 -4.48 -27.97 -25.18
C LYS B 25 -5.68 -28.23 -24.26
N GLY B 26 -6.85 -27.84 -24.74
CA GLY B 26 -8.06 -28.04 -23.96
C GLY B 26 -8.18 -27.05 -22.82
N ASN B 27 -9.09 -27.39 -21.89
CA ASN B 27 -9.33 -26.53 -20.74
C ASN B 27 -8.12 -26.43 -19.84
N GLY B 28 -7.28 -27.46 -19.82
CA GLY B 28 -6.10 -27.50 -18.97
C GLY B 28 -6.21 -28.42 -17.78
N GLU B 29 -7.21 -29.29 -17.74
CA GLU B 29 -7.31 -30.24 -16.63
C GLU B 29 -6.19 -31.27 -16.73
N ASN B 30 -5.90 -31.74 -17.93
CA ASN B 30 -4.89 -32.77 -18.13
C ASN B 30 -3.50 -32.21 -18.34
N SER B 31 -3.36 -30.89 -18.44
CA SER B 31 -2.06 -30.27 -18.61
C SER B 31 -1.20 -30.53 -17.38
N TYR B 32 0.10 -30.69 -17.61
CA TYR B 32 1.03 -30.92 -16.52
C TYR B 32 0.87 -29.87 -15.44
N GLY B 33 1.03 -28.60 -15.81
CA GLY B 33 0.99 -27.52 -14.85
C GLY B 33 -0.40 -26.94 -14.69
N GLY B 34 -1.06 -26.68 -15.80
CA GLY B 34 -2.39 -26.08 -15.78
C GLY B 34 -2.58 -25.22 -17.02
N ASN B 35 -3.38 -24.17 -16.85
CA ASN B 35 -3.66 -23.24 -17.95
C ASN B 35 -4.27 -21.97 -17.38
N GLY B 36 -3.99 -20.86 -18.05
CA GLY B 36 -4.53 -19.57 -17.69
C GLY B 36 -3.46 -18.63 -17.17
N ASP B 37 -3.92 -17.62 -16.42
CA ASP B 37 -3.04 -16.61 -15.87
C ASP B 37 -2.55 -17.05 -14.50
N MET B 38 -1.24 -17.06 -14.31
CA MET B 38 -0.62 -17.45 -13.05
C MET B 38 0.29 -16.35 -12.52
N THR B 39 -0.05 -15.10 -12.77
CA THR B 39 0.76 -13.98 -12.33
C THR B 39 0.80 -13.92 -10.81
N TYR B 40 1.98 -13.62 -10.26
CA TYR B 40 2.12 -13.58 -8.81
C TYR B 40 3.23 -12.61 -8.43
N ALA B 41 3.09 -12.05 -7.23
CA ALA B 41 4.08 -11.13 -6.68
C ALA B 41 4.51 -11.62 -5.31
N ARG B 42 5.81 -11.59 -5.06
CA ARG B 42 6.36 -12.02 -3.78
C ARG B 42 7.02 -10.83 -3.11
N LEU B 43 6.86 -10.75 -1.80
CA LEU B 43 7.48 -9.70 -1.00
C LEU B 43 8.19 -10.31 0.19
N GLY B 44 9.36 -9.79 0.53
CA GLY B 44 10.09 -10.34 1.64
C GLY B 44 11.18 -9.41 2.10
N PHE B 45 11.65 -9.65 3.32
CA PHE B 45 12.71 -8.86 3.91
C PHE B 45 13.73 -9.77 4.56
N LYS B 46 15.00 -9.47 4.32
CA LYS B 46 16.11 -10.11 4.98
C LYS B 46 16.86 -9.07 5.78
N GLY B 47 17.37 -9.47 6.93
CA GLY B 47 18.06 -8.53 7.79
C GLY B 47 19.20 -9.18 8.53
N GLU B 48 20.31 -8.47 8.64
CA GLU B 48 21.46 -8.95 9.39
C GLU B 48 21.94 -7.85 10.32
N THR B 49 22.69 -8.25 11.33
CA THR B 49 23.28 -7.29 12.26
C THR B 49 24.44 -7.96 12.97
N GLN B 50 25.62 -7.35 12.86
CA GLN B 50 26.82 -7.86 13.51
C GLN B 50 26.82 -7.41 14.96
N ILE B 51 26.33 -8.28 15.85
CA ILE B 51 26.35 -7.97 17.27
C ILE B 51 27.79 -7.79 17.73
N ASN B 52 28.66 -8.69 17.31
CA ASN B 52 30.08 -8.63 17.57
C ASN B 52 30.82 -8.94 16.27
N SER B 53 32.15 -8.76 16.30
CA SER B 53 32.94 -9.11 15.15
C SER B 53 32.72 -10.56 14.75
N ASP B 54 32.63 -11.44 15.73
CA ASP B 54 32.50 -12.87 15.50
C ASP B 54 31.06 -13.37 15.53
N LEU B 55 30.10 -12.51 15.83
CA LEU B 55 28.70 -12.92 15.99
C LEU B 55 27.77 -11.97 15.25
N THR B 56 26.94 -12.53 14.37
CA THR B 56 25.91 -11.78 13.68
C THR B 56 24.59 -12.53 13.75
N GLY B 57 23.51 -11.77 13.77
CA GLY B 57 22.17 -12.34 13.81
C GLY B 57 21.40 -11.96 12.56
N TYR B 58 20.61 -12.90 12.05
CA TYR B 58 19.87 -12.71 10.81
C TYR B 58 18.42 -13.16 10.95
N GLY B 59 17.54 -12.45 10.25
CA GLY B 59 16.14 -12.80 10.17
C GLY B 59 15.59 -12.63 8.77
N GLN B 60 14.82 -13.59 8.27
CA GLN B 60 14.30 -13.53 6.91
C GLN B 60 12.84 -13.93 6.88
N TRP B 61 12.07 -13.24 6.03
CA TRP B 61 10.65 -13.56 5.85
C TRP B 61 10.25 -13.33 4.41
N GLU B 62 9.40 -14.22 3.89
CA GLU B 62 8.90 -14.12 2.52
C GLU B 62 7.42 -14.48 2.45
N TYR B 63 6.69 -13.75 1.62
CA TYR B 63 5.27 -14.01 1.38
C TYR B 63 5.01 -13.99 -0.11
N ASN B 64 3.96 -14.70 -0.51
CA ASN B 64 3.54 -14.83 -1.90
C ASN B 64 2.08 -14.42 -2.01
N PHE B 65 1.79 -13.53 -2.95
CA PHE B 65 0.45 -13.05 -3.25
C PHE B 65 0.16 -13.40 -4.70
N GLN B 66 -1.01 -13.96 -4.96
CA GLN B 66 -1.39 -14.34 -6.32
C GLN B 66 -2.30 -13.28 -6.91
N GLY B 67 -2.04 -12.91 -8.16
CA GLY B 67 -2.85 -11.92 -8.85
C GLY B 67 -3.91 -12.51 -9.73
N ASN B 68 -3.78 -13.80 -10.04
CA ASN B 68 -4.75 -14.45 -10.90
C ASN B 68 -6.14 -14.44 -10.28
N ASN B 69 -6.20 -14.45 -8.95
CA ASN B 69 -7.48 -14.49 -8.26
C ASN B 69 -8.24 -13.17 -8.41
N SER B 70 -9.54 -13.25 -8.18
CA SER B 70 -10.42 -12.11 -8.21
C SER B 70 -10.42 -11.40 -6.86
N GLU B 71 -11.26 -10.37 -6.74
CA GLU B 71 -11.40 -9.62 -5.51
C GLU B 71 -12.54 -10.13 -4.64
N GLY B 72 -13.16 -11.24 -5.03
CA GLY B 72 -14.24 -11.82 -4.25
C GLY B 72 -13.76 -12.76 -3.17
N ALA B 73 -14.53 -13.82 -2.92
CA ALA B 73 -14.21 -14.76 -1.87
C ALA B 73 -12.91 -15.51 -2.14
N ASP B 74 -12.44 -15.55 -3.38
CA ASP B 74 -11.27 -16.33 -3.74
C ASP B 74 -9.99 -15.49 -3.79
N ALA B 75 -10.01 -14.32 -3.17
CA ALA B 75 -8.84 -13.45 -3.22
C ALA B 75 -7.62 -14.12 -2.58
N GLN B 76 -7.82 -14.78 -1.45
CA GLN B 76 -6.72 -15.35 -0.69
C GLN B 76 -6.21 -16.68 -1.24
N THR B 77 -6.88 -17.27 -2.22
CA THR B 77 -6.44 -18.56 -2.74
C THR B 77 -5.01 -18.45 -3.26
N GLY B 78 -4.14 -19.32 -2.76
CA GLY B 78 -2.76 -19.34 -3.19
C GLY B 78 -1.87 -18.30 -2.54
N ASN B 79 -2.38 -17.57 -1.55
CA ASN B 79 -1.62 -16.57 -0.85
C ASN B 79 -1.05 -17.20 0.41
N LYS B 80 0.23 -17.00 0.67
CA LYS B 80 0.85 -17.71 1.78
C LYS B 80 2.15 -17.05 2.18
N THR B 81 2.74 -17.55 3.26
CA THR B 81 4.08 -17.17 3.69
C THR B 81 5.02 -18.33 3.40
N ARG B 82 6.00 -18.09 2.52
CA ARG B 82 6.93 -19.15 2.17
C ARG B 82 7.94 -19.39 3.28
N LEU B 83 8.71 -18.38 3.64
CA LEU B 83 9.78 -18.48 4.62
C LEU B 83 9.53 -17.49 5.74
N ALA B 84 9.76 -17.93 6.99
CA ALA B 84 9.71 -17.03 8.12
C ALA B 84 10.53 -17.66 9.25
N PHE B 85 11.77 -17.19 9.42
CA PHE B 85 12.65 -17.80 10.41
C PHE B 85 13.62 -16.75 10.93
N ALA B 86 14.48 -17.18 11.85
CA ALA B 86 15.56 -16.36 12.35
C ALA B 86 16.74 -17.27 12.67
N GLY B 87 17.83 -16.67 13.13
CA GLY B 87 19.00 -17.45 13.47
C GLY B 87 20.22 -16.57 13.66
N LEU B 88 21.30 -17.21 14.10
CA LEU B 88 22.56 -16.55 14.41
C LEU B 88 23.70 -17.29 13.74
N LYS B 89 24.66 -16.53 13.23
CA LYS B 89 25.86 -17.08 12.60
C LYS B 89 27.09 -16.68 13.40
N TYR B 90 27.70 -17.67 14.07
CA TYR B 90 28.96 -17.42 14.74
C TYR B 90 30.09 -17.39 13.71
N ALA B 91 31.26 -16.91 14.15
CA ALA B 91 32.36 -16.67 13.21
C ALA B 91 32.72 -17.94 12.44
N ASP B 92 33.05 -19.01 13.16
CA ASP B 92 33.59 -20.22 12.54
C ASP B 92 32.78 -21.47 12.80
N VAL B 93 32.25 -21.62 14.02
CA VAL B 93 31.60 -22.88 14.37
C VAL B 93 30.47 -23.18 13.40
N GLY B 94 29.76 -22.14 12.97
CA GLY B 94 28.65 -22.31 12.05
C GLY B 94 27.50 -21.37 12.31
N SER B 95 26.28 -21.83 12.05
CA SER B 95 25.10 -20.99 12.17
C SER B 95 23.91 -21.87 12.52
N PHE B 96 23.01 -21.33 13.33
CA PHE B 96 21.84 -22.05 13.81
C PHE B 96 20.62 -21.18 13.62
N ASP B 97 19.56 -21.75 13.03
CA ASP B 97 18.34 -21.01 12.76
C ASP B 97 17.14 -21.87 13.10
N TYR B 98 15.99 -21.21 13.18
CA TYR B 98 14.73 -21.87 13.52
C TYR B 98 13.58 -21.08 12.90
N GLY B 99 12.55 -21.81 12.49
CA GLY B 99 11.35 -21.20 11.94
C GLY B 99 10.70 -22.02 10.85
N ARG B 100 10.36 -21.36 9.75
CA ARG B 100 9.80 -21.99 8.56
C ARG B 100 10.79 -21.76 7.43
N ASN B 101 11.48 -22.83 7.02
CA ASN B 101 12.60 -22.74 6.11
C ASN B 101 12.69 -24.02 5.28
N TYR B 102 13.63 -24.02 4.35
CA TYR B 102 13.85 -25.19 3.51
C TYR B 102 14.44 -26.33 4.31
N GLY B 103 14.04 -27.55 3.96
CA GLY B 103 14.61 -28.72 4.59
C GLY B 103 15.99 -29.05 4.03
N VAL B 104 16.79 -29.71 4.87
CA VAL B 104 18.17 -30.02 4.49
C VAL B 104 18.21 -30.71 3.13
N VAL B 105 17.25 -31.61 2.87
CA VAL B 105 17.29 -32.38 1.64
C VAL B 105 17.16 -31.46 0.44
N TYR B 106 16.45 -30.35 0.58
CA TYR B 106 16.31 -29.43 -0.54
C TYR B 106 17.67 -28.96 -1.02
N ASP B 107 18.65 -28.91 -0.12
CA ASP B 107 19.98 -28.48 -0.53
C ASP B 107 20.45 -29.32 -1.71
N ALA B 108 20.30 -30.64 -1.59
CA ALA B 108 20.68 -31.49 -2.71
C ALA B 108 19.78 -31.21 -3.89
N LEU B 109 18.49 -31.10 -3.64
CA LEU B 109 17.55 -30.87 -4.72
C LEU B 109 17.64 -29.45 -5.24
N GLY B 110 18.42 -28.59 -4.58
CA GLY B 110 18.61 -27.24 -5.09
C GLY B 110 19.33 -27.20 -6.42
N TYR B 111 20.19 -28.18 -6.67
CA TYR B 111 20.99 -28.17 -7.89
C TYR B 111 20.10 -28.22 -9.13
N THR B 112 19.09 -29.10 -9.13
CA THR B 112 18.23 -29.22 -10.30
C THR B 112 17.22 -28.10 -10.38
N ASP B 113 16.82 -27.52 -9.24
CA ASP B 113 15.79 -26.49 -9.23
C ASP B 113 16.41 -25.15 -9.64
N MET B 114 16.87 -25.10 -10.88
CA MET B 114 17.39 -23.90 -11.50
C MET B 114 16.52 -23.45 -12.67
N LEU B 115 15.39 -24.10 -12.89
CA LEU B 115 14.56 -23.81 -14.04
C LEU B 115 13.84 -22.47 -13.84
N PRO B 116 13.36 -21.86 -14.93
CA PRO B 116 12.70 -20.55 -14.78
C PRO B 116 11.43 -20.61 -13.96
N GLU B 117 10.49 -21.49 -14.32
CA GLU B 117 9.23 -21.63 -13.59
C GLU B 117 9.03 -23.03 -13.05
N PHE B 118 9.11 -24.04 -13.90
CA PHE B 118 8.94 -25.43 -13.48
C PHE B 118 10.23 -25.94 -12.85
N GLY B 119 10.24 -27.21 -12.49
CA GLY B 119 11.40 -27.83 -11.91
C GLY B 119 11.24 -28.07 -10.42
N GLY B 120 12.02 -29.02 -9.91
CA GLY B 120 11.92 -29.37 -8.51
C GLY B 120 10.56 -29.94 -8.15
N ASP B 121 9.93 -30.66 -9.07
CA ASP B 121 8.60 -31.21 -8.79
C ASP B 121 8.64 -32.17 -7.62
N THR B 122 9.71 -32.96 -7.51
CA THR B 122 9.81 -33.88 -6.37
C THR B 122 9.84 -33.12 -5.05
N ALA B 123 10.42 -31.92 -5.05
CA ALA B 123 10.55 -31.13 -3.83
C ALA B 123 9.21 -30.46 -3.53
N TYR B 124 8.27 -31.26 -3.06
CA TYR B 124 6.97 -30.76 -2.69
C TYR B 124 7.07 -29.91 -1.43
N SER B 125 6.12 -28.98 -1.28
CA SER B 125 6.10 -28.12 -0.12
C SER B 125 5.33 -28.78 1.01
N ASP B 126 5.57 -28.30 2.22
CA ASP B 126 4.97 -28.86 3.44
C ASP B 126 5.23 -30.36 3.54
N ASP B 127 6.25 -30.86 2.87
CA ASP B 127 6.70 -32.23 3.02
C ASP B 127 7.92 -32.28 3.93
N PHE B 128 8.25 -33.50 4.37
CA PHE B 128 9.09 -33.67 5.55
C PHE B 128 10.37 -32.85 5.46
N PHE B 129 11.23 -33.16 4.48
CA PHE B 129 12.51 -32.49 4.36
C PHE B 129 12.81 -31.98 2.96
N VAL B 130 11.99 -32.30 1.96
CA VAL B 130 12.35 -31.95 0.59
C VAL B 130 12.03 -30.50 0.28
N GLY B 131 10.98 -29.95 0.91
CA GLY B 131 10.53 -28.59 0.64
C GLY B 131 10.47 -27.76 1.91
N ARG B 132 10.07 -26.51 1.71
CA ARG B 132 10.04 -25.56 2.81
C ARG B 132 8.90 -25.89 3.77
N VAL B 133 9.23 -25.99 5.06
CA VAL B 133 8.27 -26.40 6.08
C VAL B 133 8.50 -25.59 7.35
N GLY B 134 7.52 -25.63 8.23
CA GLY B 134 7.54 -24.90 9.48
C GLY B 134 7.79 -25.84 10.65
N GLY B 135 8.62 -25.40 11.58
CA GLY B 135 8.94 -26.18 12.76
C GLY B 135 10.27 -26.88 12.67
N VAL B 136 11.26 -26.29 12.01
CA VAL B 136 12.57 -26.88 11.86
C VAL B 136 13.57 -26.06 12.65
N ALA B 137 14.54 -26.76 13.24
CA ALA B 137 15.70 -26.14 13.87
C ALA B 137 16.93 -26.70 13.18
N THR B 138 17.70 -25.82 12.54
CA THR B 138 18.80 -26.23 11.69
C THR B 138 20.10 -25.60 12.17
N TYR B 139 21.16 -26.39 12.14
CA TYR B 139 22.52 -25.93 12.38
C TYR B 139 23.34 -26.20 11.14
N ARG B 140 24.22 -25.27 10.81
CA ARG B 140 25.05 -25.38 9.62
C ARG B 140 26.48 -25.01 9.94
N ASN B 141 27.42 -25.73 9.35
CA ASN B 141 28.84 -25.50 9.48
C ASN B 141 29.41 -25.24 8.10
N SER B 142 30.24 -24.21 7.99
CA SER B 142 30.88 -23.81 6.75
C SER B 142 32.35 -24.21 6.81
N ASN B 143 32.78 -24.98 5.81
CA ASN B 143 34.17 -25.40 5.68
C ASN B 143 34.64 -26.18 6.90
N PHE B 144 33.72 -26.89 7.56
CA PHE B 144 34.02 -27.74 8.71
C PHE B 144 34.87 -26.98 9.73
N PHE B 145 34.30 -25.88 10.23
CA PHE B 145 34.97 -25.01 11.19
C PHE B 145 36.14 -24.26 10.57
N GLY B 146 36.10 -24.06 9.25
CA GLY B 146 37.18 -23.43 8.54
C GLY B 146 38.39 -24.30 8.35
N LEU B 147 38.27 -25.60 8.63
CA LEU B 147 39.41 -26.50 8.49
C LEU B 147 39.64 -26.85 7.02
N VAL B 148 38.60 -27.31 6.33
CA VAL B 148 38.67 -27.75 4.94
C VAL B 148 37.77 -26.86 4.12
N ASP B 149 38.34 -26.25 3.08
CA ASP B 149 37.59 -25.32 2.25
C ASP B 149 36.60 -26.06 1.37
N GLY B 150 35.39 -25.51 1.28
CA GLY B 150 34.37 -26.04 0.40
C GLY B 150 33.49 -27.13 0.97
N LEU B 151 33.73 -27.57 2.19
CA LEU B 151 32.96 -28.66 2.81
C LEU B 151 32.02 -28.06 3.84
N ASN B 152 30.75 -27.94 3.46
CA ASN B 152 29.70 -27.41 4.33
C ASN B 152 28.77 -28.54 4.72
N PHE B 153 28.52 -28.70 6.01
CA PHE B 153 27.60 -29.73 6.49
C PHE B 153 26.56 -29.13 7.42
N ALA B 154 25.37 -29.72 7.42
CA ALA B 154 24.29 -29.21 8.23
C ALA B 154 23.44 -30.35 8.76
N VAL B 155 22.67 -30.02 9.80
CA VAL B 155 21.81 -30.97 10.49
C VAL B 155 20.52 -30.24 10.86
N GLN B 156 19.42 -30.98 10.90
CA GLN B 156 18.11 -30.36 11.07
C GLN B 156 17.19 -31.27 11.86
N TYR B 157 16.52 -30.70 12.86
CA TYR B 157 15.48 -31.37 13.61
C TYR B 157 14.14 -30.79 13.20
N LEU B 158 13.12 -31.64 13.14
CA LEU B 158 11.80 -31.27 12.66
C LEU B 158 10.77 -31.52 13.76
N GLY B 159 10.27 -30.44 14.35
CA GLY B 159 9.21 -30.57 15.33
C GLY B 159 7.94 -31.09 14.70
N LYS B 160 7.21 -31.89 15.46
CA LYS B 160 5.98 -32.49 14.94
C LYS B 160 4.95 -31.42 14.63
N ASN B 161 4.19 -31.64 13.56
CA ASN B 161 3.10 -30.77 13.17
C ASN B 161 1.86 -31.61 12.99
N GLU B 162 0.85 -31.39 13.83
CA GLU B 162 -0.43 -32.10 13.76
C GLU B 162 -1.43 -31.18 13.08
N ARG B 163 -1.60 -31.34 11.78
CA ARG B 163 -2.54 -30.55 11.01
C ARG B 163 -3.78 -31.39 10.67
N ASP B 164 -4.72 -30.76 9.99
CA ASP B 164 -5.97 -31.43 9.65
C ASP B 164 -5.77 -32.53 8.63
N THR B 165 -4.83 -32.36 7.70
CA THR B 165 -4.63 -33.30 6.61
C THR B 165 -3.26 -33.94 6.71
N ALA B 166 -3.18 -35.22 6.34
CA ALA B 166 -1.91 -35.93 6.34
C ALA B 166 -0.94 -35.35 5.33
N ARG B 167 -1.46 -34.74 4.26
CA ARG B 167 -0.59 -34.17 3.23
C ARG B 167 0.29 -33.08 3.80
N ARG B 168 -0.23 -32.30 4.73
CA ARG B 168 0.48 -31.17 5.31
C ARG B 168 1.04 -31.45 6.69
N SER B 169 0.84 -32.64 7.23
CA SER B 169 1.24 -32.96 8.59
C SER B 169 2.55 -33.76 8.58
N ASN B 170 3.14 -33.88 9.76
CA ASN B 170 4.39 -34.60 9.92
C ASN B 170 4.52 -35.01 11.39
N GLY B 171 5.72 -35.39 11.80
CA GLY B 171 6.02 -35.65 13.19
C GLY B 171 7.47 -35.37 13.50
N ASP B 172 7.95 -35.85 14.64
CA ASP B 172 9.35 -35.66 14.98
C ASP B 172 10.23 -36.21 13.86
N GLY B 173 11.23 -35.43 13.46
CA GLY B 173 12.12 -35.87 12.40
C GLY B 173 13.52 -35.35 12.59
N VAL B 174 14.45 -35.96 11.85
CA VAL B 174 15.86 -35.60 11.88
C VAL B 174 16.41 -35.71 10.47
N GLY B 175 17.49 -35.00 10.22
CA GLY B 175 18.13 -35.07 8.92
C GLY B 175 19.49 -34.41 8.94
N GLY B 176 20.25 -34.73 7.88
CA GLY B 176 21.59 -34.19 7.72
C GLY B 176 21.90 -34.05 6.25
N SER B 177 22.91 -33.22 5.98
CA SER B 177 23.30 -32.96 4.60
C SER B 177 24.77 -32.54 4.57
N ILE B 178 25.47 -32.97 3.52
CA ILE B 178 26.88 -32.65 3.35
C ILE B 178 27.09 -32.19 1.91
N SER B 179 27.96 -31.21 1.73
CA SER B 179 28.22 -30.60 0.43
C SER B 179 29.70 -30.31 0.30
N TYR B 180 30.35 -30.88 -0.71
CA TYR B 180 31.75 -30.62 -1.03
C TYR B 180 31.84 -29.92 -2.37
N GLU B 181 32.37 -28.69 -2.36
CA GLU B 181 32.60 -27.92 -3.56
C GLU B 181 34.10 -27.86 -3.81
N TYR B 182 34.54 -28.33 -4.96
CA TYR B 182 35.96 -28.34 -5.31
C TYR B 182 36.13 -27.93 -6.77
N GLU B 183 36.85 -26.84 -6.99
CA GLU B 183 37.31 -26.44 -8.31
C GLU B 183 36.14 -26.23 -9.28
N GLY B 184 34.98 -25.88 -8.75
CA GLY B 184 33.81 -25.67 -9.57
C GLY B 184 32.82 -26.81 -9.46
N PHE B 185 33.34 -28.04 -9.40
CA PHE B 185 32.47 -29.19 -9.20
C PHE B 185 31.83 -29.14 -7.82
N GLY B 186 30.66 -29.76 -7.72
CA GLY B 186 29.95 -29.81 -6.45
C GLY B 186 29.25 -31.14 -6.24
N ILE B 187 29.33 -31.66 -5.02
CA ILE B 187 28.72 -32.94 -4.67
C ILE B 187 27.96 -32.73 -3.37
N VAL B 188 26.84 -33.42 -3.23
CA VAL B 188 26.01 -33.28 -2.04
C VAL B 188 25.32 -34.61 -1.75
N GLY B 189 25.03 -34.82 -0.48
CA GLY B 189 24.27 -35.96 -0.02
C GLY B 189 23.44 -35.61 1.20
N ALA B 190 22.15 -35.92 1.17
CA ALA B 190 21.25 -35.58 2.26
C ALA B 190 20.37 -36.76 2.61
N TYR B 191 20.01 -36.85 3.90
CA TYR B 191 19.18 -37.92 4.42
C TYR B 191 18.25 -37.34 5.48
N GLY B 192 17.01 -37.79 5.46
CA GLY B 192 16.03 -37.39 6.46
C GLY B 192 15.09 -38.52 6.84
N ALA B 193 14.74 -38.62 8.12
CA ALA B 193 13.86 -39.66 8.60
C ALA B 193 12.95 -39.10 9.68
N ALA B 194 11.69 -39.51 9.67
CA ALA B 194 10.72 -39.00 10.63
C ALA B 194 9.63 -40.04 10.81
N ASP B 195 8.74 -39.78 11.78
CA ASP B 195 7.64 -40.68 12.07
C ASP B 195 6.34 -40.09 11.53
N ARG B 196 5.54 -40.93 10.90
CA ARG B 196 4.25 -40.49 10.36
C ARG B 196 3.22 -40.49 11.47
N THR B 197 2.32 -39.51 11.42
CA THR B 197 1.26 -39.43 12.43
C THR B 197 0.18 -40.46 12.13
N ASN B 198 -0.70 -40.64 13.11
CA ASN B 198 -1.80 -41.59 12.97
C ASN B 198 -2.67 -41.23 11.77
N LEU B 199 -2.93 -39.94 11.59
CA LEU B 199 -3.76 -39.51 10.46
C LEU B 199 -3.16 -39.98 9.14
N GLN B 200 -1.83 -39.95 9.04
CA GLN B 200 -1.18 -40.37 7.81
C GLN B 200 -1.38 -41.86 7.58
N GLU B 201 -1.21 -42.66 8.63
CA GLU B 201 -1.40 -44.11 8.48
C GLU B 201 -2.84 -44.43 8.11
N ALA B 202 -3.79 -43.68 8.65
CA ALA B 202 -5.20 -43.95 8.37
C ALA B 202 -5.53 -43.81 6.89
N GLN B 203 -4.71 -43.07 6.14
CA GLN B 203 -4.98 -42.88 4.72
C GLN B 203 -5.00 -44.22 4.00
N PRO B 204 -5.83 -44.37 2.97
CA PRO B 204 -5.89 -45.66 2.28
C PRO B 204 -4.56 -46.07 1.66
N LEU B 205 -3.85 -45.12 1.06
CA LEU B 205 -2.54 -45.38 0.49
C LEU B 205 -1.47 -45.14 1.56
N GLY B 206 -0.32 -45.76 1.36
CA GLY B 206 0.77 -45.61 2.30
C GLY B 206 0.73 -46.68 3.37
N ASN B 207 1.89 -47.16 3.78
CA ASN B 207 1.98 -48.17 4.83
C ASN B 207 3.34 -48.05 5.51
N GLY B 208 3.32 -48.12 6.83
CA GLY B 208 4.50 -47.93 7.64
C GLY B 208 4.50 -46.59 8.34
N LYS B 209 5.44 -46.46 9.27
CA LYS B 209 5.56 -45.27 10.11
C LYS B 209 6.77 -44.42 9.78
N LYS B 210 7.91 -45.05 9.52
CA LYS B 210 9.16 -44.33 9.23
C LYS B 210 9.08 -43.75 7.82
N ALA B 211 8.79 -42.45 7.73
CA ALA B 211 8.83 -41.74 6.47
C ALA B 211 10.26 -41.29 6.23
N GLU B 212 10.86 -41.77 5.15
CA GLU B 212 12.28 -41.60 4.91
C GLU B 212 12.51 -40.98 3.55
N GLN B 213 13.45 -40.05 3.47
CA GLN B 213 13.86 -39.44 2.22
C GLN B 213 15.38 -39.40 2.19
N TRP B 214 15.96 -39.54 1.01
CA TRP B 214 17.38 -39.27 0.89
C TRP B 214 17.71 -39.02 -0.57
N ALA B 215 18.81 -38.33 -0.79
CA ALA B 215 19.11 -37.80 -2.10
C ALA B 215 20.60 -37.57 -2.25
N THR B 216 21.06 -37.61 -3.49
CA THR B 216 22.45 -37.39 -3.85
C THR B 216 22.46 -36.47 -5.05
N GLY B 217 23.34 -35.49 -5.02
CA GLY B 217 23.37 -34.46 -6.05
C GLY B 217 24.77 -34.19 -6.54
N LEU B 218 24.88 -33.94 -7.84
CA LEU B 218 26.15 -33.62 -8.46
C LEU B 218 25.94 -32.44 -9.38
N LYS B 219 26.98 -31.63 -9.54
CA LYS B 219 26.87 -30.48 -10.42
C LYS B 219 28.23 -29.98 -10.83
N TYR B 220 28.23 -29.18 -11.90
CA TYR B 220 29.40 -28.43 -12.33
C TYR B 220 28.91 -27.09 -12.87
N ASP B 221 29.42 -26.00 -12.31
CA ASP B 221 28.99 -24.66 -12.71
C ASP B 221 30.23 -23.82 -12.98
N ALA B 222 30.35 -23.35 -14.22
CA ALA B 222 31.47 -22.49 -14.60
C ALA B 222 31.32 -22.16 -16.07
N ASN B 223 32.07 -21.14 -16.51
CA ASN B 223 32.18 -20.80 -17.93
C ASN B 223 30.81 -20.58 -18.56
N ASN B 224 29.88 -20.04 -17.77
CA ASN B 224 28.52 -19.78 -18.22
C ASN B 224 27.74 -21.07 -18.47
N ILE B 225 28.04 -22.09 -17.68
CA ILE B 225 27.48 -23.43 -17.82
C ILE B 225 27.04 -23.92 -16.45
N TYR B 226 26.01 -24.76 -16.44
CA TYR B 226 25.47 -25.34 -15.21
C TYR B 226 24.92 -26.71 -15.54
N LEU B 227 25.59 -27.75 -15.05
CA LEU B 227 25.15 -29.13 -15.17
C LEU B 227 24.79 -29.65 -13.80
N ALA B 228 23.74 -30.47 -13.72
CA ALA B 228 23.28 -30.98 -12.44
C ALA B 228 22.55 -32.29 -12.62
N ALA B 229 22.70 -33.17 -11.63
CA ALA B 229 22.10 -34.50 -11.65
C ALA B 229 21.81 -34.93 -10.22
N ASN B 230 20.52 -34.99 -9.87
CA ASN B 230 20.09 -35.43 -8.55
C ASN B 230 19.29 -36.72 -8.62
N TYR B 231 19.71 -37.71 -7.84
CA TYR B 231 19.04 -39.00 -7.72
C TYR B 231 18.59 -39.15 -6.28
N GLY B 232 17.29 -39.31 -6.07
CA GLY B 232 16.73 -39.42 -4.73
C GLY B 232 15.77 -40.58 -4.59
N GLU B 233 15.82 -41.21 -3.41
CA GLU B 233 14.94 -42.33 -3.11
C GLU B 233 14.23 -42.06 -1.79
N THR B 234 12.96 -42.44 -1.72
CA THR B 234 12.16 -42.17 -0.53
C THR B 234 11.20 -43.33 -0.27
N ARG B 235 10.78 -43.43 0.99
CA ARG B 235 9.78 -44.39 1.43
C ARG B 235 8.72 -43.63 2.20
N ASN B 236 7.45 -43.91 1.90
CA ASN B 236 6.32 -43.36 2.63
C ASN B 236 6.47 -41.85 2.83
N ALA B 237 6.93 -41.16 1.79
CA ALA B 237 7.20 -39.73 1.89
C ALA B 237 6.50 -38.94 0.80
N THR B 238 6.38 -39.51 -0.39
CA THR B 238 5.86 -38.71 -1.49
C THR B 238 4.34 -38.79 -1.53
N PRO B 239 3.65 -37.67 -1.72
CA PRO B 239 2.20 -37.70 -1.82
C PRO B 239 1.72 -38.10 -3.20
N ILE B 240 0.55 -38.74 -3.22
CA ILE B 240 -0.03 -39.24 -4.46
C ILE B 240 -1.54 -39.14 -4.36
N THR B 241 -2.18 -38.81 -5.48
CA THR B 241 -3.62 -38.65 -5.56
C THR B 241 -4.15 -39.43 -6.75
N ASN B 242 -5.30 -40.06 -6.57
CA ASN B 242 -5.95 -40.87 -7.61
C ASN B 242 -7.27 -40.22 -7.95
N LYS B 243 -7.34 -39.65 -9.16
CA LYS B 243 -8.57 -39.08 -9.66
C LYS B 243 -9.64 -40.14 -9.85
N PHE B 244 -9.24 -41.32 -10.34
CA PHE B 244 -10.21 -42.38 -10.57
C PHE B 244 -10.89 -42.77 -9.27
N THR B 245 -10.12 -42.86 -8.19
CA THR B 245 -10.65 -43.17 -6.87
C THR B 245 -10.94 -41.90 -6.09
N ASN B 246 -10.42 -40.76 -6.53
CA ASN B 246 -10.56 -39.50 -5.80
C ASN B 246 -10.06 -39.67 -4.38
N THR B 247 -8.96 -40.40 -4.22
CA THR B 247 -8.38 -40.68 -2.91
C THR B 247 -6.89 -40.42 -2.96
N SER B 248 -6.35 -39.93 -1.85
CA SER B 248 -4.94 -39.57 -1.79
C SER B 248 -4.23 -40.35 -0.69
N GLY B 249 -2.94 -40.07 -0.56
CA GLY B 249 -2.11 -40.70 0.45
C GLY B 249 -0.65 -40.51 0.08
N PHE B 250 0.18 -41.44 0.54
CA PHE B 250 1.61 -41.38 0.30
C PHE B 250 2.09 -42.62 -0.43
N ALA B 251 3.30 -42.54 -0.95
CA ALA B 251 3.89 -43.58 -1.78
C ALA B 251 4.75 -44.51 -0.92
N ASN B 252 4.46 -45.81 -0.98
CA ASN B 252 5.28 -46.77 -0.24
C ASN B 252 6.74 -46.67 -0.63
N LYS B 253 7.02 -46.48 -1.92
CA LYS B 253 8.40 -46.31 -2.36
C LYS B 253 8.42 -45.37 -3.55
N THR B 254 9.51 -44.62 -3.69
CA THR B 254 9.65 -43.69 -4.81
C THR B 254 11.11 -43.52 -5.18
N GLN B 255 11.38 -43.51 -6.47
CA GLN B 255 12.66 -43.13 -7.04
C GLN B 255 12.46 -41.90 -7.91
N ASP B 256 13.38 -40.94 -7.80
CA ASP B 256 13.30 -39.69 -8.54
C ASP B 256 14.65 -39.39 -9.15
N VAL B 257 14.63 -38.95 -10.41
CA VAL B 257 15.83 -38.62 -11.16
C VAL B 257 15.61 -37.27 -11.83
N LEU B 258 16.57 -36.37 -11.64
CA LEU B 258 16.52 -35.03 -12.21
C LEU B 258 17.84 -34.72 -12.86
N LEU B 259 17.79 -34.10 -14.04
CA LEU B 259 18.98 -33.76 -14.80
C LEU B 259 18.75 -32.41 -15.43
N VAL B 260 19.74 -31.52 -15.33
CA VAL B 260 19.64 -30.17 -15.85
C VAL B 260 20.93 -29.80 -16.55
N ALA B 261 20.79 -29.06 -17.65
CA ALA B 261 21.93 -28.55 -18.40
C ALA B 261 21.54 -27.19 -18.95
N GLN B 262 22.20 -26.15 -18.44
CA GLN B 262 21.91 -24.79 -18.85
C GLN B 262 23.19 -24.11 -19.30
N TYR B 263 23.10 -23.41 -20.42
CA TYR B 263 24.19 -22.57 -20.91
C TYR B 263 23.78 -21.12 -20.81
N GLN B 264 24.75 -20.24 -20.59
CA GLN B 264 24.50 -18.82 -20.46
C GLN B 264 25.37 -18.08 -21.47
N PHE B 265 24.82 -16.99 -21.99
CA PHE B 265 25.52 -16.17 -22.96
C PHE B 265 25.77 -14.79 -22.39
N ASP B 266 26.78 -14.12 -22.96
CA ASP B 266 27.11 -12.76 -22.51
C ASP B 266 25.95 -11.82 -22.75
N PHE B 267 25.21 -12.01 -23.84
CA PHE B 267 24.14 -11.08 -24.22
C PHE B 267 22.81 -11.50 -23.59
N GLY B 268 22.83 -11.60 -22.27
CA GLY B 268 21.62 -11.79 -21.48
C GLY B 268 20.71 -12.90 -21.96
N LEU B 269 21.26 -14.08 -22.26
CA LEU B 269 20.47 -15.23 -22.66
C LEU B 269 20.89 -16.45 -21.86
N ARG B 270 19.96 -17.37 -21.65
CA ARG B 270 20.21 -18.59 -20.88
C ARG B 270 19.28 -19.69 -21.34
N PRO B 271 19.67 -20.43 -22.38
CA PRO B 271 18.91 -21.63 -22.75
C PRO B 271 19.08 -22.72 -21.72
N SER B 272 18.04 -23.52 -21.55
CA SER B 272 18.02 -24.55 -20.52
C SER B 272 17.40 -25.83 -21.07
N ILE B 273 17.85 -26.96 -20.52
CA ILE B 273 17.30 -28.27 -20.83
C ILE B 273 17.19 -29.03 -19.52
N ALA B 274 16.12 -29.80 -19.37
CA ALA B 274 15.92 -30.56 -18.15
C ALA B 274 15.17 -31.85 -18.44
N TYR B 275 15.71 -32.95 -17.94
CA TYR B 275 15.01 -34.23 -17.89
C TYR B 275 14.58 -34.51 -16.45
N THR B 276 13.48 -35.23 -16.32
CA THR B 276 12.89 -35.48 -15.01
C THR B 276 12.15 -36.81 -15.06
N LYS B 277 12.08 -37.47 -13.91
CA LYS B 277 11.32 -38.71 -13.80
C LYS B 277 11.09 -39.02 -12.33
N SER B 278 9.94 -39.61 -12.05
CA SER B 278 9.61 -40.08 -10.71
C SER B 278 8.76 -41.33 -10.86
N LYS B 279 9.20 -42.43 -10.26
CA LYS B 279 8.51 -43.70 -10.33
C LYS B 279 8.16 -44.15 -8.92
N ALA B 280 6.87 -44.41 -8.69
CA ALA B 280 6.41 -44.92 -7.42
C ALA B 280 6.31 -46.44 -7.52
N LYS B 281 6.67 -47.10 -6.41
CA LYS B 281 6.71 -48.54 -6.31
C LYS B 281 5.97 -48.99 -5.05
N ASP B 282 5.50 -50.23 -5.11
CA ASP B 282 4.74 -50.84 -4.01
C ASP B 282 3.53 -49.99 -3.65
N VAL B 283 2.89 -49.42 -4.68
CA VAL B 283 1.67 -48.66 -4.45
C VAL B 283 0.53 -49.62 -4.15
N GLU B 284 -0.38 -49.18 -3.29
CA GLU B 284 -1.49 -50.03 -2.84
C GLU B 284 -2.51 -50.15 -3.98
N GLY B 285 -2.47 -51.29 -4.67
CA GLY B 285 -3.42 -51.57 -5.71
C GLY B 285 -3.04 -51.08 -7.09
N ILE B 286 -1.92 -50.37 -7.23
CA ILE B 286 -1.48 -49.84 -8.51
C ILE B 286 -0.09 -50.33 -8.89
N GLY B 287 0.48 -51.25 -8.11
CA GLY B 287 1.81 -51.74 -8.42
C GLY B 287 2.80 -50.59 -8.56
N ASP B 288 3.55 -50.60 -9.65
CA ASP B 288 4.53 -49.57 -9.95
C ASP B 288 4.01 -48.68 -11.07
N VAL B 289 4.23 -47.37 -10.94
CA VAL B 289 3.70 -46.40 -11.89
C VAL B 289 4.65 -45.22 -11.95
N ASP B 290 4.51 -44.43 -13.01
CA ASP B 290 5.30 -43.21 -13.19
C ASP B 290 4.43 -42.01 -12.87
N LEU B 291 4.86 -41.19 -11.91
CA LEU B 291 4.13 -39.97 -11.58
C LEU B 291 4.41 -38.87 -12.59
N VAL B 292 5.68 -38.68 -12.94
CA VAL B 292 6.09 -37.64 -13.87
C VAL B 292 7.24 -38.15 -14.72
N ASN B 293 7.18 -37.87 -16.02
CA ASN B 293 8.21 -38.28 -16.96
C ASN B 293 8.11 -37.33 -18.14
N TYR B 294 9.02 -36.35 -18.19
CA TYR B 294 8.92 -35.30 -19.17
C TYR B 294 10.29 -34.72 -19.48
N PHE B 295 10.36 -34.01 -20.60
CA PHE B 295 11.50 -33.18 -20.94
C PHE B 295 11.12 -31.72 -20.75
N GLU B 296 12.13 -30.89 -20.54
CA GLU B 296 11.97 -29.44 -20.57
C GLU B 296 12.79 -28.89 -21.72
N VAL B 297 12.28 -27.85 -22.36
CA VAL B 297 13.06 -27.06 -23.30
C VAL B 297 12.62 -25.62 -23.11
N GLY B 298 13.53 -24.78 -22.64
CA GLY B 298 13.17 -23.42 -22.35
C GLY B 298 14.33 -22.46 -22.48
N ALA B 299 14.08 -21.21 -22.11
CA ALA B 299 15.08 -20.16 -22.25
C ALA B 299 14.71 -19.02 -21.32
N THR B 300 15.69 -18.15 -21.10
CA THR B 300 15.51 -16.99 -20.24
C THR B 300 16.43 -15.88 -20.75
N TYR B 301 15.85 -14.73 -21.00
CA TYR B 301 16.60 -13.53 -21.34
C TYR B 301 16.70 -12.68 -20.08
N TYR B 302 17.92 -12.35 -19.71
CA TYR B 302 18.18 -11.51 -18.55
C TYR B 302 18.55 -10.12 -19.07
N PHE B 303 17.54 -9.25 -19.13
CA PHE B 303 17.81 -7.85 -19.43
C PHE B 303 18.78 -7.28 -18.40
N ASN B 304 18.60 -7.65 -17.14
CA ASN B 304 19.50 -7.32 -16.05
C ASN B 304 19.10 -8.19 -14.88
N LYS B 305 19.76 -7.98 -13.74
CA LYS B 305 19.42 -8.76 -12.56
C LYS B 305 17.99 -8.48 -12.11
N ASN B 306 17.52 -7.26 -12.29
CA ASN B 306 16.22 -6.85 -11.80
C ASN B 306 15.08 -7.08 -12.79
N MET B 307 15.38 -7.46 -14.03
CA MET B 307 14.36 -7.63 -15.05
C MET B 307 14.70 -8.84 -15.89
N SER B 308 13.71 -9.70 -16.15
CA SER B 308 13.96 -10.90 -16.92
C SER B 308 12.69 -11.38 -17.61
N THR B 309 12.87 -12.19 -18.64
CA THR B 309 11.79 -12.83 -19.37
C THR B 309 12.16 -14.28 -19.57
N TYR B 310 11.16 -15.16 -19.67
CA TYR B 310 11.49 -16.57 -19.82
C TYR B 310 10.33 -17.34 -20.42
N VAL B 311 10.68 -18.53 -20.92
CA VAL B 311 9.75 -19.45 -21.57
C VAL B 311 10.16 -20.86 -21.20
N ASP B 312 9.17 -21.73 -21.05
CA ASP B 312 9.43 -23.14 -20.77
C ASP B 312 8.40 -24.01 -21.46
N TYR B 313 8.86 -24.98 -22.24
CA TYR B 313 8.00 -25.91 -22.95
C TYR B 313 8.21 -27.30 -22.37
N ILE B 314 7.14 -27.87 -21.81
CA ILE B 314 7.20 -29.12 -21.08
C ILE B 314 6.65 -30.20 -21.99
N ILE B 315 7.52 -31.12 -22.40
CA ILE B 315 7.15 -32.26 -23.23
C ILE B 315 6.83 -33.40 -22.27
N ASN B 316 5.56 -33.52 -21.92
CA ASN B 316 5.10 -34.59 -21.04
C ASN B 316 5.08 -35.91 -21.80
N GLN B 317 5.93 -36.84 -21.37
CA GLN B 317 5.99 -38.17 -21.96
C GLN B 317 5.00 -39.12 -21.30
N ILE B 318 4.29 -38.67 -20.27
CA ILE B 318 3.34 -39.53 -19.58
C ILE B 318 2.28 -40.01 -20.55
N ASP B 319 1.93 -41.29 -20.44
CA ASP B 319 0.90 -41.89 -21.26
C ASP B 319 -0.47 -41.69 -20.62
N SER B 320 -1.51 -41.69 -21.46
CA SER B 320 -2.86 -41.49 -20.96
C SER B 320 -3.33 -42.64 -20.08
N ASP B 321 -2.91 -43.86 -20.38
CA ASP B 321 -3.40 -45.02 -19.63
C ASP B 321 -2.88 -45.07 -18.19
N ASN B 322 -2.13 -44.07 -17.74
CA ASN B 322 -1.64 -44.05 -16.37
C ASN B 322 -2.76 -44.33 -15.39
N LYS B 323 -2.44 -45.12 -14.37
CA LYS B 323 -3.42 -45.66 -13.44
C LYS B 323 -3.69 -44.74 -12.27
N LEU B 324 -3.38 -43.45 -12.40
CA LEU B 324 -3.65 -42.49 -11.34
C LEU B 324 -4.35 -41.22 -11.84
N GLY B 325 -4.58 -41.09 -13.13
CA GLY B 325 -5.20 -39.90 -13.67
C GLY B 325 -4.25 -38.75 -13.87
N VAL B 326 -2.95 -38.99 -13.81
CA VAL B 326 -1.97 -37.91 -14.00
C VAL B 326 -2.07 -37.39 -15.42
N GLY B 327 -1.87 -36.09 -15.58
CA GLY B 327 -2.00 -35.48 -16.89
C GLY B 327 -0.99 -36.03 -17.87
N SER B 328 -1.48 -36.44 -19.04
CA SER B 328 -0.64 -36.99 -20.10
C SER B 328 -0.46 -36.01 -21.25
N ASP B 329 -0.63 -34.72 -20.99
CA ASP B 329 -0.55 -33.69 -22.02
C ASP B 329 0.67 -32.82 -21.82
N ASP B 330 1.10 -32.18 -22.91
CA ASP B 330 2.21 -31.25 -22.88
C ASP B 330 1.77 -29.94 -22.23
N THR B 331 2.69 -28.99 -22.14
CA THR B 331 2.33 -27.69 -21.60
C THR B 331 3.39 -26.68 -21.99
N VAL B 332 3.05 -25.40 -21.86
CA VAL B 332 4.03 -24.33 -22.04
C VAL B 332 3.70 -23.20 -21.10
N ALA B 333 4.73 -22.46 -20.71
CA ALA B 333 4.59 -21.32 -19.81
C ALA B 333 5.45 -20.18 -20.31
N VAL B 334 4.93 -18.97 -20.23
CA VAL B 334 5.63 -17.77 -20.64
C VAL B 334 5.51 -16.75 -19.52
N GLY B 335 6.64 -16.20 -19.10
CA GLY B 335 6.66 -15.33 -17.94
C GLY B 335 7.56 -14.13 -18.14
N ILE B 336 7.22 -13.07 -17.43
CA ILE B 336 7.99 -11.83 -17.39
C ILE B 336 8.12 -11.44 -15.93
N VAL B 337 9.29 -10.95 -15.54
CA VAL B 337 9.61 -10.77 -14.13
C VAL B 337 10.30 -9.43 -13.94
N TYR B 338 9.86 -8.68 -12.93
CA TYR B 338 10.61 -7.57 -12.37
C TYR B 338 10.91 -7.91 -10.92
N GLN B 339 12.12 -7.59 -10.46
CA GLN B 339 12.50 -7.92 -9.09
C GLN B 339 13.58 -6.95 -8.61
N PHE B 340 13.41 -6.47 -7.39
CA PHE B 340 14.38 -5.56 -6.79
C PHE B 340 15.17 -6.26 -5.69
N ALA C 1 7.21 6.49 -1.72
CA ALA C 1 8.49 7.24 -1.73
C ALA C 1 9.60 6.41 -2.39
N GLU C 2 10.56 7.11 -3.00
CA GLU C 2 11.69 6.43 -3.65
C GLU C 2 12.70 6.08 -2.58
N ILE C 3 12.90 4.78 -2.36
CA ILE C 3 13.79 4.34 -1.30
C ILE C 3 15.12 3.85 -1.85
N TYR C 4 15.09 3.25 -3.03
CA TYR C 4 16.29 2.71 -3.66
C TYR C 4 16.35 3.19 -5.10
N ASN C 5 17.38 3.98 -5.43
CA ASN C 5 17.59 4.48 -6.78
C ASN C 5 19.08 4.32 -7.08
N LYS C 6 19.46 3.11 -7.49
CA LYS C 6 20.86 2.77 -7.70
C LYS C 6 20.98 1.75 -8.82
N ASP C 7 22.18 1.66 -9.37
CA ASP C 7 22.51 0.66 -10.39
C ASP C 7 21.52 0.72 -11.55
N GLY C 8 21.14 1.93 -11.93
CA GLY C 8 20.16 2.11 -12.98
C GLY C 8 18.82 1.50 -12.66
N ASN C 9 18.51 1.33 -11.38
CA ASN C 9 17.25 0.79 -10.92
C ASN C 9 16.71 1.72 -9.83
N LYS C 10 15.40 1.94 -9.85
CA LYS C 10 14.76 2.84 -8.91
C LYS C 10 13.50 2.19 -8.40
N VAL C 11 13.30 2.26 -7.09
CA VAL C 11 12.15 1.64 -6.43
C VAL C 11 11.40 2.72 -5.65
N ASP C 12 10.08 2.74 -5.84
CA ASP C 12 9.17 3.67 -5.20
C ASP C 12 8.17 2.82 -4.42
N LEU C 13 8.40 2.68 -3.12
CA LEU C 13 7.44 2.05 -2.24
C LEU C 13 6.34 3.05 -1.95
N TYR C 14 5.10 2.70 -2.23
CA TYR C 14 3.97 3.56 -2.00
C TYR C 14 2.94 2.82 -1.16
N GLY C 15 2.60 3.40 -0.02
CA GLY C 15 1.63 2.78 0.86
C GLY C 15 0.94 3.87 1.67
N LYS C 16 -0.25 3.53 2.13
CA LYS C 16 -1.06 4.51 2.82
C LYS C 16 -1.97 3.81 3.81
N ALA C 17 -2.49 4.62 4.73
CA ALA C 17 -3.44 4.20 5.73
C ALA C 17 -4.59 5.18 5.72
N VAL C 18 -5.80 4.67 5.95
CA VAL C 18 -7.02 5.44 5.79
C VAL C 18 -7.92 5.09 6.97
N GLY C 19 -8.14 6.07 7.83
CA GLY C 19 -9.15 5.95 8.86
C GLY C 19 -10.45 6.50 8.32
N LEU C 20 -11.44 5.63 8.18
CA LEU C 20 -12.63 5.94 7.41
C LEU C 20 -13.85 5.54 8.21
N HIS C 21 -14.95 6.24 7.97
CA HIS C 21 -16.21 5.80 8.53
C HIS C 21 -17.34 6.24 7.62
N TYR C 22 -18.38 5.41 7.59
CA TYR C 22 -19.59 5.64 6.80
C TYR C 22 -20.77 5.79 7.74
N PHE C 23 -21.50 6.89 7.60
CA PHE C 23 -22.70 7.14 8.38
C PHE C 23 -23.91 7.09 7.46
N SER C 24 -25.01 6.56 8.00
CA SER C 24 -26.24 6.38 7.26
C SER C 24 -27.36 6.13 8.26
N LYS C 25 -28.58 6.44 7.83
CA LYS C 25 -29.74 6.19 8.67
C LYS C 25 -29.97 4.69 8.79
N GLY C 26 -30.35 4.26 9.99
CA GLY C 26 -30.61 2.86 10.24
C GLY C 26 -29.33 2.04 10.35
N ASN C 27 -29.51 0.73 10.24
CA ASN C 27 -28.37 -0.18 10.35
C ASN C 27 -27.38 0.00 9.21
N GLY C 28 -27.87 0.45 8.05
CA GLY C 28 -27.03 0.63 6.89
C GLY C 28 -27.23 -0.39 5.80
N GLU C 29 -28.27 -1.21 5.87
CA GLU C 29 -28.54 -2.17 4.80
C GLU C 29 -28.97 -1.45 3.54
N ASN C 30 -29.79 -0.42 3.66
CA ASN C 30 -30.30 0.30 2.50
C ASN C 30 -29.41 1.45 2.08
N SER C 31 -28.38 1.76 2.86
CA SER C 31 -27.46 2.83 2.51
C SER C 31 -26.74 2.50 1.21
N TYR C 32 -26.47 3.54 0.43
CA TYR C 32 -25.77 3.36 -0.84
C TYR C 32 -24.49 2.57 -0.63
N GLY C 33 -23.60 3.07 0.22
CA GLY C 33 -22.31 2.47 0.44
C GLY C 33 -22.31 1.47 1.58
N GLY C 34 -22.90 1.84 2.69
CA GLY C 34 -22.94 1.00 3.87
C GLY C 34 -22.93 1.85 5.13
N ASN C 35 -22.33 1.29 6.17
CA ASN C 35 -22.25 1.99 7.45
C ASN C 35 -21.21 1.29 8.32
N GLY C 36 -20.55 2.09 9.15
CA GLY C 36 -19.56 1.59 10.09
C GLY C 36 -18.15 2.04 9.75
N ASP C 37 -17.19 1.29 10.27
CA ASP C 37 -15.78 1.59 10.07
C ASP C 37 -15.28 0.88 8.82
N MET C 38 -14.69 1.65 7.91
CA MET C 38 -14.16 1.11 6.67
C MET C 38 -12.67 1.46 6.51
N THR C 39 -11.95 1.53 7.62
CA THR C 39 -10.53 1.88 7.57
C THR C 39 -9.75 0.82 6.83
N TYR C 40 -8.79 1.25 6.01
CA TYR C 40 -8.01 0.29 5.24
C TYR C 40 -6.64 0.87 4.94
N ALA C 41 -5.67 -0.02 4.78
CA ALA C 41 -4.30 0.34 4.45
C ALA C 41 -3.86 -0.41 3.21
N ARG C 42 -3.22 0.30 2.30
CA ARG C 42 -2.72 -0.29 1.07
C ARG C 42 -1.21 -0.21 1.05
N LEU C 43 -0.57 -1.27 0.55
CA LEU C 43 0.87 -1.31 0.41
C LEU C 43 1.23 -1.76 -1.00
N GLY C 44 2.26 -1.15 -1.58
CA GLY C 44 2.65 -1.53 -2.92
C GLY C 44 4.02 -1.02 -3.25
N PHE C 45 4.60 -1.60 -4.29
CA PHE C 45 5.92 -1.23 -4.76
C PHE C 45 5.91 -1.10 -6.26
N LYS C 46 6.53 -0.03 -6.75
CA LYS C 46 6.77 0.19 -8.17
C LYS C 46 8.27 0.22 -8.39
N GLY C 47 8.70 -0.32 -9.52
CA GLY C 47 10.12 -0.37 -9.79
C GLY C 47 10.41 -0.20 -11.26
N GLU C 48 11.46 0.55 -11.58
CA GLU C 48 11.88 0.75 -12.95
C GLU C 48 13.39 0.50 -13.04
N THR C 49 13.84 0.24 -14.26
CA THR C 49 15.28 0.07 -14.49
C THR C 49 15.54 0.28 -15.97
N GLN C 50 16.43 1.22 -16.28
CA GLN C 50 16.80 1.52 -17.65
C GLN C 50 17.86 0.51 -18.10
N ILE C 51 17.40 -0.56 -18.75
CA ILE C 51 18.33 -1.55 -19.29
C ILE C 51 19.26 -0.88 -20.30
N ASN C 52 18.68 -0.07 -21.18
CA ASN C 52 19.42 0.72 -22.15
C ASN C 52 18.85 2.12 -22.16
N SER C 53 19.51 3.01 -22.89
CA SER C 53 19.00 4.38 -23.02
C SER C 53 17.58 4.36 -23.57
N ASP C 54 17.32 3.49 -24.53
CA ASP C 54 16.03 3.42 -25.22
C ASP C 54 15.09 2.37 -24.64
N LEU C 55 15.54 1.58 -23.66
CA LEU C 55 14.74 0.48 -23.13
C LEU C 55 14.78 0.48 -21.60
N THR C 56 13.60 0.49 -21.00
CA THR C 56 13.45 0.37 -19.56
C THR C 56 12.38 -0.66 -19.23
N GLY C 57 12.55 -1.33 -18.11
CA GLY C 57 11.61 -2.33 -17.64
C GLY C 57 11.01 -1.91 -16.32
N TYR C 58 9.72 -2.17 -16.15
CA TYR C 58 9.00 -1.76 -14.95
C TYR C 58 8.14 -2.90 -14.41
N GLY C 59 8.01 -2.91 -13.08
CA GLY C 59 7.15 -3.84 -12.38
C GLY C 59 6.41 -3.18 -11.24
N GLN C 60 5.11 -3.45 -11.10
CA GLN C 60 4.30 -2.81 -10.08
C GLN C 60 3.41 -3.83 -9.39
N TRP C 61 3.23 -3.66 -8.08
CA TRP C 61 2.36 -4.53 -7.31
C TRP C 61 1.69 -3.73 -6.20
N GLU C 62 0.40 -4.02 -5.96
CA GLU C 62 -0.38 -3.35 -4.92
C GLU C 62 -1.25 -4.35 -4.19
N TYR C 63 -1.38 -4.17 -2.88
CA TYR C 63 -2.24 -4.99 -2.03
C TYR C 63 -3.05 -4.08 -1.12
N ASN C 64 -4.21 -4.58 -0.70
CA ASN C 64 -5.13 -3.87 0.17
C ASN C 64 -5.44 -4.75 1.38
N PHE C 65 -5.29 -4.18 2.56
CA PHE C 65 -5.59 -4.82 3.83
C PHE C 65 -6.67 -3.99 4.51
N GLN C 66 -7.70 -4.66 5.04
CA GLN C 66 -8.78 -3.97 5.71
C GLN C 66 -8.59 -4.06 7.22
N GLY C 67 -8.80 -2.95 7.90
CA GLY C 67 -8.65 -2.89 9.34
C GLY C 67 -9.97 -3.03 10.08
N ASN C 68 -11.07 -2.86 9.36
CA ASN C 68 -12.38 -2.96 10.00
C ASN C 68 -12.61 -4.35 10.56
N ASN C 69 -12.01 -5.36 9.93
CA ASN C 69 -12.22 -6.73 10.35
C ASN C 69 -11.55 -7.01 11.70
N SER C 70 -12.01 -8.06 12.34
CA SER C 70 -11.46 -8.53 13.61
C SER C 70 -10.26 -9.43 13.36
N GLU C 71 -9.72 -9.98 14.44
CA GLU C 71 -8.59 -10.90 14.39
C GLU C 71 -9.03 -12.35 14.35
N GLY C 72 -10.33 -12.61 14.25
CA GLY C 72 -10.83 -13.96 14.18
C GLY C 72 -10.86 -14.53 12.77
N ALA C 73 -11.88 -15.33 12.49
CA ALA C 73 -11.99 -15.97 11.19
C ALA C 73 -12.20 -14.97 10.06
N ASP C 74 -12.65 -13.76 10.37
CA ASP C 74 -12.98 -12.78 9.35
C ASP C 74 -11.85 -11.79 9.09
N ALA C 75 -10.63 -12.12 9.50
CA ALA C 75 -9.51 -11.19 9.33
C ALA C 75 -9.26 -10.90 7.86
N GLN C 76 -9.32 -11.93 7.01
CA GLN C 76 -8.97 -11.79 5.60
C GLN C 76 -10.07 -11.18 4.75
N THR C 77 -11.27 -10.99 5.29
CA THR C 77 -12.36 -10.44 4.50
C THR C 77 -11.97 -9.09 3.94
N GLY C 78 -12.07 -8.95 2.62
CA GLY C 78 -11.75 -7.70 1.97
C GLY C 78 -10.29 -7.46 1.73
N ASN C 79 -9.44 -8.44 2.00
CA ASN C 79 -8.01 -8.33 1.79
C ASN C 79 -7.69 -8.93 0.43
N LYS C 80 -6.91 -8.22 -0.37
CA LYS C 80 -6.69 -8.69 -1.75
C LYS C 80 -5.47 -8.01 -2.35
N THR C 81 -5.12 -8.45 -3.55
CA THR C 81 -4.10 -7.81 -4.36
C THR C 81 -4.78 -7.07 -5.50
N ARG C 82 -4.62 -5.75 -5.53
CA ARG C 82 -5.26 -4.96 -6.58
C ARG C 82 -4.53 -5.11 -7.90
N LEU C 83 -3.26 -4.74 -7.94
CA LEU C 83 -2.46 -4.73 -9.15
C LEU C 83 -1.23 -5.61 -8.96
N ALA C 84 -0.90 -6.41 -9.98
CA ALA C 84 0.35 -7.17 -9.96
C ALA C 84 0.70 -7.50 -11.41
N PHE C 85 1.63 -6.74 -11.98
CA PHE C 85 1.97 -6.91 -13.38
C PHE C 85 3.42 -6.52 -13.61
N ALA C 86 3.86 -6.65 -14.85
CA ALA C 86 5.18 -6.18 -15.27
C ALA C 86 5.07 -5.71 -16.72
N GLY C 87 6.18 -5.24 -17.25
CA GLY C 87 6.19 -4.77 -18.63
C GLY C 87 7.45 -3.99 -18.93
N LEU C 88 7.58 -3.64 -20.21
CA LEU C 88 8.74 -2.94 -20.75
C LEU C 88 8.28 -1.75 -21.57
N LYS C 89 9.01 -0.64 -21.46
CA LYS C 89 8.74 0.57 -22.22
C LYS C 89 9.92 0.86 -23.14
N TYR C 90 9.71 0.69 -24.44
CA TYR C 90 10.71 1.10 -25.41
C TYR C 90 10.69 2.61 -25.58
N ALA C 91 11.72 3.14 -26.23
CA ALA C 91 11.89 4.59 -26.29
C ALA C 91 10.67 5.27 -26.92
N ASP C 92 10.31 4.86 -28.13
CA ASP C 92 9.26 5.56 -28.88
C ASP C 92 8.10 4.68 -29.29
N VAL C 93 8.34 3.43 -29.66
CA VAL C 93 7.27 2.59 -30.18
C VAL C 93 6.13 2.50 -29.18
N GLY C 94 6.46 2.44 -27.89
CA GLY C 94 5.45 2.33 -26.86
C GLY C 94 5.88 1.45 -25.70
N SER C 95 4.91 0.77 -25.10
CA SER C 95 5.17 -0.05 -23.92
C SER C 95 4.18 -1.20 -23.89
N PHE C 96 4.64 -2.34 -23.40
CA PHE C 96 3.84 -3.56 -23.35
C PHE C 96 3.96 -4.17 -21.97
N ASP C 97 2.82 -4.51 -21.37
CA ASP C 97 2.79 -5.07 -20.03
C ASP C 97 1.82 -6.22 -19.98
N TYR C 98 1.92 -7.00 -18.90
CA TYR C 98 1.07 -8.17 -18.68
C TYR C 98 0.95 -8.42 -17.19
N GLY C 99 -0.23 -8.90 -16.79
CA GLY C 99 -0.47 -9.25 -15.41
C GLY C 99 -1.90 -8.99 -14.97
N ARG C 100 -2.04 -8.35 -13.81
CA ARG C 100 -3.31 -7.94 -13.25
C ARG C 100 -3.29 -6.41 -13.17
N ASN C 101 -4.06 -5.77 -14.03
CA ASN C 101 -3.98 -4.34 -14.23
C ASN C 101 -5.35 -3.81 -14.65
N TYR C 102 -5.44 -2.49 -14.78
CA TYR C 102 -6.67 -1.85 -15.20
C TYR C 102 -6.96 -2.15 -16.67
N GLY C 103 -8.24 -2.29 -17.00
CA GLY C 103 -8.64 -2.47 -18.36
C GLY C 103 -8.62 -1.17 -19.15
N VAL C 104 -8.43 -1.30 -20.46
CA VAL C 104 -8.33 -0.12 -21.32
C VAL C 104 -9.50 0.82 -21.09
N VAL C 105 -10.69 0.27 -20.91
CA VAL C 105 -11.87 1.11 -20.79
C VAL C 105 -11.78 1.98 -19.56
N TYR C 106 -11.11 1.51 -18.51
CA TYR C 106 -10.98 2.33 -17.31
C TYR C 106 -10.32 3.64 -17.63
N ASP C 107 -9.46 3.66 -18.65
CA ASP C 107 -8.80 4.92 -19.00
C ASP C 107 -9.84 5.99 -19.23
N ALA C 108 -10.89 5.69 -20.01
CA ALA C 108 -11.94 6.66 -20.20
C ALA C 108 -12.63 6.94 -18.89
N LEU C 109 -12.93 5.88 -18.14
CA LEU C 109 -13.63 6.05 -16.88
C LEU C 109 -12.72 6.63 -15.81
N GLY C 110 -11.43 6.78 -16.11
CA GLY C 110 -10.54 7.42 -15.15
C GLY C 110 -10.87 8.88 -14.92
N TYR C 111 -11.42 9.54 -15.92
CA TYR C 111 -11.69 10.97 -15.80
C TYR C 111 -12.66 11.25 -14.66
N THR C 112 -13.74 10.49 -14.58
CA THR C 112 -14.73 10.72 -13.54
C THR C 112 -14.29 10.21 -12.19
N ASP C 113 -13.44 9.17 -12.15
CA ASP C 113 -13.02 8.58 -10.89
C ASP C 113 -11.93 9.43 -10.26
N MET C 114 -12.31 10.65 -9.90
CA MET C 114 -11.46 11.57 -9.18
C MET C 114 -12.01 11.88 -7.80
N LEU C 115 -13.06 11.20 -7.38
CA LEU C 115 -13.70 11.50 -6.11
C LEU C 115 -12.84 11.01 -4.96
N PRO C 116 -13.07 11.53 -3.75
CA PRO C 116 -12.23 11.11 -2.62
C PRO C 116 -12.36 9.64 -2.27
N GLU C 117 -13.60 9.17 -2.06
CA GLU C 117 -13.85 7.77 -1.71
C GLU C 117 -14.78 7.10 -2.71
N PHE C 118 -15.96 7.67 -2.95
CA PHE C 118 -16.90 7.10 -3.89
C PHE C 118 -16.50 7.47 -5.32
N GLY C 119 -17.33 7.09 -6.28
CA GLY C 119 -17.08 7.39 -7.67
C GLY C 119 -16.62 6.18 -8.45
N GLY C 120 -16.81 6.24 -9.76
CA GLY C 120 -16.47 5.11 -10.61
C GLY C 120 -17.26 3.87 -10.30
N ASP C 121 -18.53 4.03 -9.89
CA ASP C 121 -19.33 2.88 -9.53
C ASP C 121 -19.52 1.95 -10.72
N THR C 122 -19.67 2.52 -11.92
CA THR C 122 -19.81 1.67 -13.10
C THR C 122 -18.57 0.81 -13.30
N ALA C 123 -17.40 1.32 -12.94
CA ALA C 123 -16.14 0.61 -13.14
C ALA C 123 -16.00 -0.45 -12.05
N TYR C 124 -16.77 -1.51 -12.21
CA TYR C 124 -16.71 -2.62 -11.26
C TYR C 124 -15.39 -3.38 -11.43
N SER C 125 -14.96 -4.02 -10.36
CA SER C 125 -13.73 -4.79 -10.39
C SER C 125 -14.01 -6.21 -10.88
N ASP C 126 -12.95 -6.87 -11.33
CA ASP C 126 -13.05 -8.22 -11.91
C ASP C 126 -14.09 -8.28 -13.02
N ASP C 127 -14.41 -7.15 -13.63
CA ASP C 127 -15.24 -7.09 -14.82
C ASP C 127 -14.37 -6.92 -16.06
N PHE C 128 -14.98 -7.15 -17.23
CA PHE C 128 -14.22 -7.45 -18.43
C PHE C 128 -13.12 -6.42 -18.68
N PHE C 129 -13.50 -5.17 -18.92
CA PHE C 129 -12.53 -4.13 -19.24
C PHE C 129 -12.68 -2.86 -18.43
N VAL C 130 -13.72 -2.73 -17.61
CA VAL C 130 -13.98 -1.45 -16.94
C VAL C 130 -13.10 -1.31 -15.71
N GLY C 131 -12.77 -2.41 -15.03
CA GLY C 131 -12.02 -2.38 -13.81
C GLY C 131 -10.77 -3.24 -13.89
N ARG C 132 -10.04 -3.27 -12.78
CA ARG C 132 -8.78 -3.98 -12.73
C ARG C 132 -9.03 -5.49 -12.70
N VAL C 133 -8.36 -6.21 -13.59
CA VAL C 133 -8.57 -7.63 -13.76
C VAL C 133 -7.24 -8.32 -14.04
N GLY C 134 -7.23 -9.64 -13.89
CA GLY C 134 -6.05 -10.45 -14.08
C GLY C 134 -6.14 -11.22 -15.39
N GLY C 135 -5.01 -11.28 -16.10
CA GLY C 135 -4.94 -12.00 -17.35
C GLY C 135 -5.01 -11.11 -18.55
N VAL C 136 -4.48 -9.90 -18.48
CA VAL C 136 -4.51 -8.95 -19.58
C VAL C 136 -3.10 -8.75 -20.10
N ALA C 137 -2.98 -8.60 -21.42
CA ALA C 137 -1.73 -8.21 -22.07
C ALA C 137 -2.03 -6.91 -22.82
N THR C 138 -1.35 -5.84 -22.45
CA THR C 138 -1.65 -4.52 -22.97
C THR C 138 -0.42 -3.92 -23.62
N TYR C 139 -0.64 -3.25 -24.75
CA TYR C 139 0.37 -2.46 -25.43
C TYR C 139 -0.11 -1.02 -25.48
N ARG C 140 0.82 -0.09 -25.31
CA ARG C 140 0.47 1.32 -25.29
C ARG C 140 1.49 2.10 -26.12
N ASN C 141 0.99 3.10 -26.84
CA ASN C 141 1.79 4.00 -27.65
C ASN C 141 1.55 5.41 -27.15
N SER C 142 2.64 6.15 -27.00
CA SER C 142 2.61 7.53 -26.53
C SER C 142 2.89 8.46 -27.71
N ASN C 143 1.98 9.39 -27.95
CA ASN C 143 2.14 10.38 -29.01
C ASN C 143 2.30 9.73 -30.38
N PHE C 144 1.69 8.57 -30.56
CA PHE C 144 1.69 7.85 -31.83
C PHE C 144 3.11 7.76 -32.40
N PHE C 145 3.98 7.13 -31.63
CA PHE C 145 5.39 6.98 -32.00
C PHE C 145 6.14 8.30 -31.96
N GLY C 146 5.65 9.25 -31.16
CA GLY C 146 6.23 10.57 -31.09
C GLY C 146 5.92 11.44 -32.28
N LEU C 147 4.99 11.02 -33.14
CA LEU C 147 4.65 11.81 -34.32
C LEU C 147 3.76 12.99 -33.95
N VAL C 148 2.67 12.73 -33.24
CA VAL C 148 1.69 13.74 -32.87
C VAL C 148 1.65 13.82 -31.35
N ASP C 149 1.84 15.03 -30.82
CA ASP C 149 1.89 15.21 -29.38
C ASP C 149 0.50 15.10 -28.78
N GLY C 150 0.41 14.39 -27.66
CA GLY C 150 -0.82 14.29 -26.90
C GLY C 150 -1.75 13.17 -27.31
N LEU C 151 -1.42 12.39 -28.34
CA LEU C 151 -2.27 11.32 -28.82
C LEU C 151 -1.68 9.97 -28.39
N ASN C 152 -2.25 9.40 -27.34
CA ASN C 152 -1.83 8.11 -26.79
C ASN C 152 -2.91 7.09 -27.10
N PHE C 153 -2.51 5.96 -27.68
CA PHE C 153 -3.45 4.88 -27.97
C PHE C 153 -2.94 3.57 -27.43
N ALA C 154 -3.87 2.70 -27.05
CA ALA C 154 -3.50 1.42 -26.46
C ALA C 154 -4.47 0.33 -26.89
N VAL C 155 -4.02 -0.91 -26.73
CA VAL C 155 -4.76 -2.09 -27.12
C VAL C 155 -4.52 -3.17 -26.06
N GLN C 156 -5.51 -4.02 -25.84
CA GLN C 156 -5.46 -4.96 -24.74
C GLN C 156 -6.15 -6.26 -25.11
N TYR C 157 -5.49 -7.37 -24.85
CA TYR C 157 -6.06 -8.71 -24.99
C TYR C 157 -6.33 -9.26 -23.59
N LEU C 158 -7.42 -10.01 -23.45
CA LEU C 158 -7.87 -10.51 -22.17
C LEU C 158 -7.95 -12.03 -22.24
N GLY C 159 -7.01 -12.69 -21.56
CA GLY C 159 -7.05 -14.14 -21.46
C GLY C 159 -8.27 -14.60 -20.68
N LYS C 160 -8.82 -15.74 -21.09
CA LYS C 160 -10.01 -16.25 -20.45
C LYS C 160 -9.72 -16.62 -19.00
N ASN C 161 -10.71 -16.38 -18.13
CA ASN C 161 -10.62 -16.75 -16.73
C ASN C 161 -11.87 -17.56 -16.37
N GLU C 162 -11.68 -18.83 -16.03
CA GLU C 162 -12.77 -19.71 -15.64
C GLU C 162 -12.76 -19.82 -14.13
N ARG C 163 -13.58 -19.00 -13.48
CA ARG C 163 -13.70 -19.00 -12.03
C ARG C 163 -14.99 -19.69 -11.61
N ASP C 164 -15.19 -19.77 -10.29
CA ASP C 164 -16.37 -20.44 -9.77
C ASP C 164 -17.66 -19.68 -10.05
N THR C 165 -17.60 -18.36 -10.07
CA THR C 165 -18.78 -17.52 -10.23
C THR C 165 -18.70 -16.71 -11.51
N ALA C 166 -19.85 -16.53 -12.16
CA ALA C 166 -19.91 -15.74 -13.39
C ALA C 166 -19.56 -14.28 -13.12
N ARG C 167 -19.80 -13.80 -11.91
CA ARG C 167 -19.51 -12.41 -11.59
C ARG C 167 -18.03 -12.10 -11.75
N ARG C 168 -17.17 -13.06 -11.41
CA ARG C 168 -15.73 -12.88 -11.45
C ARG C 168 -15.07 -13.53 -12.66
N SER C 169 -15.83 -14.17 -13.52
CA SER C 169 -15.28 -14.92 -14.64
C SER C 169 -15.39 -14.11 -15.93
N ASN C 170 -14.69 -14.58 -16.95
CA ASN C 170 -14.69 -13.93 -18.25
C ASN C 170 -14.27 -14.93 -19.30
N GLY C 171 -13.90 -14.44 -20.48
CA GLY C 171 -13.33 -15.28 -21.51
C GLY C 171 -12.39 -14.48 -22.39
N ASP C 172 -12.03 -15.03 -23.55
CA ASP C 172 -11.17 -14.31 -24.48
C ASP C 172 -11.80 -12.96 -24.80
N GLY C 173 -10.99 -11.90 -24.74
CA GLY C 173 -11.49 -10.58 -25.04
C GLY C 173 -10.44 -9.70 -25.70
N VAL C 174 -10.92 -8.61 -26.27
CA VAL C 174 -10.07 -7.63 -26.94
C VAL C 174 -10.62 -6.24 -26.64
N GLY C 175 -9.76 -5.25 -26.77
CA GLY C 175 -10.18 -3.89 -26.56
C GLY C 175 -9.14 -2.90 -27.01
N GLY C 176 -9.58 -1.66 -27.14
CA GLY C 176 -8.71 -0.57 -27.57
C GLY C 176 -9.19 0.73 -26.96
N SER C 177 -8.27 1.70 -26.93
CA SER C 177 -8.57 2.99 -26.33
C SER C 177 -7.68 4.05 -26.98
N ILE C 178 -8.25 5.24 -27.16
CA ILE C 178 -7.53 6.37 -27.75
C ILE C 178 -7.78 7.60 -26.88
N SER C 179 -6.74 8.43 -26.73
CA SER C 179 -6.80 9.61 -25.88
C SER C 179 -6.04 10.74 -26.57
N TYR C 180 -6.73 11.85 -26.81
CA TYR C 180 -6.12 13.06 -27.36
C TYR C 180 -6.18 14.18 -26.33
N GLU C 181 -5.01 14.64 -25.91
CA GLU C 181 -4.89 15.77 -24.99
C GLU C 181 -4.36 16.97 -25.76
N TYR C 182 -5.12 18.06 -25.75
CA TYR C 182 -4.74 19.28 -26.46
C TYR C 182 -5.05 20.49 -25.60
N GLU C 183 -4.01 21.25 -25.27
CA GLU C 183 -4.16 22.56 -24.65
C GLU C 183 -4.92 22.49 -23.33
N GLY C 184 -4.83 21.36 -22.65
CA GLY C 184 -5.52 21.18 -21.39
C GLY C 184 -6.75 20.30 -21.54
N PHE C 185 -7.48 20.48 -22.63
CA PHE C 185 -8.62 19.63 -22.89
C PHE C 185 -8.18 18.20 -23.15
N GLY C 186 -9.07 17.26 -22.85
CA GLY C 186 -8.79 15.86 -23.07
C GLY C 186 -10.00 15.09 -23.56
N ILE C 187 -9.81 14.21 -24.52
CA ILE C 187 -10.87 13.40 -25.09
C ILE C 187 -10.38 11.97 -25.14
N VAL C 188 -11.30 11.03 -24.94
CA VAL C 188 -10.95 9.62 -24.93
C VAL C 188 -12.12 8.79 -25.44
N GLY C 189 -11.78 7.65 -26.03
CA GLY C 189 -12.77 6.69 -26.48
C GLY C 189 -12.23 5.28 -26.35
N ALA C 190 -12.99 4.39 -25.73
CA ALA C 190 -12.55 3.02 -25.50
C ALA C 190 -13.66 2.04 -25.86
N TYR C 191 -13.25 0.86 -26.31
CA TYR C 191 -14.17 -0.20 -26.72
C TYR C 191 -13.57 -1.53 -26.31
N GLY C 192 -14.41 -2.43 -25.80
CA GLY C 192 -14.01 -3.78 -25.46
C GLY C 192 -15.09 -4.79 -25.75
N ALA C 193 -14.68 -5.97 -26.21
CA ALA C 193 -15.62 -7.03 -26.54
C ALA C 193 -15.01 -8.37 -26.17
N ALA C 194 -15.83 -9.27 -25.64
CA ALA C 194 -15.35 -10.57 -25.20
C ALA C 194 -16.51 -11.55 -25.24
N ASP C 195 -16.19 -12.83 -25.02
CA ASP C 195 -17.18 -13.89 -25.03
C ASP C 195 -17.49 -14.32 -23.59
N ARG C 196 -18.77 -14.49 -23.29
CA ARG C 196 -19.18 -14.93 -21.98
C ARG C 196 -19.05 -16.44 -21.87
N THR C 197 -18.66 -16.92 -20.70
CA THR C 197 -18.53 -18.35 -20.50
C THR C 197 -19.89 -18.98 -20.30
N ASN C 198 -19.92 -20.32 -20.35
CA ASN C 198 -21.16 -21.05 -20.18
C ASN C 198 -21.79 -20.75 -18.82
N LEU C 199 -20.96 -20.65 -17.78
CA LEU C 199 -21.48 -20.36 -16.46
C LEU C 199 -22.25 -19.05 -16.46
N GLN C 200 -21.76 -18.06 -17.22
CA GLN C 200 -22.42 -16.77 -17.26
C GLN C 200 -23.78 -16.89 -17.92
N GLU C 201 -23.85 -17.62 -19.05
CA GLU C 201 -25.12 -17.80 -19.73
C GLU C 201 -26.12 -18.53 -18.86
N ALA C 202 -25.65 -19.50 -18.08
CA ALA C 202 -26.54 -20.28 -17.24
C ALA C 202 -27.26 -19.42 -16.20
N GLN C 203 -26.72 -18.24 -15.89
CA GLN C 203 -27.36 -17.38 -14.91
C GLN C 203 -28.76 -17.00 -15.36
N PRO C 204 -29.69 -16.83 -14.42
CA PRO C 204 -31.07 -16.50 -14.83
C PRO C 204 -31.16 -15.20 -15.60
N LEU C 205 -30.43 -14.18 -15.15
CA LEU C 205 -30.40 -12.91 -15.85
C LEU C 205 -29.28 -12.93 -16.89
N GLY C 206 -29.41 -12.05 -17.88
CA GLY C 206 -28.42 -11.99 -18.93
C GLY C 206 -28.76 -12.91 -20.09
N ASN C 207 -28.49 -12.45 -21.31
CA ASN C 207 -28.75 -13.25 -22.50
C ASN C 207 -27.80 -12.82 -23.59
N GLY C 208 -27.23 -13.79 -24.29
CA GLY C 208 -26.23 -13.55 -25.31
C GLY C 208 -24.84 -13.93 -24.84
N LYS C 209 -23.93 -13.96 -25.80
CA LYS C 209 -22.54 -14.36 -25.57
C LYS C 209 -21.57 -13.20 -25.64
N LYS C 210 -21.74 -12.30 -26.60
CA LYS C 210 -20.82 -11.18 -26.78
C LYS C 210 -21.07 -10.14 -25.69
N ALA C 211 -20.21 -10.14 -24.67
CA ALA C 211 -20.24 -9.13 -23.63
C ALA C 211 -19.43 -7.94 -24.14
N GLU C 212 -20.09 -6.79 -24.26
CA GLU C 212 -19.53 -5.63 -24.93
C GLU C 212 -19.61 -4.42 -24.01
N GLN C 213 -18.54 -3.64 -24.00
CA GLN C 213 -18.49 -2.38 -23.25
C GLN C 213 -17.89 -1.32 -24.16
N TRP C 214 -18.33 -0.09 -24.01
CA TRP C 214 -17.62 1.00 -24.68
C TRP C 214 -17.99 2.30 -24.00
N ALA C 215 -17.12 3.29 -24.16
CA ALA C 215 -17.22 4.50 -23.36
C ALA C 215 -16.52 5.64 -24.08
N THR C 216 -16.98 6.85 -23.77
CA THR C 216 -16.44 8.08 -24.32
C THR C 216 -16.28 9.05 -23.16
N GLY C 217 -15.15 9.73 -23.13
CA GLY C 217 -14.82 10.60 -22.01
C GLY C 217 -14.30 11.94 -22.49
N LEU C 218 -14.67 12.98 -21.75
CA LEU C 218 -14.23 14.33 -22.04
C LEU C 218 -13.82 14.97 -20.74
N LYS C 219 -12.86 15.89 -20.81
CA LYS C 219 -12.42 16.56 -19.60
C LYS C 219 -11.69 17.85 -19.94
N TYR C 220 -11.57 18.70 -18.92
CA TYR C 220 -10.73 19.89 -18.97
C TYR C 220 -10.13 20.08 -17.60
N ASP C 221 -8.80 20.13 -17.52
CA ASP C 221 -8.11 20.27 -16.24
C ASP C 221 -7.10 21.40 -16.36
N ALA C 222 -7.26 22.43 -15.54
CA ALA C 222 -6.33 23.55 -15.53
C ALA C 222 -6.83 24.56 -14.49
N ASN C 223 -5.95 25.49 -14.13
CA ASN C 223 -6.32 26.63 -13.29
C ASN C 223 -6.98 26.17 -11.99
N ASN C 224 -6.55 25.03 -11.47
CA ASN C 224 -7.10 24.46 -10.24
C ASN C 224 -8.52 23.97 -10.44
N ILE C 225 -8.84 23.49 -11.63
CA ILE C 225 -10.18 23.08 -12.02
C ILE C 225 -10.08 21.73 -12.72
N TYR C 226 -11.14 20.94 -12.60
CA TYR C 226 -11.20 19.63 -13.24
C TYR C 226 -12.66 19.34 -13.57
N LEU C 227 -12.98 19.33 -14.86
CA LEU C 227 -14.29 18.99 -15.36
C LEU C 227 -14.19 17.69 -16.14
N ALA C 228 -15.21 16.83 -16.02
CA ALA C 228 -15.17 15.54 -16.68
C ALA C 228 -16.58 15.04 -16.94
N ALA C 229 -16.74 14.33 -18.06
CA ALA C 229 -18.03 13.80 -18.48
C ALA C 229 -17.80 12.52 -19.27
N ASN C 230 -18.17 11.38 -18.69
CA ASN C 230 -18.05 10.08 -19.33
C ASN C 230 -19.43 9.46 -19.60
N TYR C 231 -19.66 9.08 -20.85
CA TYR C 231 -20.87 8.39 -21.27
C TYR C 231 -20.49 7.03 -21.80
N GLY C 232 -21.02 5.98 -21.19
CA GLY C 232 -20.68 4.62 -21.57
C GLY C 232 -21.90 3.74 -21.77
N GLU C 233 -21.82 2.86 -22.76
CA GLU C 233 -22.89 1.92 -23.04
C GLU C 233 -22.33 0.51 -23.08
N THR C 234 -23.09 -0.45 -22.57
CA THR C 234 -22.63 -1.83 -22.51
C THR C 234 -23.78 -2.79 -22.73
N ARG C 235 -23.43 -3.99 -23.16
CA ARG C 235 -24.35 -5.09 -23.35
C ARG C 235 -23.81 -6.31 -22.61
N ASN C 236 -24.67 -6.97 -21.84
CA ASN C 236 -24.32 -8.22 -21.17
C ASN C 236 -22.98 -8.11 -20.44
N ALA C 237 -22.75 -6.96 -19.80
CA ALA C 237 -21.48 -6.71 -19.14
C ALA C 237 -21.65 -6.32 -17.68
N THR C 238 -22.71 -5.58 -17.37
CA THR C 238 -22.82 -5.06 -16.01
C THR C 238 -23.50 -6.07 -15.09
N PRO C 239 -22.97 -6.29 -13.90
CA PRO C 239 -23.61 -7.22 -12.96
C PRO C 239 -24.77 -6.57 -12.23
N ILE C 240 -25.74 -7.41 -11.87
CA ILE C 240 -26.95 -6.97 -11.21
C ILE C 240 -27.42 -8.06 -10.27
N THR C 241 -27.94 -7.65 -9.12
CA THR C 241 -28.42 -8.56 -8.08
C THR C 241 -29.81 -8.13 -7.64
N ASN C 242 -30.67 -9.11 -7.39
CA ASN C 242 -32.04 -8.89 -6.98
C ASN C 242 -32.22 -9.47 -5.59
N LYS C 243 -32.38 -8.59 -4.61
CA LYS C 243 -32.65 -9.00 -3.23
C LYS C 243 -34.00 -9.70 -3.14
N PHE C 244 -34.99 -9.19 -3.86
CA PHE C 244 -36.32 -9.79 -3.79
C PHE C 244 -36.27 -11.24 -4.25
N THR C 245 -35.52 -11.51 -5.32
CA THR C 245 -35.34 -12.85 -5.82
C THR C 245 -34.09 -13.50 -5.26
N ASN C 246 -33.19 -12.70 -4.67
CA ASN C 246 -31.91 -13.19 -4.19
C ASN C 246 -31.16 -13.90 -5.30
N THR C 247 -31.24 -13.34 -6.51
CA THR C 247 -30.60 -13.93 -7.67
C THR C 247 -29.84 -12.85 -8.42
N SER C 248 -28.71 -13.23 -9.00
CA SER C 248 -27.85 -12.28 -9.69
C SER C 248 -27.66 -12.68 -11.15
N GLY C 249 -26.88 -11.87 -11.84
CA GLY C 249 -26.56 -12.10 -13.24
C GLY C 249 -26.02 -10.82 -13.85
N PHE C 250 -26.21 -10.69 -15.16
CA PHE C 250 -25.71 -9.53 -15.89
C PHE C 250 -26.86 -8.81 -16.58
N ALA C 251 -26.57 -7.59 -17.03
CA ALA C 251 -27.56 -6.70 -17.62
C ALA C 251 -27.54 -6.83 -19.13
N ASN C 252 -28.70 -7.12 -19.72
CA ASN C 252 -28.79 -7.19 -21.18
C ASN C 252 -28.33 -5.90 -21.83
N LYS C 253 -28.68 -4.75 -21.25
CA LYS C 253 -28.23 -3.48 -21.78
C LYS C 253 -28.04 -2.51 -20.63
N THR C 254 -27.09 -1.59 -20.78
CA THR C 254 -26.85 -0.59 -19.74
C THR C 254 -26.31 0.69 -20.37
N GLN C 255 -26.82 1.82 -19.88
CA GLN C 255 -26.29 3.13 -20.17
C GLN C 255 -25.82 3.77 -18.87
N ASP C 256 -24.66 4.40 -18.90
CA ASP C 256 -24.06 5.01 -17.73
C ASP C 256 -23.59 6.41 -18.07
N VAL C 257 -23.84 7.35 -17.18
CA VAL C 257 -23.48 8.74 -17.34
C VAL C 257 -22.82 9.22 -16.06
N LEU C 258 -21.65 9.84 -16.20
CA LEU C 258 -20.89 10.34 -15.07
C LEU C 258 -20.44 11.76 -15.38
N LEU C 259 -20.54 12.63 -14.38
CA LEU C 259 -20.17 14.03 -14.54
C LEU C 259 -19.49 14.47 -13.26
N VAL C 260 -18.37 15.18 -13.39
CA VAL C 260 -17.60 15.61 -12.24
C VAL C 260 -17.13 17.04 -12.47
N ALA C 261 -17.13 17.82 -11.39
CA ALA C 261 -16.65 19.19 -11.42
C ALA C 261 -15.99 19.46 -10.07
N GLN C 262 -14.67 19.64 -10.10
CA GLN C 262 -13.91 19.89 -8.89
C GLN C 262 -13.09 21.16 -9.05
N TYR C 263 -13.10 21.98 -8.02
CA TYR C 263 -12.26 23.17 -7.94
C TYR C 263 -11.23 22.96 -6.84
N GLN C 264 -10.05 23.56 -7.02
CA GLN C 264 -8.97 23.43 -6.06
C GLN C 264 -8.53 24.83 -5.66
N PHE C 265 -8.15 24.96 -4.39
CA PHE C 265 -7.69 26.23 -3.84
C PHE C 265 -6.22 26.12 -3.44
N ASP C 266 -5.58 27.29 -3.37
CA ASP C 266 -4.17 27.33 -2.98
C ASP C 266 -3.99 26.81 -1.56
N PHE C 267 -4.95 27.08 -0.68
CA PHE C 267 -4.82 26.72 0.73
C PHE C 267 -5.37 25.32 0.99
N GLY C 268 -4.80 24.36 0.26
CA GLY C 268 -5.06 22.95 0.51
C GLY C 268 -6.52 22.56 0.63
N LEU C 269 -7.36 23.03 -0.28
CA LEU C 269 -8.77 22.67 -0.30
C LEU C 269 -9.19 22.24 -1.69
N ARG C 270 -10.18 21.37 -1.77
CA ARG C 270 -10.66 20.85 -3.05
C ARG C 270 -12.12 20.44 -2.91
N PRO C 271 -13.05 21.38 -3.10
CA PRO C 271 -14.45 21.00 -3.17
C PRO C 271 -14.76 20.26 -4.46
N SER C 272 -15.71 19.33 -4.38
CA SER C 272 -16.04 18.48 -5.51
C SER C 272 -17.55 18.32 -5.63
N ILE C 273 -17.99 18.11 -6.86
CA ILE C 273 -19.39 17.83 -7.18
C ILE C 273 -19.41 16.72 -8.21
N ALA C 274 -20.36 15.81 -8.09
CA ALA C 274 -20.45 14.70 -9.04
C ALA C 274 -21.89 14.28 -9.21
N TYR C 275 -22.31 14.17 -10.47
CA TYR C 275 -23.56 13.52 -10.83
C TYR C 275 -23.27 12.17 -11.46
N THR C 276 -24.19 11.23 -11.27
CA THR C 276 -24.00 9.86 -11.71
C THR C 276 -25.36 9.25 -12.03
N LYS C 277 -25.35 8.31 -12.96
CA LYS C 277 -26.57 7.58 -13.29
C LYS C 277 -26.20 6.33 -14.08
N SER C 278 -26.98 5.28 -13.86
CA SER C 278 -26.85 4.04 -14.61
C SER C 278 -28.23 3.44 -14.76
N LYS C 279 -28.63 3.20 -16.00
CA LYS C 279 -29.94 2.63 -16.31
C LYS C 279 -29.75 1.32 -17.06
N ALA C 280 -30.34 0.26 -16.54
CA ALA C 280 -30.33 -1.03 -17.20
C ALA C 280 -31.60 -1.18 -18.02
N LYS C 281 -31.46 -1.81 -19.18
CA LYS C 281 -32.53 -2.00 -20.13
C LYS C 281 -32.56 -3.46 -20.57
N ASP C 282 -33.74 -3.87 -21.01
CA ASP C 282 -34.00 -5.25 -21.45
C ASP C 282 -33.64 -6.25 -20.36
N VAL C 283 -33.92 -5.88 -19.12
CA VAL C 283 -33.70 -6.79 -18.00
C VAL C 283 -34.76 -7.89 -18.03
N GLU C 284 -34.36 -9.09 -17.62
CA GLU C 284 -35.24 -10.25 -17.67
C GLU C 284 -36.26 -10.14 -16.56
N GLY C 285 -37.48 -9.74 -16.93
CA GLY C 285 -38.58 -9.65 -16.00
C GLY C 285 -38.69 -8.34 -15.25
N ILE C 286 -37.77 -7.41 -15.45
CA ILE C 286 -37.80 -6.12 -14.76
C ILE C 286 -37.82 -4.95 -15.74
N GLY C 287 -37.95 -5.22 -17.03
CA GLY C 287 -37.96 -4.14 -17.99
C GLY C 287 -36.74 -3.25 -17.86
N ASP C 288 -36.97 -1.94 -17.77
CA ASP C 288 -35.93 -0.95 -17.61
C ASP C 288 -35.97 -0.41 -16.19
N VAL C 289 -34.79 -0.21 -15.60
CA VAL C 289 -34.68 0.22 -14.20
C VAL C 289 -33.42 1.03 -14.04
N ASP C 290 -33.35 1.78 -12.95
CA ASP C 290 -32.17 2.57 -12.62
C ASP C 290 -31.42 1.88 -11.49
N LEU C 291 -30.14 1.57 -11.75
CA LEU C 291 -29.32 0.94 -10.71
C LEU C 291 -28.82 1.98 -9.72
N VAL C 292 -28.35 3.13 -10.22
CA VAL C 292 -27.81 4.18 -9.36
C VAL C 292 -28.17 5.52 -9.97
N ASN C 293 -28.59 6.45 -9.12
CA ASN C 293 -28.96 7.80 -9.56
C ASN C 293 -28.81 8.69 -8.32
N TYR C 294 -27.72 9.44 -8.27
CA TYR C 294 -27.40 10.20 -7.07
C TYR C 294 -26.56 11.40 -7.42
N PHE C 295 -26.51 12.34 -6.48
CA PHE C 295 -25.57 13.45 -6.51
C PHE C 295 -24.49 13.21 -5.47
N GLU C 296 -23.34 13.82 -5.71
CA GLU C 296 -22.27 13.89 -4.71
C GLU C 296 -22.07 15.34 -4.32
N VAL C 297 -21.76 15.56 -3.05
CA VAL C 297 -21.28 16.86 -2.58
C VAL C 297 -20.22 16.58 -1.53
N GLY C 298 -18.99 16.95 -1.82
CA GLY C 298 -17.91 16.63 -0.91
C GLY C 298 -16.77 17.59 -0.98
N ALA C 299 -15.71 17.29 -0.24
CA ALA C 299 -14.57 18.18 -0.15
C ALA C 299 -13.37 17.38 0.31
N THR C 300 -12.19 17.98 0.13
CA THR C 300 -10.94 17.36 0.51
C THR C 300 -9.95 18.46 0.87
N TYR C 301 -9.39 18.37 2.06
CA TYR C 301 -8.32 19.24 2.49
C TYR C 301 -7.01 18.49 2.32
N TYR C 302 -6.09 19.09 1.58
CA TYR C 302 -4.77 18.51 1.36
C TYR C 302 -3.79 19.27 2.23
N PHE C 303 -3.52 18.73 3.42
CA PHE C 303 -2.45 19.27 4.24
C PHE C 303 -1.14 19.25 3.48
N ASN C 304 -0.90 18.17 2.75
CA ASN C 304 0.23 18.03 1.86
C ASN C 304 -0.04 16.81 0.98
N LYS C 305 0.93 16.46 0.15
CA LYS C 305 0.75 15.30 -0.70
C LYS C 305 0.61 14.03 0.13
N ASN C 306 1.31 13.96 1.26
CA ASN C 306 1.36 12.75 2.07
C ASN C 306 0.26 12.68 3.12
N MET C 307 -0.52 13.74 3.31
CA MET C 307 -1.54 13.77 4.36
C MET C 307 -2.77 14.49 3.82
N SER C 308 -3.94 13.91 4.04
CA SER C 308 -5.17 14.52 3.53
C SER C 308 -6.36 14.10 4.38
N THR C 309 -7.42 14.89 4.28
CA THR C 309 -8.69 14.61 4.93
C THR C 309 -9.79 14.86 3.91
N TYR C 310 -10.92 14.16 4.05
CA TYR C 310 -11.97 14.35 3.06
C TYR C 310 -13.32 13.92 3.60
N VAL C 311 -14.36 14.40 2.91
CA VAL C 311 -15.74 14.13 3.26
C VAL C 311 -16.53 14.00 1.95
N ASP C 312 -17.53 13.14 1.96
CA ASP C 312 -18.39 12.96 0.79
C ASP C 312 -19.81 12.66 1.25
N TYR C 313 -20.77 13.44 0.76
CA TYR C 313 -22.18 13.28 1.09
C TYR C 313 -22.91 12.85 -0.18
N ILE C 314 -23.51 11.67 -0.15
CA ILE C 314 -24.12 11.05 -1.31
C ILE C 314 -25.63 11.22 -1.16
N ILE C 315 -26.20 12.02 -2.07
CA ILE C 315 -27.64 12.24 -2.12
C ILE C 315 -28.20 11.21 -3.09
N ASN C 316 -28.63 10.08 -2.54
CA ASN C 316 -29.23 9.02 -3.35
C ASN C 316 -30.63 9.43 -3.77
N GLN C 317 -30.82 9.60 -5.07
CA GLN C 317 -32.14 9.92 -5.62
C GLN C 317 -32.95 8.68 -5.93
N ILE C 318 -32.38 7.49 -5.71
CA ILE C 318 -33.10 6.26 -5.99
C ILE C 318 -34.37 6.19 -5.15
N ASP C 319 -35.44 5.73 -5.76
CA ASP C 319 -36.71 5.57 -5.07
C ASP C 319 -36.79 4.20 -4.43
N SER C 320 -37.59 4.10 -3.37
CA SER C 320 -37.73 2.84 -2.66
C SER C 320 -38.38 1.76 -3.50
N ASP C 321 -39.33 2.13 -4.36
CA ASP C 321 -40.07 1.13 -5.13
C ASP C 321 -39.22 0.44 -6.20
N ASN C 322 -37.92 0.73 -6.28
CA ASN C 322 -37.05 0.08 -7.25
C ASN C 322 -37.25 -1.43 -7.20
N LYS C 323 -37.27 -2.04 -8.39
CA LYS C 323 -37.62 -3.44 -8.58
C LYS C 323 -36.44 -4.38 -8.42
N LEU C 324 -35.37 -3.93 -7.76
CA LEU C 324 -34.21 -4.79 -7.53
C LEU C 324 -33.73 -4.77 -6.09
N GLY C 325 -34.33 -3.97 -5.23
CA GLY C 325 -33.90 -3.88 -3.85
C GLY C 325 -32.71 -2.97 -3.64
N VAL C 326 -32.36 -2.14 -4.61
CA VAL C 326 -31.23 -1.24 -4.47
C VAL C 326 -31.54 -0.22 -3.39
N GLY C 327 -30.51 0.16 -2.64
CA GLY C 327 -30.71 1.09 -1.55
C GLY C 327 -31.22 2.43 -2.03
N SER C 328 -32.30 2.91 -1.40
CA SER C 328 -32.91 4.18 -1.72
C SER C 328 -32.61 5.24 -0.66
N ASP C 329 -31.54 5.07 0.10
CA ASP C 329 -31.20 5.98 1.18
C ASP C 329 -29.94 6.76 0.85
N ASP C 330 -29.79 7.89 1.52
CA ASP C 330 -28.61 8.73 1.38
C ASP C 330 -27.44 8.11 2.13
N THR C 331 -26.29 8.76 2.10
CA THR C 331 -25.14 8.25 2.84
C THR C 331 -24.12 9.37 3.00
N VAL C 332 -23.19 9.18 3.92
CA VAL C 332 -22.05 10.08 4.05
C VAL C 332 -20.84 9.28 4.48
N ALA C 333 -19.67 9.77 4.10
CA ALA C 333 -18.41 9.15 4.43
C ALA C 333 -17.41 10.22 4.83
N VAL C 334 -16.62 9.93 5.87
CA VAL C 334 -15.60 10.83 6.36
C VAL C 334 -14.31 10.04 6.50
N GLY C 335 -13.23 10.56 5.93
CA GLY C 335 -11.99 9.83 5.87
C GLY C 335 -10.78 10.71 6.14
N ILE C 336 -9.74 10.08 6.65
CA ILE C 336 -8.45 10.70 6.90
C ILE C 336 -7.39 9.77 6.34
N VAL C 337 -6.36 10.33 5.72
CA VAL C 337 -5.42 9.54 4.93
C VAL C 337 -4.00 10.02 5.23
N TYR C 338 -3.11 9.06 5.45
CA TYR C 338 -1.67 9.27 5.38
C TYR C 338 -1.13 8.39 4.27
N GLN C 339 -0.19 8.92 3.49
CA GLN C 339 0.36 8.15 2.39
C GLN C 339 1.77 8.64 2.06
N PHE C 340 2.67 7.69 1.85
CA PHE C 340 4.05 8.01 1.51
C PHE C 340 4.34 7.67 0.05
N GLY D 3 1.72 -9.61 25.20
CA GLY D 3 2.99 -10.29 25.01
C GLY D 3 4.13 -9.34 24.75
N GLY D 4 4.41 -8.48 25.73
CA GLY D 4 5.44 -7.48 25.62
C GLY D 4 5.04 -6.31 24.77
N ASP D 5 3.75 -6.18 24.46
CA ASP D 5 3.28 -5.09 23.63
C ASP D 5 3.35 -3.77 24.39
N GLY D 6 3.28 -3.84 25.71
CA GLY D 6 3.30 -2.64 26.53
C GLY D 6 4.55 -1.81 26.35
N ARG D 7 5.64 -2.42 25.87
CA ARG D 7 6.89 -1.72 25.68
C ARG D 7 6.63 -0.37 25.02
N GLY D 8 7.19 0.68 25.58
CA GLY D 8 6.89 1.99 25.03
C GLY D 8 5.41 2.26 25.21
N HIS D 9 4.73 2.48 24.08
CA HIS D 9 3.29 2.70 24.06
C HIS D 9 2.93 3.84 25.02
N ASN D 10 3.64 4.95 24.86
CA ASN D 10 3.47 6.09 25.75
C ASN D 10 2.03 6.56 25.74
N THR D 11 1.50 6.84 26.92
CA THR D 11 0.19 7.46 27.00
C THR D 11 0.31 8.92 26.63
N GLY D 12 -0.75 9.45 26.02
CA GLY D 12 -0.72 10.81 25.53
C GLY D 12 -0.26 10.89 24.09
N ALA D 13 -0.09 12.13 23.63
CA ALA D 13 0.25 12.37 22.24
C ALA D 13 1.55 11.65 21.87
N HIS D 14 1.53 10.98 20.71
CA HIS D 14 2.67 10.22 20.22
C HIS D 14 3.33 10.97 19.07
N SER D 15 4.64 11.22 19.20
CA SER D 15 5.40 11.88 18.15
C SER D 15 6.84 11.39 18.19
N THR D 16 7.52 11.55 17.06
CA THR D 16 8.91 11.17 16.92
C THR D 16 9.79 12.39 17.16
N SER D 17 11.03 12.36 16.69
CA SER D 17 11.97 13.44 16.92
C SER D 17 12.74 13.81 15.65
N GLY D 18 12.75 15.11 15.33
CA GLY D 18 13.59 15.64 14.27
C GLY D 18 13.21 15.40 12.83
N ASN D 19 12.18 16.07 12.35
CA ASN D 19 11.84 16.03 10.94
C ASN D 19 12.81 16.91 10.14
N ILE D 20 13.05 16.52 8.89
CA ILE D 20 14.11 17.13 8.10
C ILE D 20 13.74 18.53 7.64
N ASN D 21 12.53 18.71 7.14
CA ASN D 21 12.14 19.94 6.50
C ASN D 21 11.09 20.71 7.29
N GLY D 22 11.08 22.03 7.09
CA GLY D 22 10.07 22.87 7.68
C GLY D 22 8.71 22.63 7.05
N GLY D 23 7.68 22.72 7.87
CA GLY D 23 6.34 22.38 7.45
C GLY D 23 5.83 23.19 6.26
N PRO D 24 5.33 22.52 5.23
CA PRO D 24 4.68 23.26 4.13
C PRO D 24 3.29 23.74 4.49
N THR D 25 2.93 24.89 3.92
CA THR D 25 1.61 25.46 4.18
C THR D 25 0.49 24.51 3.75
N GLY D 26 0.66 23.85 2.61
CA GLY D 26 -0.35 22.94 2.12
C GLY D 26 0.01 22.28 0.80
N ILE D 27 -0.99 22.04 -0.04
CA ILE D 27 -0.78 21.48 -1.37
C ILE D 27 -1.08 22.51 -2.45
N GLY D 28 -1.04 23.80 -2.08
CA GLY D 28 -1.28 24.85 -3.06
C GLY D 28 -0.34 24.75 -4.24
N VAL D 29 0.92 24.41 -3.98
CA VAL D 29 1.90 24.17 -5.04
C VAL D 29 2.06 22.65 -5.13
N SER D 30 1.43 22.06 -6.14
CA SER D 30 1.30 20.62 -6.32
C SER D 30 2.45 20.06 -7.16
N GLY D 31 2.71 20.67 -8.32
CA GLY D 31 3.75 20.18 -9.21
C GLY D 31 5.12 20.15 -8.57
N GLY D 32 5.43 21.14 -7.74
CA GLY D 32 6.72 21.22 -7.07
C GLY D 32 6.93 22.65 -6.58
N CYS D 33 8.20 23.01 -6.36
CA CYS D 33 8.48 24.39 -5.93
C CYS D 33 8.49 25.20 -7.24
N SER D 34 7.31 25.24 -7.87
CA SER D 34 7.12 25.88 -9.17
C SER D 34 5.72 26.48 -9.33
N ASP D 35 5.61 27.35 -10.35
CA ASP D 35 4.36 27.98 -10.74
C ASP D 35 3.47 27.01 -11.48
N GLY D 36 4.01 25.89 -11.93
CA GLY D 36 3.25 24.99 -12.75
C GLY D 36 3.28 25.38 -14.21
N SER D 37 3.93 26.50 -14.52
CA SER D 37 3.94 27.04 -15.88
C SER D 37 4.66 26.15 -16.89
N GLY D 38 5.99 25.99 -16.74
CA GLY D 38 6.82 25.12 -17.59
C GLY D 38 7.50 25.71 -18.82
N TRP D 39 7.11 26.88 -19.33
CA TRP D 39 7.83 27.42 -20.49
C TRP D 39 9.26 27.86 -20.18
N SER D 40 9.46 28.60 -19.09
CA SER D 40 10.77 29.08 -18.69
C SER D 40 11.30 28.21 -17.57
N SER D 41 12.51 28.50 -17.11
CA SER D 41 13.08 27.69 -16.05
C SER D 41 12.66 28.20 -14.67
N GLU D 42 11.35 28.23 -14.44
CA GLU D 42 10.80 28.43 -13.11
C GLU D 42 10.03 27.20 -12.66
N ASN D 43 9.43 26.52 -13.64
CA ASN D 43 8.77 25.24 -13.43
C ASN D 43 9.69 24.12 -13.89
N ASN D 44 9.92 23.18 -13.01
CA ASN D 44 10.83 22.10 -13.34
CA ASN D 44 10.83 22.10 -13.34
C ASN D 44 12.23 22.64 -13.66
N PRO D 45 12.78 23.54 -12.84
CA PRO D 45 14.21 23.82 -12.96
C PRO D 45 15.08 22.86 -12.16
N TRP D 46 14.48 22.13 -11.23
CA TRP D 46 15.14 21.03 -10.53
C TRP D 46 14.63 19.66 -10.96
N GLY D 47 13.37 19.59 -11.39
CA GLY D 47 12.74 18.32 -11.68
C GLY D 47 13.50 17.47 -12.68
N GLY D 48 13.59 16.17 -12.39
CA GLY D 48 14.29 15.24 -13.25
C GLY D 48 13.60 13.89 -13.25
N GLY D 49 13.58 13.23 -14.40
CA GLY D 49 12.91 11.95 -14.54
C GLY D 49 11.49 11.99 -14.03
N SER D 50 10.69 12.89 -14.61
CA SER D 50 9.37 13.21 -14.08
C SER D 50 8.47 11.99 -14.11
N GLY D 51 8.14 11.54 -15.32
CA GLY D 51 7.23 10.42 -15.52
C GLY D 51 7.68 9.55 -16.69
N SER D 52 8.95 9.15 -16.68
CA SER D 52 9.47 8.32 -17.77
C SER D 52 8.64 7.05 -17.94
N GLY D 53 8.20 6.46 -16.84
CA GLY D 53 7.40 5.25 -16.95
C GLY D 53 6.03 5.55 -17.53
N ILE D 54 5.43 4.49 -18.07
CA ILE D 54 4.07 4.59 -18.64
C ILE D 54 3.12 4.70 -17.46
N HIS D 55 1.89 5.12 -17.70
CA HIS D 55 0.92 5.34 -16.62
C HIS D 55 0.58 4.00 -16.00
N TRP D 56 0.33 3.98 -14.68
CA TRP D 56 -0.08 2.75 -13.96
C TRP D 56 -1.34 3.08 -13.16
N GLY D 57 -2.51 2.62 -13.61
CA GLY D 57 -3.78 2.91 -12.93
C GLY D 57 -4.01 4.39 -12.69
N GLY D 58 -3.82 5.27 -13.68
CA GLY D 58 -4.11 6.70 -13.54
C GLY D 58 -5.53 6.94 -13.03
N GLY D 59 -5.73 7.69 -11.93
CA GLY D 59 -7.03 7.93 -11.32
C GLY D 59 -7.10 7.41 -9.89
N SER D 60 -8.15 7.83 -9.20
CA SER D 60 -8.32 7.49 -7.79
C SER D 60 -8.41 5.97 -7.60
N GLY D 61 -9.17 5.28 -8.44
CA GLY D 61 -9.27 3.84 -8.37
C GLY D 61 -10.24 3.30 -7.35
N ARG D 62 -10.97 4.16 -6.64
CA ARG D 62 -11.96 3.71 -5.66
C ARG D 62 -13.27 3.45 -6.41
N GLY D 63 -13.33 2.29 -7.04
CA GLY D 63 -14.41 2.04 -7.99
C GLY D 63 -15.79 2.09 -7.34
N ASN D 64 -15.96 1.40 -6.22
CA ASN D 64 -17.27 1.32 -5.59
C ASN D 64 -17.26 1.85 -4.16
N GLY D 65 -16.46 1.28 -3.29
CA GLY D 65 -16.41 1.65 -1.90
C GLY D 65 -15.99 0.46 -1.07
N GLY D 66 -15.26 0.73 0.00
CA GLY D 66 -14.85 -0.34 0.88
C GLY D 66 -16.03 -1.02 1.53
N GLY D 67 -16.04 -2.35 1.53
CA GLY D 67 -17.13 -3.08 2.16
C GLY D 67 -18.49 -2.77 1.59
N ALA D 85 -35.35 -14.16 -0.56
CA ALA D 85 -36.39 -14.74 0.28
C ALA D 85 -37.71 -14.80 -0.48
N ALA D 86 -37.68 -15.40 -1.67
CA ALA D 86 -38.86 -15.48 -2.52
C ALA D 86 -40.06 -15.98 -1.71
N PRO D 87 -41.18 -15.27 -1.72
CA PRO D 87 -42.30 -15.64 -0.85
C PRO D 87 -43.06 -16.84 -1.40
N VAL D 88 -43.54 -17.69 -0.50
CA VAL D 88 -44.33 -18.86 -0.86
C VAL D 88 -45.80 -18.49 -0.87
N ALA D 89 -46.50 -18.87 -1.94
CA ALA D 89 -47.90 -18.54 -2.09
C ALA D 89 -48.72 -19.08 -0.92
N PHE D 90 -49.80 -18.37 -0.61
CA PHE D 90 -50.67 -18.74 0.50
C PHE D 90 -51.47 -19.98 0.14
N GLY D 91 -51.52 -20.95 1.04
CA GLY D 91 -52.35 -22.12 0.81
C GLY D 91 -51.70 -23.22 0.01
N PHE D 92 -50.38 -23.22 -0.14
CA PHE D 92 -49.67 -24.22 -0.92
C PHE D 92 -48.60 -24.91 -0.08
N PRO D 93 -48.98 -25.96 0.65
CA PRO D 93 -48.06 -26.66 1.57
C PRO D 93 -46.68 -26.91 0.98
N ALA D 94 -45.62 -26.56 1.73
CA ALA D 94 -44.27 -26.75 1.24
C ALA D 94 -43.36 -27.17 2.38
N LEU D 95 -42.25 -27.82 2.03
CA LEU D 95 -41.29 -28.28 3.02
C LEU D 95 -40.44 -27.12 3.46
N SER D 96 -40.27 -26.97 4.78
CA SER D 96 -39.21 -26.16 5.35
C SER D 96 -38.27 -26.97 6.25
N THR D 97 -37.04 -27.16 5.80
CA THR D 97 -36.03 -27.75 6.66
C THR D 97 -35.82 -26.78 7.82
N PRO D 98 -35.83 -27.22 9.07
CA PRO D 98 -35.58 -26.27 10.16
C PRO D 98 -34.11 -25.90 10.26
N GLY D 99 -33.87 -24.81 11.00
CA GLY D 99 -32.56 -24.45 11.47
C GLY D 99 -32.45 -24.58 12.97
N ALA D 100 -31.30 -24.16 13.50
CA ALA D 100 -31.23 -23.99 14.95
C ALA D 100 -32.13 -22.85 15.39
N GLY D 101 -32.13 -21.76 14.62
CA GLY D 101 -33.00 -20.62 14.85
C GLY D 101 -34.46 -20.87 14.52
N GLY D 102 -34.81 -22.14 14.32
CA GLY D 102 -36.18 -22.49 14.04
C GLY D 102 -36.43 -22.65 12.54
N LEU D 103 -37.71 -22.73 12.19
CA LEU D 103 -38.09 -22.76 10.80
C LEU D 103 -37.95 -21.36 10.17
N ALA D 104 -37.74 -21.34 8.85
CA ALA D 104 -37.74 -20.12 8.08
C ALA D 104 -38.93 -20.12 7.12
N VAL D 105 -39.76 -19.09 7.22
CA VAL D 105 -40.90 -18.90 6.32
C VAL D 105 -40.90 -17.45 5.85
N SER D 106 -41.26 -17.25 4.58
CA SER D 106 -41.43 -15.91 4.01
C SER D 106 -42.79 -15.83 3.35
N ILE D 107 -43.68 -15.03 3.91
CA ILE D 107 -45.02 -14.82 3.35
C ILE D 107 -44.99 -13.68 2.35
N SER D 108 -46.10 -13.50 1.63
CA SER D 108 -46.31 -12.33 0.78
C SER D 108 -47.52 -11.54 1.29
N ALA D 109 -47.71 -10.36 0.72
CA ALA D 109 -48.92 -9.57 0.98
C ALA D 109 -50.05 -9.95 0.04
N SER D 110 -49.73 -10.27 -1.21
CA SER D 110 -50.73 -10.55 -2.23
C SER D 110 -51.71 -11.63 -1.76
N GLU D 111 -52.99 -11.31 -1.85
CA GLU D 111 -54.02 -12.16 -1.27
C GLU D 111 -54.12 -13.48 -2.03
N LEU D 112 -54.65 -14.49 -1.35
CA LEU D 112 -54.50 -15.86 -1.81
C LEU D 112 -55.23 -16.09 -3.13
N SER D 113 -54.63 -16.93 -3.97
CA SER D 113 -55.05 -17.10 -5.35
C SER D 113 -56.48 -17.62 -5.43
N ALA D 114 -57.04 -17.56 -6.65
CA ALA D 114 -58.40 -18.05 -6.88
C ALA D 114 -58.58 -19.45 -6.32
N ALA D 115 -57.59 -20.32 -6.50
CA ALA D 115 -57.67 -21.71 -6.06
C ALA D 115 -58.19 -21.81 -4.63
N ILE D 116 -57.41 -21.29 -3.68
CA ILE D 116 -57.70 -21.54 -2.27
C ILE D 116 -58.98 -20.82 -1.84
N ALA D 117 -59.19 -19.59 -2.31
CA ALA D 117 -60.45 -18.90 -2.05
C ALA D 117 -61.63 -19.75 -2.50
N GLY D 118 -61.57 -20.24 -3.73
CA GLY D 118 -62.50 -21.22 -4.28
C GLY D 118 -62.77 -22.34 -3.31
N ILE D 119 -61.71 -23.06 -2.95
CA ILE D 119 -61.82 -24.20 -2.05
C ILE D 119 -62.56 -23.80 -0.78
N ILE D 120 -62.19 -22.67 -0.18
CA ILE D 120 -62.74 -22.29 1.12
C ILE D 120 -64.21 -21.88 0.99
N ALA D 121 -64.57 -21.28 -0.14
CA ALA D 121 -65.98 -20.96 -0.42
C ALA D 121 -66.79 -22.23 -0.59
N LYS D 122 -66.37 -23.10 -1.51
CA LYS D 122 -66.99 -24.41 -1.65
C LYS D 122 -67.18 -25.06 -0.29
N LEU D 123 -66.10 -25.14 0.50
CA LEU D 123 -66.13 -25.88 1.75
C LEU D 123 -67.01 -25.20 2.79
N LYS D 124 -67.22 -23.88 2.65
CA LYS D 124 -68.03 -23.15 3.60
C LYS D 124 -69.49 -23.62 3.57
N LYS D 125 -70.00 -23.93 2.39
CA LYS D 125 -71.40 -24.30 2.24
C LYS D 125 -71.54 -25.78 1.90
N PRO D 132 -66.84 -33.87 10.34
CA PRO D 132 -65.75 -33.03 9.84
C PRO D 132 -65.24 -33.48 8.47
N PHE D 133 -65.36 -32.60 7.48
CA PHE D 133 -64.94 -32.88 6.11
C PHE D 133 -63.84 -31.91 5.71
N GLY D 134 -63.29 -32.11 4.52
CA GLY D 134 -62.17 -31.29 4.09
C GLY D 134 -61.72 -31.68 2.70
N VAL D 135 -60.74 -30.93 2.20
CA VAL D 135 -60.26 -31.02 0.83
C VAL D 135 -58.74 -31.12 0.87
N VAL D 136 -58.17 -32.03 0.10
CA VAL D 136 -56.76 -32.35 0.18
C VAL D 136 -55.98 -31.38 -0.70
N LEU D 137 -55.04 -30.65 -0.09
CA LEU D 137 -54.14 -29.79 -0.83
C LEU D 137 -52.98 -30.58 -1.43
N SER D 138 -52.32 -31.40 -0.63
CA SER D 138 -51.09 -32.06 -1.06
C SER D 138 -51.02 -33.46 -0.44
N SER D 139 -50.14 -34.28 -1.00
CA SER D 139 -49.88 -35.63 -0.53
C SER D 139 -48.39 -35.78 -0.31
N LEU D 140 -48.01 -36.55 0.71
CA LEU D 140 -46.62 -36.67 1.10
C LEU D 140 -46.08 -38.07 0.88
N ILE D 141 -44.80 -38.13 0.52
CA ILE D 141 -44.10 -39.35 0.11
C ILE D 141 -42.74 -39.35 0.80
N PRO D 142 -42.58 -40.00 1.96
CA PRO D 142 -41.27 -39.93 2.64
C PRO D 142 -40.12 -40.43 1.79
N SER D 143 -40.33 -41.52 1.03
CA SER D 143 -39.33 -42.03 0.10
C SER D 143 -38.63 -40.89 -0.63
N GLU D 144 -39.40 -39.90 -1.07
CA GLU D 144 -38.81 -38.83 -1.88
C GLU D 144 -38.27 -37.73 -0.97
N ILE D 145 -39.02 -37.37 0.07
CA ILE D 145 -38.65 -36.25 0.92
C ILE D 145 -37.28 -36.49 1.52
N ALA D 146 -36.92 -37.75 1.76
CA ALA D 146 -35.63 -38.07 2.36
C ALA D 146 -34.49 -37.97 1.37
N LYS D 147 -34.76 -38.16 0.07
CA LYS D 147 -33.72 -37.98 -0.94
C LYS D 147 -32.98 -36.66 -0.75
N ASP D 148 -33.70 -35.58 -0.43
CA ASP D 148 -33.08 -34.30 -0.13
C ASP D 148 -32.88 -34.06 1.36
N ASP D 149 -33.80 -34.52 2.20
CA ASP D 149 -33.70 -34.35 3.65
C ASP D 149 -33.57 -35.73 4.30
N PRO D 150 -32.37 -36.33 4.24
CA PRO D 150 -32.24 -37.71 4.73
C PRO D 150 -32.60 -37.85 6.20
N ASN D 151 -32.24 -36.86 7.02
CA ASN D 151 -32.49 -36.92 8.46
C ASN D 151 -33.98 -36.89 8.79
N MET D 152 -34.82 -36.49 7.85
CA MET D 152 -36.27 -36.34 8.09
C MET D 152 -36.52 -35.31 9.18
N MET D 153 -35.74 -34.22 9.14
CA MET D 153 -35.95 -33.08 10.03
C MET D 153 -36.96 -32.08 9.45
N SER D 154 -37.17 -32.13 8.14
CA SER D 154 -37.99 -31.13 7.45
C SER D 154 -39.43 -31.20 7.92
N LYS D 155 -40.05 -30.03 8.06
CA LYS D 155 -41.48 -29.97 8.36
C LYS D 155 -42.22 -29.49 7.11
N ILE D 156 -43.53 -29.35 7.24
CA ILE D 156 -44.36 -28.90 6.12
C ILE D 156 -45.20 -27.73 6.62
N VAL D 157 -44.89 -26.56 6.11
CA VAL D 157 -45.52 -25.30 6.49
C VAL D 157 -46.55 -24.91 5.44
N THR D 158 -47.61 -24.26 5.91
CA THR D 158 -48.71 -23.79 5.08
C THR D 158 -49.23 -22.53 5.76
N SER D 159 -49.67 -21.56 4.95
CA SER D 159 -50.10 -20.29 5.52
C SER D 159 -51.24 -19.71 4.70
N LEU D 160 -52.16 -19.08 5.41
CA LEU D 160 -53.36 -18.40 4.92
C LEU D 160 -53.46 -17.03 5.58
N PRO D 161 -54.13 -16.06 4.96
CA PRO D 161 -54.31 -14.78 5.65
C PRO D 161 -55.44 -14.90 6.66
N ALA D 162 -55.13 -14.57 7.92
CA ALA D 162 -56.02 -14.89 9.03
C ALA D 162 -57.46 -14.48 8.77
N ASP D 163 -57.68 -13.36 8.09
CA ASP D 163 -59.03 -12.86 7.92
C ASP D 163 -59.91 -13.80 7.10
N ASP D 164 -59.31 -14.50 6.13
CA ASP D 164 -60.06 -15.48 5.35
C ASP D 164 -60.47 -16.70 6.16
N ILE D 165 -59.79 -16.97 7.27
CA ILE D 165 -60.17 -18.08 8.15
C ILE D 165 -61.19 -17.65 9.19
N THR D 166 -60.95 -16.53 9.88
CA THR D 166 -61.67 -16.20 11.08
C THR D 166 -62.86 -15.28 10.77
N GLU D 167 -64.00 -15.59 11.39
CA GLU D 167 -65.21 -14.79 11.21
C GLU D 167 -65.08 -13.41 11.85
N SER D 168 -64.51 -13.35 13.06
CA SER D 168 -64.26 -12.08 13.72
C SER D 168 -62.84 -11.62 13.41
N PRO D 169 -62.66 -10.52 12.67
CA PRO D 169 -61.31 -10.01 12.38
C PRO D 169 -60.38 -10.02 13.59
N VAL D 170 -59.11 -10.36 13.35
CA VAL D 170 -58.17 -10.51 14.45
C VAL D 170 -57.90 -9.17 15.13
N SER D 171 -57.94 -8.08 14.35
CA SER D 171 -57.82 -6.74 14.92
C SER D 171 -58.81 -6.53 16.06
N SER D 172 -60.10 -6.63 15.75
CA SER D 172 -61.17 -6.42 16.73
C SER D 172 -61.30 -7.63 17.67
N LEU D 173 -60.23 -7.86 18.44
CA LEU D 173 -60.17 -8.99 19.35
C LEU D 173 -59.43 -8.57 20.62
N PRO D 174 -59.94 -8.92 21.79
CA PRO D 174 -59.19 -8.68 23.03
C PRO D 174 -57.77 -9.22 22.95
N LEU D 175 -56.84 -8.52 23.60
CA LEU D 175 -55.49 -9.02 23.73
C LEU D 175 -55.38 -10.17 24.73
N ASP D 176 -56.41 -10.39 25.55
CA ASP D 176 -56.38 -11.48 26.51
C ASP D 176 -56.65 -12.84 25.86
N LYS D 177 -57.42 -12.87 24.78
CA LYS D 177 -57.74 -14.12 24.11
C LYS D 177 -56.48 -14.79 23.56
N ALA D 178 -56.33 -16.08 23.86
CA ALA D 178 -55.23 -16.87 23.33
C ALA D 178 -55.64 -17.79 22.19
N THR D 179 -56.94 -18.01 21.99
CA THR D 179 -57.46 -18.96 21.01
C THR D 179 -58.60 -18.29 20.26
N VAL D 180 -58.37 -17.93 19.00
CA VAL D 180 -59.42 -17.38 18.15
C VAL D 180 -60.13 -18.50 17.41
N ASN D 181 -61.44 -18.34 17.22
CA ASN D 181 -62.21 -19.34 16.49
C ASN D 181 -61.94 -19.23 15.00
N VAL D 182 -61.99 -20.38 14.32
CA VAL D 182 -61.72 -20.42 12.89
C VAL D 182 -62.77 -21.27 12.18
N ASN D 183 -63.04 -20.91 10.92
CA ASN D 183 -64.02 -21.60 10.09
C ASN D 183 -63.42 -22.76 9.33
N VAL D 184 -62.10 -22.79 9.16
CA VAL D 184 -61.39 -23.84 8.47
C VAL D 184 -59.99 -23.92 9.07
N ARG D 185 -59.32 -25.04 8.84
CA ARG D 185 -57.93 -25.20 9.25
C ARG D 185 -57.14 -25.97 8.21
N VAL D 186 -55.82 -25.84 8.26
CA VAL D 186 -54.93 -26.64 7.41
C VAL D 186 -54.30 -27.70 8.30
N VAL D 187 -54.52 -28.97 7.96
CA VAL D 187 -54.35 -30.07 8.90
C VAL D 187 -53.79 -31.28 8.15
N ASP D 188 -52.92 -32.03 8.84
CA ASP D 188 -52.45 -33.29 8.29
C ASP D 188 -53.48 -34.39 8.51
N ASP D 189 -53.70 -35.19 7.47
CA ASP D 189 -54.66 -36.28 7.45
C ASP D 189 -53.95 -37.51 6.90
N VAL D 190 -54.49 -38.69 7.17
CA VAL D 190 -53.94 -39.92 6.61
C VAL D 190 -55.06 -40.59 5.83
N LYS D 191 -54.92 -40.64 4.52
CA LYS D 191 -55.95 -41.21 3.65
C LYS D 191 -55.30 -41.94 2.48
N ASP D 192 -55.95 -43.03 2.05
CA ASP D 192 -55.44 -43.88 0.99
C ASP D 192 -53.95 -44.10 1.15
N GLU D 193 -53.57 -44.51 2.35
CA GLU D 193 -52.25 -45.04 2.65
C GLU D 193 -51.16 -44.00 2.47
N ARG D 194 -51.51 -42.72 2.31
CA ARG D 194 -50.54 -41.64 2.38
C ARG D 194 -50.96 -40.57 3.36
N GLN D 195 -49.96 -39.96 4.00
CA GLN D 195 -50.20 -38.72 4.72
C GLN D 195 -50.44 -37.62 3.69
N ASN D 196 -51.35 -36.69 4.00
CA ASN D 196 -51.56 -35.58 3.10
C ASN D 196 -52.05 -34.35 3.85
N ILE D 197 -51.64 -33.20 3.37
CA ILE D 197 -52.01 -31.92 3.97
C ILE D 197 -53.31 -31.50 3.31
N SER D 198 -54.27 -31.02 4.10
CA SER D 198 -55.57 -30.72 3.50
C SER D 198 -56.34 -29.73 4.37
N VAL D 199 -57.30 -29.09 3.73
CA VAL D 199 -58.06 -28.01 4.34
C VAL D 199 -59.35 -28.58 4.94
N VAL D 200 -59.52 -28.43 6.24
CA VAL D 200 -60.58 -29.08 6.98
C VAL D 200 -61.57 -27.99 7.39
N SER D 201 -62.76 -28.42 7.82
CA SER D 201 -63.84 -27.49 8.14
C SER D 201 -65.05 -28.24 8.66
N GLY D 202 -66.16 -27.54 8.86
CA GLY D 202 -67.43 -28.19 9.09
C GLY D 202 -67.82 -28.37 10.54
N VAL D 203 -66.93 -28.05 11.48
CA VAL D 203 -67.31 -28.09 12.90
C VAL D 203 -66.85 -26.81 13.58
N PRO D 204 -67.24 -26.60 14.85
CA PRO D 204 -66.56 -25.61 15.68
C PRO D 204 -65.08 -25.90 15.87
N MET D 205 -64.25 -24.96 15.42
CA MET D 205 -62.80 -25.08 15.59
C MET D 205 -62.25 -23.75 16.04
N SER D 206 -61.04 -23.79 16.61
CA SER D 206 -60.43 -22.62 17.22
C SER D 206 -58.97 -22.93 17.51
N VAL D 207 -58.11 -21.97 17.25
CA VAL D 207 -56.67 -22.23 17.25
C VAL D 207 -55.95 -21.17 18.08
N PRO D 208 -54.77 -21.53 18.61
CA PRO D 208 -53.86 -20.56 19.21
C PRO D 208 -53.67 -19.25 18.46
N VAL D 209 -53.50 -18.17 19.23
CA VAL D 209 -53.20 -16.85 18.70
C VAL D 209 -51.95 -16.38 19.43
N VAL D 210 -50.90 -16.07 18.67
CA VAL D 210 -49.61 -15.71 19.26
C VAL D 210 -49.01 -14.50 18.57
N ASP D 211 -48.35 -13.66 19.35
CA ASP D 211 -47.80 -12.39 18.89
C ASP D 211 -46.40 -12.64 18.35
N ALA D 212 -46.00 -11.84 17.37
CA ALA D 212 -44.73 -12.04 16.67
C ALA D 212 -43.73 -10.97 17.11
N LYS D 213 -42.81 -11.38 17.98
CA LYS D 213 -41.72 -10.51 18.39
C LYS D 213 -40.86 -10.16 17.17
N PRO D 214 -40.36 -8.94 17.07
CA PRO D 214 -39.47 -8.58 15.97
C PRO D 214 -38.05 -9.09 16.25
N THR D 215 -37.15 -8.82 15.30
CA THR D 215 -35.77 -9.25 15.45
C THR D 215 -34.84 -8.26 14.77
N GLU D 216 -33.55 -8.45 15.03
CA GLU D 216 -32.49 -7.64 14.42
C GLU D 216 -32.79 -7.29 12.97
N ARG D 217 -33.20 -8.28 12.19
CA ARG D 217 -33.39 -8.11 10.76
C ARG D 217 -34.63 -7.24 10.50
N PRO D 218 -34.62 -6.47 9.41
CA PRO D 218 -35.70 -5.51 9.18
C PRO D 218 -36.88 -6.16 8.46
N GLY D 219 -38.00 -6.26 9.16
CA GLY D 219 -39.17 -6.95 8.65
C GLY D 219 -39.03 -8.45 8.76
N VAL D 220 -38.79 -8.93 9.98
CA VAL D 220 -38.48 -10.33 10.26
C VAL D 220 -38.78 -10.59 11.73
N PHE D 221 -39.74 -11.45 12.02
CA PHE D 221 -40.27 -11.60 13.37
C PHE D 221 -40.14 -13.05 13.81
N THR D 222 -40.36 -13.32 15.10
CA THR D 222 -40.32 -14.69 15.60
C THR D 222 -41.62 -15.02 16.32
N ALA D 223 -42.49 -15.77 15.65
CA ALA D 223 -43.63 -16.40 16.29
C ALA D 223 -43.20 -17.75 16.86
N SER D 224 -43.64 -18.07 18.07
CA SER D 224 -43.39 -19.39 18.65
C SER D 224 -44.70 -20.03 19.05
N ILE D 225 -45.13 -21.02 18.27
CA ILE D 225 -46.36 -21.77 18.51
C ILE D 225 -46.04 -22.97 19.40
N PRO D 226 -46.77 -23.18 20.49
CA PRO D 226 -46.51 -24.36 21.33
C PRO D 226 -46.37 -25.62 20.50
N GLY D 227 -45.27 -26.33 20.72
CA GLY D 227 -45.09 -27.65 20.13
C GLY D 227 -44.47 -27.68 18.76
N ALA D 228 -44.19 -26.52 18.16
CA ALA D 228 -43.41 -26.42 16.94
C ALA D 228 -42.06 -25.79 17.23
N PRO D 229 -41.17 -25.69 16.25
CA PRO D 229 -39.95 -24.90 16.43
C PRO D 229 -40.23 -23.40 16.30
N VAL D 230 -39.20 -22.61 16.60
CA VAL D 230 -39.26 -21.17 16.41
C VAL D 230 -39.57 -20.85 14.95
N LEU D 231 -40.71 -20.21 14.71
CA LEU D 231 -41.20 -19.90 13.37
C LEU D 231 -40.86 -18.44 13.11
N ASN D 232 -39.70 -18.19 12.50
CA ASN D 232 -39.29 -16.83 12.18
C ASN D 232 -39.77 -16.41 10.81
N ILE D 233 -40.64 -15.40 10.78
CA ILE D 233 -41.37 -15.00 9.61
C ILE D 233 -40.63 -13.84 8.95
N SER D 234 -41.00 -13.53 7.70
CA SER D 234 -40.39 -12.43 6.97
C SER D 234 -41.35 -12.03 5.85
N VAL D 235 -42.00 -10.87 6.00
CA VAL D 235 -42.95 -10.41 5.00
C VAL D 235 -42.22 -9.88 3.76
N ASN D 236 -42.84 -10.07 2.60
CA ASN D 236 -42.23 -9.67 1.34
C ASN D 236 -43.33 -9.56 0.28
N ASP D 237 -43.65 -8.33 -0.11
CA ASP D 237 -44.61 -8.06 -1.17
C ASP D 237 -43.93 -7.44 -2.38
N SER D 238 -42.61 -7.61 -2.45
CA SER D 238 -41.69 -7.14 -3.48
C SER D 238 -41.50 -8.18 -4.58
N THR D 239 -41.16 -9.41 -4.21
CA THR D 239 -40.96 -10.48 -5.17
C THR D 239 -42.32 -11.04 -5.61
N PRO D 240 -42.46 -11.39 -6.88
CA PRO D 240 -43.71 -12.01 -7.32
C PRO D 240 -43.83 -13.41 -6.71
N ALA D 241 -45.05 -13.76 -6.32
CA ALA D 241 -45.25 -14.94 -5.50
C ALA D 241 -44.85 -16.19 -6.26
N VAL D 242 -44.42 -17.20 -5.52
CA VAL D 242 -43.92 -18.44 -6.09
C VAL D 242 -44.63 -19.60 -5.41
N GLN D 243 -44.65 -20.73 -6.10
CA GLN D 243 -45.10 -22.00 -5.56
C GLN D 243 -43.96 -22.99 -5.62
N THR D 244 -43.52 -23.47 -4.46
CA THR D 244 -42.35 -24.33 -4.43
C THR D 244 -42.75 -25.76 -4.75
N LEU D 245 -41.84 -26.48 -5.38
CA LEU D 245 -42.13 -27.80 -5.95
C LEU D 245 -41.06 -28.80 -5.51
N SER D 246 -41.47 -29.78 -4.71
CA SER D 246 -40.56 -30.70 -4.04
C SER D 246 -41.00 -32.12 -4.35
N PRO D 247 -40.05 -33.02 -4.67
CA PRO D 247 -40.45 -34.34 -5.17
C PRO D 247 -41.34 -35.11 -4.21
N GLY D 248 -41.29 -34.82 -2.92
CA GLY D 248 -42.12 -35.52 -1.95
C GLY D 248 -43.56 -35.05 -1.94
N VAL D 249 -43.75 -33.74 -2.06
CA VAL D 249 -45.05 -33.11 -1.88
C VAL D 249 -45.73 -32.97 -3.23
N THR D 250 -46.89 -33.62 -3.38
CA THR D 250 -47.65 -33.59 -4.62
C THR D 250 -48.83 -32.62 -4.47
N ASN D 251 -49.43 -32.29 -5.61
CA ASN D 251 -50.56 -31.36 -5.68
C ASN D 251 -51.79 -32.08 -6.23
N ASN D 252 -52.42 -32.88 -5.38
CA ASN D 252 -53.54 -33.73 -5.79
C ASN D 252 -54.62 -32.91 -6.48
N THR D 253 -54.73 -33.06 -7.81
CA THR D 253 -55.69 -32.27 -8.58
C THR D 253 -57.10 -32.44 -8.06
N ASP D 254 -57.50 -33.68 -7.78
CA ASP D 254 -58.85 -33.96 -7.29
C ASP D 254 -59.15 -33.14 -6.04
N LYS D 255 -59.98 -32.11 -6.20
CA LYS D 255 -60.40 -31.26 -5.08
C LYS D 255 -61.86 -31.49 -4.74
N ASP D 256 -62.24 -32.75 -4.55
CA ASP D 256 -63.57 -33.09 -4.07
C ASP D 256 -63.61 -32.98 -2.55
N VAL D 257 -64.76 -32.59 -2.02
CA VAL D 257 -64.96 -32.58 -0.57
C VAL D 257 -65.27 -34.00 -0.11
N ARG D 258 -64.46 -34.50 0.80
CA ARG D 258 -64.56 -35.84 1.36
C ARG D 258 -64.67 -35.77 2.88
N PRO D 259 -65.18 -36.82 3.52
CA PRO D 259 -65.09 -36.87 4.99
C PRO D 259 -63.63 -36.86 5.40
N ALA D 260 -63.38 -36.42 6.63
CA ALA D 260 -62.01 -36.20 7.08
C ALA D 260 -61.64 -37.20 8.16
N GLY D 261 -60.34 -37.19 8.49
CA GLY D 261 -59.83 -38.14 9.46
C GLY D 261 -60.42 -37.92 10.84
N PHE D 262 -60.71 -39.03 11.52
CA PHE D 262 -60.95 -38.97 12.95
C PHE D 262 -59.70 -38.50 13.69
N THR D 263 -58.52 -38.93 13.22
CA THR D 263 -57.24 -38.58 13.81
C THR D 263 -56.64 -37.31 13.24
N GLN D 264 -57.42 -36.52 12.49
CA GLN D 264 -56.88 -35.35 11.82
C GLN D 264 -56.14 -34.46 12.81
N GLY D 265 -54.90 -34.09 12.45
CA GLY D 265 -54.15 -33.11 13.18
C GLY D 265 -53.14 -33.69 14.14
N GLY D 266 -53.14 -35.01 14.32
CA GLY D 266 -52.28 -35.69 15.28
C GLY D 266 -50.80 -35.41 15.16
N ASN D 267 -50.36 -34.82 14.07
CA ASN D 267 -48.98 -34.35 13.94
C ASN D 267 -48.93 -32.97 13.31
N THR D 268 -49.78 -32.07 13.77
CA THR D 268 -49.88 -30.72 13.23
C THR D 268 -49.94 -29.72 14.37
N ARG D 269 -49.32 -28.57 14.18
CA ARG D 269 -49.44 -27.44 15.09
C ARG D 269 -49.70 -26.19 14.27
N ASP D 270 -50.83 -25.54 14.49
CA ASP D 270 -51.12 -24.32 13.77
C ASP D 270 -51.40 -23.19 14.75
N ALA D 271 -51.48 -21.98 14.20
CA ALA D 271 -51.76 -20.82 15.02
C ALA D 271 -51.95 -19.60 14.14
N VAL D 272 -52.90 -18.75 14.51
CA VAL D 272 -52.94 -17.39 13.99
C VAL D 272 -51.86 -16.58 14.70
N ILE D 273 -51.00 -15.93 13.94
CA ILE D 273 -49.93 -15.09 14.47
C ILE D 273 -50.26 -13.65 14.11
N ARG D 274 -50.24 -12.78 15.11
CA ARG D 274 -50.45 -11.36 14.88
C ARG D 274 -49.15 -10.58 15.10
N PHE D 275 -49.01 -9.49 14.37
CA PHE D 275 -47.85 -8.64 14.39
C PHE D 275 -48.08 -7.45 15.30
N PRO D 276 -47.05 -6.70 15.66
CA PRO D 276 -47.26 -5.54 16.52
C PRO D 276 -47.87 -4.38 15.77
N LYS D 277 -48.60 -3.54 16.51
CA LYS D 277 -49.50 -2.57 15.89
C LYS D 277 -48.75 -1.66 14.91
N ASP D 278 -47.54 -1.26 15.25
CA ASP D 278 -46.73 -0.41 14.38
C ASP D 278 -45.87 -1.24 13.42
N SER D 279 -46.49 -2.19 12.72
CA SER D 279 -45.81 -2.92 11.66
C SER D 279 -46.62 -2.90 10.39
N GLY D 280 -47.95 -2.82 10.51
CA GLY D 280 -48.81 -2.77 9.36
C GLY D 280 -48.91 -4.07 8.60
N HIS D 281 -48.54 -5.19 9.23
CA HIS D 281 -48.58 -6.50 8.62
C HIS D 281 -49.85 -7.21 9.05
N ASN D 282 -50.61 -7.72 8.10
CA ASN D 282 -51.84 -8.43 8.43
C ASN D 282 -51.53 -9.69 9.23
N ALA D 283 -52.45 -10.07 10.12
CA ALA D 283 -52.29 -11.30 10.86
C ALA D 283 -52.36 -12.49 9.91
N VAL D 284 -51.52 -13.50 10.17
CA VAL D 284 -51.35 -14.62 9.25
C VAL D 284 -51.57 -15.93 10.01
N TYR D 285 -52.23 -16.88 9.37
CA TYR D 285 -52.44 -18.21 9.93
C TYR D 285 -51.33 -19.09 9.36
N VAL D 286 -50.75 -19.92 10.21
CA VAL D 286 -49.72 -20.87 9.76
C VAL D 286 -49.91 -22.20 10.48
N SER D 287 -49.99 -23.27 9.69
CA SER D 287 -49.90 -24.62 10.21
C SER D 287 -48.56 -25.24 9.82
N VAL D 288 -48.00 -26.03 10.74
CA VAL D 288 -46.72 -26.70 10.59
C VAL D 288 -46.91 -28.16 10.97
N SER D 289 -46.86 -29.04 9.98
CA SER D 289 -47.15 -30.45 10.18
C SER D 289 -45.86 -31.26 10.05
N ASP D 290 -45.79 -32.34 10.83
CA ASP D 290 -44.68 -33.27 10.75
C ASP D 290 -44.82 -34.14 9.51
N VAL D 291 -43.68 -34.56 8.97
CA VAL D 291 -43.68 -35.55 7.89
C VAL D 291 -43.60 -36.93 8.53
N LEU D 292 -44.68 -37.69 8.44
CA LEU D 292 -44.70 -39.03 8.99
C LEU D 292 -43.89 -40.00 8.14
N SER D 293 -43.22 -40.93 8.81
CA SER D 293 -42.56 -42.03 8.13
C SER D 293 -43.60 -43.11 7.83
N PRO D 294 -43.31 -44.04 6.93
CA PRO D 294 -44.39 -44.94 6.49
C PRO D 294 -44.90 -45.82 7.61
N ASP D 295 -44.04 -46.18 8.57
CA ASP D 295 -44.51 -46.92 9.73
C ASP D 295 -45.55 -46.11 10.50
N GLN D 296 -45.24 -44.84 10.75
CA GLN D 296 -46.17 -43.96 11.46
C GLN D 296 -47.43 -43.74 10.65
N VAL D 297 -47.36 -43.95 9.33
CA VAL D 297 -48.54 -43.74 8.50
C VAL D 297 -49.43 -44.97 8.57
N LYS D 298 -48.83 -46.17 8.56
CA LYS D 298 -49.62 -47.37 8.78
C LYS D 298 -50.27 -47.33 10.16
N GLN D 299 -49.57 -46.74 11.13
CA GLN D 299 -50.12 -46.59 12.48
C GLN D 299 -51.32 -45.67 12.48
N ARG D 300 -51.19 -44.49 11.88
CA ARG D 300 -52.32 -43.58 11.80
C ARG D 300 -53.48 -44.23 11.05
N GLN D 301 -53.21 -44.82 9.88
CA GLN D 301 -54.23 -45.55 9.13
C GLN D 301 -54.97 -46.53 10.04
N ASP D 302 -54.22 -47.30 10.82
CA ASP D 302 -54.83 -48.30 11.69
C ASP D 302 -55.76 -47.64 12.69
N GLU D 303 -55.24 -46.68 13.45
CA GLU D 303 -56.10 -45.99 14.42
C GLU D 303 -57.33 -45.40 13.74
N GLU D 304 -57.17 -44.92 12.50
CA GLU D 304 -58.29 -44.34 11.77
C GLU D 304 -59.34 -45.39 11.47
N ASN D 305 -58.89 -46.59 11.09
CA ASN D 305 -59.83 -47.66 10.77
C ASN D 305 -60.56 -48.12 12.02
N ARG D 306 -59.84 -48.19 13.14
CA ARG D 306 -60.49 -48.56 14.40
C ARG D 306 -61.53 -47.52 14.80
N ARG D 307 -61.23 -46.24 14.59
CA ARG D 307 -62.19 -45.22 14.97
C ARG D 307 -63.38 -45.24 14.02
N GLN D 308 -63.14 -45.53 12.74
CA GLN D 308 -64.24 -45.70 11.80
C GLN D 308 -65.13 -46.85 12.23
N GLN D 309 -64.53 -47.95 12.70
CA GLN D 309 -65.29 -49.06 13.24
C GLN D 309 -66.20 -48.56 14.36
N GLU D 310 -65.60 -47.93 15.38
CA GLU D 310 -66.40 -47.37 16.47
C GLU D 310 -67.58 -46.59 15.92
N TRP D 311 -67.30 -45.51 15.21
CA TRP D 311 -68.35 -44.62 14.71
C TRP D 311 -69.42 -45.40 13.94
N ASP D 312 -68.99 -46.43 13.20
CA ASP D 312 -69.93 -47.26 12.43
C ASP D 312 -70.86 -48.03 13.35
N ALA D 313 -70.34 -48.54 14.47
CA ALA D 313 -71.19 -49.27 15.40
C ALA D 313 -72.05 -48.36 16.25
N THR D 314 -71.63 -47.13 16.50
CA THR D 314 -72.42 -46.19 17.28
C THR D 314 -73.24 -45.27 16.36
N SER E 33 45.81 34.35 -27.26
CA SER E 33 45.98 35.73 -27.69
C SER E 33 45.89 36.66 -26.47
N GLY E 34 45.67 37.94 -26.70
CA GLY E 34 45.77 38.93 -25.64
C GLY E 34 47.14 39.60 -25.60
N ARG E 35 47.18 40.74 -24.94
CA ARG E 35 48.42 41.50 -24.80
C ARG E 35 49.43 40.71 -23.97
N PRO E 36 50.61 40.40 -24.50
CA PRO E 36 51.61 39.74 -23.65
C PRO E 36 52.12 40.69 -22.59
N ILE E 37 52.32 40.16 -21.38
CA ILE E 37 52.75 40.99 -20.26
C ILE E 37 53.64 40.17 -19.34
N GLY E 38 54.59 40.85 -18.71
CA GLY E 38 55.45 40.25 -17.72
C GLY E 38 54.91 40.49 -16.33
N VAL E 39 54.68 39.40 -15.61
CA VAL E 39 54.22 39.45 -14.22
C VAL E 39 55.28 38.75 -13.38
N VAL E 40 55.98 39.52 -12.56
CA VAL E 40 57.13 39.01 -11.81
C VAL E 40 56.70 38.58 -10.41
N PRO E 41 57.13 37.43 -9.92
CA PRO E 41 56.95 37.13 -8.50
C PRO E 41 57.35 38.32 -7.64
N PHE E 42 56.57 38.58 -6.61
CA PHE E 42 56.85 39.73 -5.76
C PHE E 42 58.00 39.41 -4.82
N GLN E 43 58.76 40.44 -4.46
CA GLN E 43 59.88 40.25 -3.55
C GLN E 43 59.37 39.94 -2.16
N TRP E 44 59.93 38.89 -1.56
CA TRP E 44 59.52 38.46 -0.22
C TRP E 44 60.52 38.92 0.82
N ALA E 49 58.81 31.27 3.14
CA ALA E 49 57.98 31.52 1.98
C ALA E 49 57.01 32.67 2.25
N ALA E 50 56.60 33.36 1.18
CA ALA E 50 55.69 34.47 1.33
C ALA E 50 54.31 33.96 1.74
N PRO E 51 53.55 34.76 2.52
CA PRO E 51 52.22 34.30 2.94
C PRO E 51 51.25 34.13 1.80
N GLU E 52 51.45 34.84 0.68
CA GLU E 52 50.58 34.73 -0.48
CA GLU E 52 50.58 34.73 -0.48
C GLU E 52 51.37 35.07 -1.73
N ASP E 53 50.94 34.50 -2.85
CA ASP E 53 51.59 34.71 -4.14
C ASP E 53 50.84 35.83 -4.86
N ILE E 54 51.29 37.07 -4.65
CA ILE E 54 50.55 38.22 -5.17
C ILE E 54 50.74 38.30 -6.68
N GLY E 55 51.96 38.07 -7.16
CA GLY E 55 52.19 38.08 -8.60
C GLY E 55 51.36 37.05 -9.32
N GLY E 56 51.23 35.85 -8.73
CA GLY E 56 50.39 34.82 -9.34
C GLY E 56 48.93 35.21 -9.36
N ILE E 57 48.46 35.90 -8.32
CA ILE E 57 47.07 36.34 -8.30
C ILE E 57 46.84 37.40 -9.36
N VAL E 58 47.80 38.31 -9.53
CA VAL E 58 47.67 39.34 -10.56
C VAL E 58 47.67 38.71 -11.95
N ALA E 59 48.61 37.80 -12.20
CA ALA E 59 48.63 37.10 -13.48
C ALA E 59 47.31 36.40 -13.75
N ALA E 60 46.80 35.67 -12.75
CA ALA E 60 45.55 34.93 -12.95
C ALA E 60 44.38 35.86 -13.19
N ASP E 61 44.34 36.98 -12.46
CA ASP E 61 43.27 37.96 -12.66
C ASP E 61 43.31 38.52 -14.08
N LEU E 62 44.47 39.04 -14.48
CA LEU E 62 44.59 39.61 -15.82
C LEU E 62 44.26 38.59 -16.89
N ARG E 63 44.67 37.34 -16.68
CA ARG E 63 44.38 36.30 -17.67
CA ARG E 63 44.39 36.27 -17.65
C ARG E 63 42.89 36.00 -17.74
N ASN E 64 42.22 35.90 -16.59
CA ASN E 64 40.80 35.57 -16.59
C ASN E 64 39.99 36.56 -17.41
N SER E 65 40.45 37.81 -17.50
CA SER E 65 39.73 38.81 -18.27
C SER E 65 39.77 38.52 -19.78
N GLY E 66 40.69 37.67 -20.22
CA GLY E 66 40.92 37.45 -21.63
C GLY E 66 41.80 38.48 -22.29
N LYS E 67 42.03 39.63 -21.65
CA LYS E 67 42.70 40.75 -22.28
C LYS E 67 44.21 40.70 -22.14
N PHE E 68 44.74 39.80 -21.32
CA PHE E 68 46.16 39.77 -21.02
C PHE E 68 46.67 38.33 -21.09
N ASN E 69 47.98 38.22 -21.30
CA ASN E 69 48.70 36.95 -21.34
C ASN E 69 49.95 37.13 -20.47
N PRO E 70 49.85 36.87 -19.18
CA PRO E 70 51.04 36.99 -18.32
C PRO E 70 52.12 36.00 -18.75
N LEU E 71 53.35 36.49 -18.81
CA LEU E 71 54.45 35.65 -19.28
C LEU E 71 54.65 34.48 -18.33
N ASP E 72 54.71 33.28 -18.89
CA ASP E 72 55.03 32.09 -18.12
CA ASP E 72 55.03 32.09 -18.12
C ASP E 72 56.17 32.35 -17.16
N ARG E 73 55.94 32.02 -15.88
CA ARG E 73 56.95 32.29 -14.87
C ARG E 73 58.27 31.61 -15.20
N ALA E 74 58.21 30.40 -15.77
CA ALA E 74 59.41 29.66 -16.11
C ALA E 74 60.20 30.30 -17.25
N ARG E 75 59.60 31.20 -18.02
CA ARG E 75 60.28 31.86 -19.13
C ARG E 75 60.54 33.34 -18.88
N LEU E 76 60.36 33.81 -17.66
CA LEU E 76 60.68 35.20 -17.37
C LEU E 76 62.18 35.45 -17.59
N PRO E 77 62.55 36.55 -18.24
CA PRO E 77 63.99 36.82 -18.40
C PRO E 77 64.68 37.14 -17.09
N GLN E 78 63.92 37.56 -16.08
CA GLN E 78 64.45 37.81 -14.74
C GLN E 78 63.28 37.77 -13.77
N GLN E 79 63.61 37.77 -12.47
CA GLN E 79 62.63 37.94 -11.40
C GLN E 79 63.00 39.18 -10.59
N PRO E 80 62.90 40.36 -11.19
CA PRO E 80 63.20 41.58 -10.45
C PRO E 80 62.28 41.75 -9.24
N GLY E 81 62.88 42.14 -8.12
CA GLY E 81 62.13 42.47 -6.93
C GLY E 81 61.73 43.92 -6.83
N SER E 82 62.03 44.70 -7.86
CA SER E 82 61.72 46.13 -7.85
C SER E 82 61.75 46.64 -9.28
N ALA E 83 61.14 47.81 -9.48
CA ALA E 83 61.13 48.42 -10.81
C ALA E 83 62.54 48.73 -11.28
N GLN E 84 63.37 49.26 -10.37
CA GLN E 84 64.76 49.55 -10.72
C GLN E 84 65.46 48.34 -11.33
N GLU E 85 65.14 47.14 -10.84
CA GLU E 85 65.78 45.92 -11.33
C GLU E 85 65.26 45.47 -12.69
N VAL E 86 64.23 46.12 -13.23
CA VAL E 86 63.66 45.70 -14.51
C VAL E 86 64.60 46.11 -15.63
N GLN E 87 64.90 45.17 -16.55
CA GLN E 87 65.67 45.45 -17.75
C GLN E 87 64.71 45.49 -18.93
N PRO E 88 64.26 46.67 -19.37
CA PRO E 88 63.17 46.70 -20.36
C PRO E 88 63.47 45.97 -21.64
N ALA E 89 64.70 46.06 -22.15
CA ALA E 89 65.03 45.43 -23.43
C ALA E 89 64.74 43.93 -23.39
N ALA E 90 64.98 43.29 -22.24
CA ALA E 90 64.79 41.84 -22.16
C ALA E 90 63.33 41.45 -22.19
N TRP E 91 62.42 42.36 -21.84
CA TRP E 91 60.99 42.11 -21.91
C TRP E 91 60.43 42.48 -23.28
N SER E 92 60.85 43.63 -23.81
CA SER E 92 60.47 44.01 -25.17
C SER E 92 60.92 42.98 -26.20
N ALA E 93 62.07 42.35 -25.99
CA ALA E 93 62.50 41.28 -26.90
C ALA E 93 61.46 40.18 -27.00
N LEU E 94 60.76 39.89 -25.91
CA LEU E 94 59.72 38.88 -25.88
C LEU E 94 58.34 39.44 -26.20
N GLY E 95 58.25 40.70 -26.63
CA GLY E 95 56.98 41.29 -26.96
C GLY E 95 56.23 41.84 -25.76
N ILE E 96 56.92 42.04 -24.64
CA ILE E 96 56.31 42.59 -23.42
C ILE E 96 56.74 44.04 -23.29
N ASP E 97 55.76 44.94 -23.23
CA ASP E 97 56.00 46.36 -23.08
C ASP E 97 55.68 46.88 -21.69
N ALA E 98 55.26 46.01 -20.76
CA ALA E 98 55.05 46.40 -19.38
C ALA E 98 55.31 45.20 -18.48
N VAL E 99 55.81 45.48 -17.26
CA VAL E 99 56.18 44.45 -16.31
C VAL E 99 55.67 44.85 -14.93
N VAL E 100 55.00 43.91 -14.25
CA VAL E 100 54.52 44.12 -12.89
C VAL E 100 55.52 43.51 -11.92
N VAL E 101 56.06 44.33 -11.02
CA VAL E 101 56.90 43.86 -9.92
C VAL E 101 56.28 44.36 -8.63
N GLY E 102 56.73 43.80 -7.51
CA GLY E 102 56.24 44.29 -6.24
C GLY E 102 56.96 43.64 -5.07
N GLN E 103 56.51 44.03 -3.88
CA GLN E 103 57.13 43.66 -2.63
C GLN E 103 56.07 43.35 -1.58
N VAL E 104 56.26 42.27 -0.84
CA VAL E 104 55.46 41.96 0.34
C VAL E 104 56.40 41.89 1.52
N THR E 105 56.14 42.71 2.55
CA THR E 105 56.96 42.71 3.75
C THR E 105 56.07 42.56 4.98
N PRO E 106 56.49 41.80 6.00
CA PRO E 106 55.66 41.70 7.21
C PRO E 106 55.79 42.93 8.10
N ASN E 107 54.65 43.31 8.72
CA ASN E 107 54.58 44.41 9.68
C ASN E 107 54.70 43.88 11.11
N PRO E 108 55.18 44.70 12.05
CA PRO E 108 55.40 44.20 13.41
C PRO E 108 54.17 43.58 14.05
N ASP E 109 52.97 44.05 13.70
CA ASP E 109 51.72 43.48 14.22
C ASP E 109 51.27 42.24 13.47
N GLY E 110 52.11 41.68 12.60
CA GLY E 110 51.78 40.49 11.86
C GLY E 110 51.05 40.75 10.56
N SER E 111 50.64 41.99 10.31
CA SER E 111 50.08 42.38 9.03
C SER E 111 51.22 42.54 8.03
N TYR E 112 50.87 42.81 6.77
CA TYR E 112 51.85 42.90 5.70
C TYR E 112 51.61 44.17 4.89
N ASN E 113 52.72 44.73 4.42
CA ASN E 113 52.71 45.82 3.47
C ASN E 113 52.93 45.22 2.09
N VAL E 114 52.03 45.55 1.17
CA VAL E 114 52.08 45.09 -0.21
C VAL E 114 52.23 46.31 -1.09
N ALA E 115 53.23 46.27 -1.96
CA ALA E 115 53.50 47.35 -2.89
C ALA E 115 53.68 46.75 -4.27
N TYR E 116 53.28 47.51 -5.29
CA TYR E 116 53.46 47.10 -6.66
C TYR E 116 53.94 48.29 -7.46
N GLN E 117 54.71 48.00 -8.50
CA GLN E 117 55.06 48.96 -9.53
C GLN E 117 54.89 48.34 -10.91
N LEU E 118 54.37 49.14 -11.83
CA LEU E 118 54.20 48.77 -13.23
C LEU E 118 55.23 49.54 -14.04
N VAL E 119 56.16 48.82 -14.66
CA VAL E 119 57.30 49.41 -15.35
C VAL E 119 57.06 49.29 -16.84
N ASP E 120 57.06 50.42 -17.54
CA ASP E 120 57.02 50.39 -18.99
C ASP E 120 58.29 49.76 -19.54
N THR E 121 58.12 48.80 -20.46
CA THR E 121 59.23 48.22 -21.18
C THR E 121 58.99 48.32 -22.69
N GLY E 122 58.30 49.39 -23.09
CA GLY E 122 57.98 49.66 -24.48
C GLY E 122 58.53 51.00 -24.89
N GLY E 123 57.65 51.99 -25.02
CA GLY E 123 58.04 53.31 -25.49
C GLY E 123 58.70 54.18 -24.44
N ALA E 124 58.63 53.80 -23.17
CA ALA E 124 59.16 54.59 -22.06
C ALA E 124 59.93 53.66 -21.12
N PRO E 125 60.94 52.96 -21.63
CA PRO E 125 61.48 51.81 -20.90
C PRO E 125 62.00 52.21 -19.52
N GLY E 126 61.65 51.40 -18.51
CA GLY E 126 62.06 51.63 -17.15
C GLY E 126 61.22 52.63 -16.38
N THR E 127 60.40 53.43 -17.06
CA THR E 127 59.50 54.33 -16.35
C THR E 127 58.43 53.54 -15.61
N VAL E 128 58.06 54.03 -14.43
CA VAL E 128 56.99 53.44 -13.65
C VAL E 128 55.70 54.13 -14.04
N LEU E 129 54.76 53.37 -14.61
CA LEU E 129 53.52 53.95 -15.09
C LEU E 129 52.51 54.13 -13.96
N ALA E 130 52.59 53.28 -12.95
CA ALA E 130 51.67 53.29 -11.82
C ALA E 130 52.32 52.49 -10.70
N GLN E 131 51.94 52.79 -9.47
CA GLN E 131 52.50 52.08 -8.34
C GLN E 131 51.70 52.42 -7.09
N ASN E 132 51.91 51.60 -6.06
CA ASN E 132 51.20 51.80 -4.79
C ASN E 132 51.87 50.96 -3.72
N SER E 133 51.53 51.28 -2.48
CA SER E 133 52.03 50.57 -1.30
C SER E 133 51.02 50.77 -0.19
N TYR E 134 50.72 49.70 0.56
CA TYR E 134 49.63 49.78 1.52
C TYR E 134 49.64 48.57 2.44
N LYS E 135 48.97 48.73 3.59
CA LYS E 135 49.03 47.79 4.69
C LYS E 135 47.71 47.03 4.79
N VAL E 136 47.80 45.70 4.80
CA VAL E 136 46.63 44.84 4.93
C VAL E 136 46.96 43.73 5.91
N ASN E 137 45.93 43.23 6.60
CA ASN E 137 46.07 42.02 7.38
C ASN E 137 46.10 40.79 6.47
N LYS E 138 46.81 39.76 6.92
CA LYS E 138 47.01 38.53 6.17
C LYS E 138 45.74 38.05 5.48
N GLN E 139 44.60 38.18 6.15
CA GLN E 139 43.35 37.62 5.62
C GLN E 139 42.86 38.37 4.39
N TRP E 140 43.51 39.46 4.01
CA TRP E 140 43.17 40.20 2.80
C TRP E 140 44.29 40.14 1.77
N LEU E 141 45.26 39.24 1.93
CA LEU E 141 46.36 39.18 0.98
C LEU E 141 45.84 38.88 -0.42
N ARG E 142 44.90 37.95 -0.55
CA ARG E 142 44.35 37.69 -1.88
C ARG E 142 43.66 38.93 -2.40
N TYR E 143 42.95 39.64 -1.52
CA TYR E 143 42.35 40.90 -1.94
C TYR E 143 43.42 41.86 -2.40
N ALA E 144 44.55 41.90 -1.69
CA ALA E 144 45.65 42.75 -2.12
C ALA E 144 45.99 42.47 -3.58
N GLY E 145 46.12 41.19 -3.93
CA GLY E 145 46.43 40.87 -5.31
C GLY E 145 45.39 41.43 -6.26
N HIS E 146 44.11 41.26 -5.93
CA HIS E 146 43.07 41.77 -6.80
C HIS E 146 43.17 43.27 -6.91
N THR E 147 43.57 43.95 -5.83
CA THR E 147 43.74 45.39 -5.90
C THR E 147 44.75 45.74 -6.98
N ALA E 148 45.92 45.09 -6.94
CA ALA E 148 46.89 45.31 -8.00
C ALA E 148 46.27 44.94 -9.34
N SER E 149 45.58 43.80 -9.38
CA SER E 149 44.95 43.37 -10.62
C SER E 149 44.00 44.44 -11.13
N ASP E 150 43.27 45.07 -10.22
CA ASP E 150 42.32 46.10 -10.62
C ASP E 150 43.02 47.27 -11.29
N GLU E 151 44.18 47.68 -10.75
CA GLU E 151 44.81 48.90 -11.26
C GLU E 151 45.52 48.66 -12.59
N VAL E 152 46.37 47.63 -12.66
CA VAL E 152 47.12 47.40 -13.89
C VAL E 152 46.16 47.14 -15.04
N PHE E 153 45.16 46.30 -14.80
CA PHE E 153 44.18 46.02 -15.83
C PHE E 153 43.59 47.33 -16.35
N GLU E 154 43.26 48.25 -15.44
CA GLU E 154 42.70 49.52 -15.89
C GLU E 154 43.77 50.35 -16.56
N LYS E 155 44.95 50.44 -15.94
CA LYS E 155 46.03 51.26 -16.50
C LYS E 155 46.30 50.87 -17.94
N LEU E 156 46.44 49.58 -18.20
CA LEU E 156 46.75 49.10 -19.54
C LEU E 156 45.51 49.00 -20.42
N THR E 157 44.31 48.93 -19.85
CA THR E 157 43.10 48.79 -20.64
C THR E 157 42.17 49.99 -20.60
N GLY E 158 42.27 50.85 -19.58
CA GLY E 158 41.29 51.90 -19.40
C GLY E 158 39.94 51.41 -18.91
N ILE E 159 39.82 50.13 -18.58
CA ILE E 159 38.58 49.54 -18.09
C ILE E 159 38.69 49.35 -16.58
N LYS E 160 37.67 49.77 -15.86
CA LYS E 160 37.63 49.53 -14.42
C LYS E 160 37.76 48.04 -14.13
N GLY E 161 38.57 47.70 -13.14
CA GLY E 161 38.79 46.30 -12.80
C GLY E 161 37.63 45.71 -12.02
N ALA E 162 37.41 44.42 -12.21
CA ALA E 162 36.37 43.68 -11.51
C ALA E 162 36.94 42.50 -10.72
N PHE E 163 38.24 42.54 -10.40
CA PHE E 163 38.89 41.41 -9.75
C PHE E 163 38.65 41.39 -8.25
N ARG E 164 38.25 42.52 -7.66
CA ARG E 164 37.89 42.58 -6.25
C ARG E 164 36.39 42.41 -6.04
N THR E 165 35.67 41.94 -7.05
CA THR E 165 34.23 41.77 -6.95
C THR E 165 33.91 40.38 -6.41
N ARG E 166 32.62 40.11 -6.22
CA ARG E 166 32.16 38.86 -5.63
C ARG E 166 31.09 38.23 -6.50
N ILE E 167 30.90 36.93 -6.32
CA ILE E 167 29.80 36.19 -6.92
C ILE E 167 28.93 35.60 -5.83
N ALA E 168 27.64 35.50 -6.13
CA ALA E 168 26.67 34.79 -5.31
C ALA E 168 26.17 33.58 -6.07
N TYR E 169 25.75 32.55 -5.32
CA TYR E 169 25.28 31.33 -5.97
C TYR E 169 24.60 30.45 -4.93
N VAL E 170 23.95 29.39 -5.42
CA VAL E 170 23.21 28.46 -4.57
C VAL E 170 23.90 27.10 -4.68
N VAL E 171 24.19 26.50 -3.53
CA VAL E 171 24.80 25.19 -3.46
C VAL E 171 23.82 24.22 -2.84
N GLN E 172 23.60 23.10 -3.52
CA GLN E 172 22.91 21.95 -2.95
C GLN E 172 23.98 21.01 -2.44
N THR E 173 24.14 20.94 -1.13
CA THR E 173 25.18 20.16 -0.50
C THR E 173 24.69 18.76 -0.21
N ASN E 174 25.56 17.95 0.40
CA ASN E 174 25.21 16.62 0.86
C ASN E 174 24.83 16.61 2.33
N GLY E 175 24.70 17.78 2.94
CA GLY E 175 24.16 17.86 4.28
C GLY E 175 22.67 17.61 4.31
N GLY E 176 22.22 17.01 5.42
CA GLY E 176 20.84 16.57 5.52
C GLY E 176 19.88 17.68 5.90
N GLN E 177 20.23 18.44 6.94
CA GLN E 177 19.26 19.35 7.55
C GLN E 177 19.04 20.60 6.70
N PHE E 178 20.10 21.16 6.15
CA PHE E 178 20.02 22.37 5.31
C PHE E 178 20.75 22.11 3.99
N PRO E 179 20.21 21.24 3.14
CA PRO E 179 20.92 20.93 1.88
C PRO E 179 21.08 22.12 0.96
N TYR E 180 20.35 23.21 1.17
CA TYR E 180 20.40 24.36 0.26
C TYR E 180 21.09 25.52 0.96
N GLU E 181 22.11 26.09 0.33
CA GLU E 181 22.81 27.24 0.87
C GLU E 181 22.93 28.32 -0.18
N LEU E 182 22.54 29.54 0.17
CA LEU E 182 22.91 30.71 -0.62
C LEU E 182 24.23 31.23 -0.07
N ARG E 183 25.25 31.26 -0.94
CA ARG E 183 26.60 31.60 -0.56
C ARG E 183 27.14 32.72 -1.45
N VAL E 184 28.18 33.36 -0.95
CA VAL E 184 28.93 34.37 -1.70
C VAL E 184 30.41 34.04 -1.57
N SER E 185 31.17 34.28 -2.63
CA SER E 185 32.62 34.17 -2.58
C SER E 185 33.22 35.27 -3.45
N ASP E 186 34.55 35.35 -3.43
CA ASP E 186 35.26 36.14 -4.42
C ASP E 186 34.91 35.66 -5.82
N TYR E 187 35.11 36.54 -6.80
CA TYR E 187 34.75 36.20 -8.17
C TYR E 187 35.44 34.92 -8.63
N ASP E 188 36.62 34.64 -8.10
CA ASP E 188 37.42 33.49 -8.52
C ASP E 188 37.20 32.26 -7.64
N GLY E 189 36.23 32.30 -6.72
CA GLY E 189 35.85 31.14 -5.95
C GLY E 189 36.49 31.05 -4.58
N TYR E 190 37.49 31.88 -4.30
CA TYR E 190 38.14 31.88 -2.99
C TYR E 190 37.34 32.72 -2.00
N ASN E 191 37.61 32.48 -0.71
CA ASN E 191 37.00 33.25 0.37
C ASN E 191 35.50 33.05 0.40
N GLN E 192 35.08 31.80 0.23
CA GLN E 192 33.65 31.48 0.26
C GLN E 192 33.11 31.62 1.68
N PHE E 193 31.85 32.06 1.76
CA PHE E 193 31.11 32.03 3.00
C PHE E 193 29.64 31.82 2.69
N VAL E 194 28.90 31.37 3.69
CA VAL E 194 27.49 31.06 3.55
C VAL E 194 26.68 32.27 4.01
N VAL E 195 25.69 32.64 3.20
CA VAL E 195 24.81 33.75 3.53
C VAL E 195 23.52 33.26 4.17
N HIS E 196 23.02 32.12 3.72
CA HIS E 196 21.80 31.55 4.29
C HIS E 196 21.79 30.05 4.05
N ARG E 197 21.34 29.29 5.05
CA ARG E 197 21.06 27.87 4.88
C ARG E 197 19.57 27.62 4.99
N SER E 198 19.10 26.64 4.22
CA SER E 198 17.69 26.30 4.13
C SER E 198 17.51 24.81 3.91
N PRO E 199 16.46 24.21 4.50
CA PRO E 199 16.11 22.83 4.19
C PRO E 199 15.36 22.68 2.87
N GLN E 200 14.98 23.78 2.23
CA GLN E 200 14.16 23.80 1.01
C GLN E 200 14.84 24.54 -0.13
N CYS E 201 14.32 24.25 -1.33
CA CYS E 201 14.79 24.82 -2.58
C CYS E 201 15.04 26.32 -2.46
N LEU E 202 16.22 26.74 -2.88
CA LEU E 202 16.55 28.14 -3.10
C LEU E 202 16.87 28.34 -4.57
N MET E 203 16.57 29.53 -5.09
CA MET E 203 16.90 29.83 -6.48
C MET E 203 17.30 31.29 -6.63
N SER E 204 18.04 31.55 -7.69
CA SER E 204 18.09 32.85 -8.34
C SER E 204 18.46 33.97 -7.38
N PRO E 205 19.62 33.94 -6.73
CA PRO E 205 20.00 35.10 -5.94
C PRO E 205 20.21 36.29 -6.86
N ALA E 206 20.08 37.48 -6.31
CA ALA E 206 20.25 38.68 -7.11
C ALA E 206 20.79 39.79 -6.22
N TRP E 207 21.80 40.49 -6.71
CA TRP E 207 22.45 41.53 -5.95
C TRP E 207 21.69 42.84 -6.08
N SER E 208 21.57 43.55 -4.97
CA SER E 208 21.19 44.96 -5.05
C SER E 208 22.31 45.74 -5.72
N PRO E 209 22.00 46.86 -6.36
CA PRO E 209 23.05 47.58 -7.09
C PRO E 209 24.19 48.05 -6.22
N ASP E 210 23.98 48.14 -4.91
CA ASP E 210 25.04 48.53 -3.98
C ASP E 210 25.79 47.34 -3.41
N GLY E 211 25.42 46.11 -3.76
CA GLY E 211 26.10 44.94 -3.25
C GLY E 211 25.81 44.61 -1.81
N SER E 212 24.80 45.24 -1.20
CA SER E 212 24.52 45.07 0.22
C SER E 212 23.42 44.05 0.50
N LYS E 213 22.63 43.69 -0.50
CA LYS E 213 21.49 42.79 -0.31
C LYS E 213 21.50 41.76 -1.42
N LEU E 214 20.92 40.59 -1.14
CA LEU E 214 20.65 39.59 -2.15
C LEU E 214 19.16 39.30 -2.16
N ALA E 215 18.52 39.49 -3.30
CA ALA E 215 17.20 38.93 -3.49
C ALA E 215 17.33 37.49 -3.94
N TYR E 216 16.37 36.66 -3.53
CA TYR E 216 16.42 35.26 -3.92
C TYR E 216 15.06 34.63 -3.66
N VAL E 217 14.89 33.47 -4.27
CA VAL E 217 13.71 32.64 -4.08
C VAL E 217 14.00 31.67 -2.95
N THR E 218 13.11 31.61 -1.97
CA THR E 218 13.18 30.62 -0.92
C THR E 218 11.86 29.88 -0.83
N PHE E 219 11.94 28.57 -0.68
CA PHE E 219 10.75 27.71 -0.54
C PHE E 219 10.60 27.15 0.87
N GLU E 220 11.30 27.73 1.85
CA GLU E 220 11.25 27.20 3.21
C GLU E 220 9.82 27.09 3.73
N SER E 221 8.91 27.95 3.27
CA SER E 221 7.52 27.86 3.71
C SER E 221 6.77 26.67 3.13
N GLY E 222 7.37 25.93 2.19
CA GLY E 222 6.68 24.87 1.49
C GLY E 222 6.22 25.23 0.09
N ARG E 223 6.28 26.51 -0.26
CA ARG E 223 6.01 26.96 -1.62
C ARG E 223 6.88 28.18 -1.87
N SER E 224 6.74 28.75 -3.06
CA SER E 224 7.68 29.77 -3.49
C SER E 224 7.48 31.07 -2.72
N ALA E 225 8.59 31.74 -2.45
CA ALA E 225 8.56 33.09 -1.91
C ALA E 225 9.76 33.84 -2.46
N LEU E 226 9.58 35.14 -2.67
CA LEU E 226 10.65 36.04 -3.08
C LEU E 226 10.99 36.87 -1.86
N VAL E 227 12.28 36.91 -1.51
CA VAL E 227 12.72 37.61 -0.32
C VAL E 227 14.01 38.36 -0.65
N ILE E 228 14.28 39.40 0.12
CA ILE E 228 15.52 40.14 0.06
C ILE E 228 16.20 40.01 1.40
N GLN E 229 17.41 39.46 1.41
CA GLN E 229 18.17 39.26 2.64
C GLN E 229 19.34 40.23 2.64
N THR E 230 19.51 40.94 3.75
CA THR E 230 20.62 41.86 3.93
C THR E 230 21.84 41.08 4.39
N LEU E 231 22.94 41.19 3.64
CA LEU E 231 24.11 40.38 3.92
C LEU E 231 24.75 40.75 5.26
N ALA E 232 24.74 42.05 5.59
CA ALA E 232 25.48 42.50 6.76
C ALA E 232 24.95 41.86 8.04
N ASN E 233 23.63 41.68 8.16
CA ASN E 233 23.03 41.10 9.34
C ASN E 233 22.19 39.87 9.05
N GLY E 234 22.11 39.43 7.80
CA GLY E 234 21.30 38.27 7.45
C GLY E 234 19.80 38.49 7.58
N ALA E 235 19.35 39.72 7.83
CA ALA E 235 17.92 39.98 7.90
C ALA E 235 17.28 39.72 6.55
N VAL E 236 16.09 39.10 6.58
CA VAL E 236 15.37 38.74 5.37
C VAL E 236 14.11 39.58 5.28
N ARG E 237 13.97 40.31 4.16
CA ARG E 237 12.74 41.02 3.83
C ARG E 237 11.88 40.13 2.94
N GLN E 238 10.61 39.99 3.31
CA GLN E 238 9.68 39.23 2.50
C GLN E 238 9.16 40.12 1.37
N VAL E 239 9.32 39.66 0.13
CA VAL E 239 8.97 40.44 -1.05
C VAL E 239 7.65 39.98 -1.65
N ALA E 240 7.42 38.67 -1.70
CA ALA E 240 6.23 38.17 -2.37
C ALA E 240 5.99 36.72 -1.97
N SER E 241 4.74 36.39 -1.69
CA SER E 241 4.32 35.01 -1.44
C SER E 241 2.95 34.76 -2.06
N PHE E 242 2.85 34.99 -3.37
CA PHE E 242 1.58 34.85 -4.04
C PHE E 242 1.28 33.36 -4.20
N PRO E 243 0.01 33.00 -4.42
CA PRO E 243 -0.28 31.58 -4.64
C PRO E 243 0.27 31.07 -5.95
N ARG E 244 1.56 30.69 -5.96
CA ARG E 244 2.30 29.96 -7.01
C ARG E 244 3.74 30.48 -6.94
N HIS E 245 4.49 30.43 -8.04
CA HIS E 245 5.93 30.70 -8.02
C HIS E 245 6.22 32.19 -8.04
N ASN E 246 7.13 32.60 -7.18
CA ASN E 246 7.62 33.97 -7.11
C ASN E 246 9.11 33.77 -7.33
N GLY E 247 9.61 34.23 -8.48
CA GLY E 247 10.96 33.89 -8.87
C GLY E 247 11.63 34.93 -9.74
N ALA E 248 12.89 34.62 -10.07
CA ALA E 248 13.66 35.35 -11.07
C ALA E 248 13.72 36.81 -10.67
N PRO E 249 14.19 37.11 -9.46
CA PRO E 249 14.29 38.51 -9.04
C PRO E 249 15.35 39.25 -9.83
N ALA E 250 15.15 40.56 -9.97
CA ALA E 250 16.20 41.43 -10.51
C ALA E 250 16.04 42.81 -9.90
N PHE E 251 17.14 43.35 -9.38
CA PHE E 251 17.14 44.71 -8.87
C PHE E 251 17.37 45.70 -10.01
N SER E 252 16.61 46.78 -10.01
CA SER E 252 16.88 47.85 -10.95
C SER E 252 18.28 48.40 -10.70
N PRO E 253 18.98 48.86 -11.74
CA PRO E 253 20.32 49.41 -11.53
C PRO E 253 20.34 50.57 -10.55
N ASP E 254 19.31 51.42 -10.56
CA ASP E 254 19.24 52.54 -9.63
C ASP E 254 18.81 52.13 -8.23
N GLY E 255 18.41 50.87 -8.03
CA GLY E 255 18.11 50.38 -6.70
C GLY E 255 16.68 50.59 -6.25
N SER E 256 15.85 51.26 -7.06
CA SER E 256 14.51 51.63 -6.63
C SER E 256 13.48 50.52 -6.84
N LYS E 257 13.74 49.59 -7.76
CA LYS E 257 12.74 48.60 -8.16
C LYS E 257 13.35 47.21 -8.14
N LEU E 258 12.47 46.21 -7.95
CA LEU E 258 12.82 44.81 -8.11
C LEU E 258 11.89 44.18 -9.13
N ALA E 259 12.45 43.62 -10.20
CA ALA E 259 11.66 42.85 -11.15
C ALA E 259 11.63 41.36 -10.77
N PHE E 260 10.54 40.70 -11.15
CA PHE E 260 10.35 39.27 -10.85
C PHE E 260 9.18 38.77 -11.68
N ALA E 261 8.91 37.47 -11.58
CA ALA E 261 7.83 36.82 -12.33
C ALA E 261 6.81 36.24 -11.36
N LEU E 262 5.52 36.51 -11.60
CA LEU E 262 4.41 35.91 -10.86
C LEU E 262 3.45 35.15 -11.77
N SER E 263 2.95 34.00 -11.31
CA SER E 263 1.93 33.27 -12.06
C SER E 263 0.58 33.30 -11.37
N LYS E 264 0.37 34.20 -10.40
CA LYS E 264 -0.90 34.24 -9.69
C LYS E 264 -2.05 34.36 -10.68
N THR E 265 -1.84 35.11 -11.77
CA THR E 265 -2.89 35.32 -12.76
C THR E 265 -3.22 34.02 -13.47
N GLY E 266 -2.41 32.98 -13.21
CA GLY E 266 -2.48 31.72 -13.91
C GLY E 266 -1.23 31.40 -14.72
N SER E 267 -0.45 32.39 -15.13
CA SER E 267 0.79 32.16 -15.86
C SER E 267 1.82 33.21 -15.47
N LEU E 268 3.08 32.91 -15.78
CA LEU E 268 4.22 33.74 -15.41
C LEU E 268 4.15 35.02 -16.25
N ASN E 269 4.16 36.14 -15.54
CA ASN E 269 4.14 37.44 -16.16
C ASN E 269 5.13 38.26 -15.35
N LEU E 270 5.57 39.37 -15.93
CA LEU E 270 6.61 40.15 -15.29
C LEU E 270 5.93 41.17 -14.40
N TYR E 271 6.53 41.40 -13.24
CA TYR E 271 6.02 42.35 -12.29
C TYR E 271 7.23 43.05 -11.73
N VAL E 272 7.00 44.26 -11.26
CA VAL E 272 8.03 45.06 -10.63
CA VAL E 272 8.03 45.06 -10.63
C VAL E 272 7.47 45.65 -9.34
N MET E 273 8.26 45.63 -8.29
CA MET E 273 7.91 46.24 -7.01
CA MET E 273 7.91 46.25 -7.03
C MET E 273 8.77 47.48 -6.83
N ASP E 274 8.13 48.59 -6.50
CA ASP E 274 8.86 49.78 -6.07
C ASP E 274 9.36 49.57 -4.66
N LEU E 275 10.69 49.53 -4.51
CA LEU E 275 11.26 49.09 -3.25
C LEU E 275 10.95 50.07 -2.13
N ALA E 276 10.82 51.36 -2.45
CA ALA E 276 10.49 52.34 -1.43
C ALA E 276 9.07 52.13 -0.90
N SER E 277 8.10 52.01 -1.79
CA SER E 277 6.70 51.87 -1.39
C SER E 277 6.27 50.43 -1.18
N GLY E 278 6.92 49.47 -1.85
CA GLY E 278 6.47 48.10 -1.83
C GLY E 278 5.34 47.79 -2.79
N GLN E 279 4.90 48.74 -3.60
CA GLN E 279 3.79 48.54 -4.50
C GLN E 279 4.23 47.71 -5.70
N ILE E 280 3.34 46.84 -6.17
CA ILE E 280 3.64 45.91 -7.26
C ILE E 280 2.81 46.29 -8.48
N ARG E 281 3.48 46.49 -9.60
CA ARG E 281 2.84 46.66 -10.90
C ARG E 281 3.14 45.45 -11.78
N GLN E 282 2.20 45.13 -12.66
CA GLN E 282 2.39 44.08 -13.65
C GLN E 282 2.92 44.71 -14.93
N VAL E 283 3.88 44.03 -15.55
CA VAL E 283 4.53 44.54 -16.76
C VAL E 283 4.03 43.81 -18.00
N THR E 284 3.84 42.50 -17.91
CA THR E 284 3.28 41.73 -19.00
C THR E 284 1.97 41.10 -18.54
N ASP E 285 0.96 41.09 -19.43
CA ASP E 285 -0.29 40.43 -19.12
C ASP E 285 -0.87 39.89 -20.41
N GLY E 286 -0.95 38.58 -20.52
CA GLY E 286 -1.39 37.98 -21.76
C GLY E 286 -1.18 36.48 -21.71
N ARG E 287 -1.67 35.81 -22.74
CA ARG E 287 -1.52 34.38 -22.77
C ARG E 287 -0.11 34.01 -23.16
N SER E 288 0.67 34.98 -23.66
CA SER E 288 2.05 34.66 -23.89
C SER E 288 2.72 34.61 -22.52
N ASN E 289 3.90 34.02 -22.48
CA ASN E 289 4.63 33.88 -21.23
C ASN E 289 5.85 34.77 -21.10
N ASN E 290 6.00 35.44 -19.96
CA ASN E 290 7.08 36.42 -19.81
C ASN E 290 7.79 36.26 -18.47
N THR E 291 9.09 35.95 -18.47
CA THR E 291 9.78 35.73 -17.21
C THR E 291 11.29 35.90 -17.41
N GLU E 292 12.05 35.68 -16.34
CA GLU E 292 13.51 35.82 -16.31
C GLU E 292 13.92 37.23 -16.72
N PRO E 293 13.37 38.26 -16.09
CA PRO E 293 13.76 39.64 -16.43
C PRO E 293 15.19 39.98 -16.04
N THR E 294 15.82 40.82 -16.87
CA THR E 294 17.06 41.49 -16.55
C THR E 294 16.91 42.95 -16.95
N TRP E 295 17.52 43.82 -16.17
CA TRP E 295 17.36 45.26 -16.39
C TRP E 295 18.37 45.78 -17.42
N PHE E 296 17.91 46.69 -18.27
CA PHE E 296 18.79 47.51 -19.06
C PHE E 296 19.36 48.65 -18.20
N PRO E 297 20.47 49.26 -18.64
CA PRO E 297 21.07 50.33 -17.82
C PRO E 297 20.11 51.43 -17.43
N ASP E 298 19.06 51.67 -18.23
CA ASP E 298 18.14 52.77 -17.98
C ASP E 298 17.20 52.52 -16.81
N SER E 299 17.22 51.33 -16.22
CA SER E 299 16.31 50.96 -15.12
C SER E 299 14.85 51.16 -15.51
N GLN E 300 14.55 51.13 -16.81
CA GLN E 300 13.18 51.24 -17.30
C GLN E 300 12.77 50.14 -18.25
N ASN E 301 13.73 49.42 -18.85
CA ASN E 301 13.46 48.36 -19.80
C ASN E 301 13.99 47.04 -19.25
N LEU E 302 13.28 45.96 -19.51
CA LEU E 302 13.74 44.62 -19.17
C LEU E 302 13.93 43.80 -20.44
N ALA E 303 15.00 43.00 -20.45
CA ALA E 303 15.07 41.83 -21.30
C ALA E 303 14.65 40.60 -20.50
N PHE E 304 14.04 39.63 -21.18
CA PHE E 304 13.47 38.47 -20.50
C PHE E 304 13.24 37.36 -21.50
N THR E 305 12.95 36.16 -20.98
CA THR E 305 12.69 34.99 -21.81
C THR E 305 11.18 34.76 -21.93
N SER E 306 10.71 34.55 -23.17
CA SER E 306 9.31 34.27 -23.50
C SER E 306 9.22 33.13 -24.50
N ASP E 307 8.15 32.33 -24.38
CA ASP E 307 7.80 31.33 -25.38
C ASP E 307 6.74 31.85 -26.36
N GLN E 308 6.53 33.16 -26.40
CA GLN E 308 5.53 33.72 -27.31
C GLN E 308 5.70 33.20 -28.72
N ALA E 309 6.92 32.92 -29.13
CA ALA E 309 7.22 32.45 -30.49
C ALA E 309 7.41 30.94 -30.56
N GLY E 310 7.05 30.21 -29.51
CA GLY E 310 7.28 28.78 -29.46
C GLY E 310 8.41 28.42 -28.51
N ARG E 311 9.56 28.08 -29.06
CA ARG E 311 10.73 27.83 -28.23
C ARG E 311 11.18 29.13 -27.57
N PRO E 312 11.83 29.06 -26.40
CA PRO E 312 12.20 30.29 -25.70
C PRO E 312 13.00 31.23 -26.59
N GLN E 313 12.69 32.51 -26.47
CA GLN E 313 13.40 33.59 -27.14
C GLN E 313 13.48 34.77 -26.17
N VAL E 314 14.30 35.75 -26.50
CA VAL E 314 14.47 36.92 -25.63
C VAL E 314 13.63 38.05 -26.18
N TYR E 315 12.90 38.71 -25.29
CA TYR E 315 12.04 39.84 -25.59
C TYR E 315 12.45 41.03 -24.73
N LYS E 316 12.11 42.22 -25.20
CA LYS E 316 12.33 43.46 -24.47
C LYS E 316 11.00 44.14 -24.23
N VAL E 317 10.82 44.68 -23.02
CA VAL E 317 9.59 45.39 -22.69
C VAL E 317 9.90 46.52 -21.72
N ASN E 318 9.20 47.64 -21.89
CA ASN E 318 9.22 48.71 -20.91
C ASN E 318 8.38 48.30 -19.70
N ILE E 319 8.90 48.59 -18.50
CA ILE E 319 8.17 48.28 -17.28
C ILE E 319 6.89 49.09 -17.13
N ASN E 320 6.72 50.15 -17.93
CA ASN E 320 5.49 50.93 -17.88
C ASN E 320 4.59 50.54 -19.04
N GLY E 321 4.95 50.94 -20.25
CA GLY E 321 4.28 50.50 -21.46
C GLY E 321 4.56 49.05 -21.79
N GLY E 322 3.57 48.17 -21.63
CA GLY E 322 3.83 46.75 -21.79
C GLY E 322 3.43 46.23 -23.15
N ALA E 323 4.43 45.87 -23.96
CA ALA E 323 4.24 45.25 -25.26
C ALA E 323 5.57 44.65 -25.71
N PRO E 324 5.81 43.36 -25.46
CA PRO E 324 7.18 42.84 -25.62
C PRO E 324 7.59 42.74 -27.08
N GLN E 325 8.84 43.09 -27.35
CA GLN E 325 9.45 42.98 -28.66
C GLN E 325 10.53 41.91 -28.62
N ARG E 326 10.45 40.95 -29.55
CA ARG E 326 11.49 39.94 -29.66
C ARG E 326 12.77 40.56 -30.19
N ILE E 327 13.90 40.26 -29.54
CA ILE E 327 15.19 40.80 -29.93
C ILE E 327 16.19 39.73 -30.33
N THR E 328 15.87 38.44 -30.14
CA THR E 328 16.76 37.35 -30.51
C THR E 328 16.17 36.63 -31.72
N TRP E 329 16.93 36.61 -32.81
CA TRP E 329 16.50 35.97 -34.05
C TRP E 329 17.52 34.99 -34.60
N GLU E 330 18.71 34.90 -34.01
CA GLU E 330 19.71 33.91 -34.41
C GLU E 330 19.48 32.59 -33.68
N GLY E 331 20.04 31.52 -34.25
CA GLY E 331 19.92 30.22 -33.63
C GLY E 331 18.52 29.63 -33.81
N SER E 332 18.21 28.71 -32.90
CA SER E 332 16.85 28.18 -32.79
C SER E 332 16.21 28.43 -31.44
N GLN E 333 16.98 28.87 -30.44
CA GLN E 333 16.41 29.16 -29.12
C GLN E 333 17.30 30.18 -28.43
N ASN E 334 16.69 31.06 -27.65
CA ASN E 334 17.46 32.04 -26.89
C ASN E 334 16.78 32.28 -25.56
N GLN E 335 17.57 32.35 -24.49
CA GLN E 335 16.99 32.41 -23.15
C GLN E 335 18.07 32.87 -22.17
N ASP E 336 17.63 33.22 -20.97
CA ASP E 336 18.54 33.51 -19.86
C ASP E 336 19.46 34.68 -20.20
N ALA E 337 18.86 35.83 -20.44
CA ALA E 337 19.61 36.98 -20.94
C ALA E 337 20.11 37.83 -19.78
N ASP E 338 21.23 38.51 -20.02
CA ASP E 338 21.77 39.48 -19.07
C ASP E 338 22.30 40.67 -19.85
N VAL E 339 21.78 41.85 -19.55
CA VAL E 339 22.11 43.06 -20.30
C VAL E 339 23.41 43.64 -19.75
N SER E 340 24.28 44.10 -20.64
CA SER E 340 25.54 44.68 -20.23
C SER E 340 25.29 45.99 -19.48
N SER E 341 26.32 46.45 -18.76
CA SER E 341 26.15 47.63 -17.92
C SER E 341 26.09 48.91 -18.75
N ASP E 342 26.63 48.89 -19.97
CA ASP E 342 26.46 49.97 -20.92
C ASP E 342 25.31 49.74 -21.90
N GLY E 343 24.65 48.58 -21.83
CA GLY E 343 23.53 48.30 -22.70
C GLY E 343 23.86 48.00 -24.14
N LYS E 344 25.13 47.90 -24.51
CA LYS E 344 25.49 47.66 -25.90
C LYS E 344 25.26 46.21 -26.31
N PHE E 345 25.38 45.27 -25.38
CA PHE E 345 25.14 43.86 -25.69
C PHE E 345 24.51 43.17 -24.48
N MET E 346 24.15 41.92 -24.69
CA MET E 346 23.75 41.02 -23.62
C MET E 346 24.44 39.68 -23.83
N VAL E 347 24.51 38.90 -22.75
CA VAL E 347 24.89 37.49 -22.85
C VAL E 347 23.67 36.66 -22.51
N MET E 348 23.69 35.40 -22.95
CA MET E 348 22.52 34.55 -22.85
C MET E 348 22.92 33.12 -23.17
N VAL E 349 21.96 32.21 -23.03
CA VAL E 349 22.10 30.82 -23.44
C VAL E 349 21.35 30.66 -24.75
N SER E 350 22.07 30.34 -25.81
CA SER E 350 21.53 30.23 -27.16
C SER E 350 21.67 28.82 -27.68
N SER E 351 20.65 28.34 -28.38
CA SER E 351 20.63 27.02 -29.01
C SER E 351 20.63 27.23 -30.52
N ASN E 352 21.67 26.72 -31.16
CA ASN E 352 21.81 26.72 -32.62
C ASN E 352 22.19 25.32 -33.09
N GLY E 353 21.23 24.66 -33.75
CA GLY E 353 21.47 23.35 -34.30
C GLY E 353 21.95 22.40 -33.24
N GLY E 354 21.13 22.16 -32.22
CA GLY E 354 21.49 21.15 -31.27
C GLY E 354 22.42 21.66 -30.19
N GLN E 355 23.33 22.58 -30.53
CA GLN E 355 24.32 23.06 -29.57
CA GLN E 355 24.32 23.06 -29.57
C GLN E 355 23.76 24.25 -28.80
N GLN E 356 23.64 24.09 -27.48
CA GLN E 356 23.35 25.19 -26.57
CA GLN E 356 23.35 25.19 -26.57
C GLN E 356 24.64 25.66 -25.93
N HIS E 357 24.91 26.96 -26.03
CA HIS E 357 26.12 27.52 -25.42
C HIS E 357 25.84 28.92 -24.91
N ILE E 358 26.73 29.40 -24.05
CA ILE E 358 26.73 30.80 -23.68
C ILE E 358 27.14 31.61 -24.90
N ALA E 359 26.28 32.53 -25.31
CA ALA E 359 26.57 33.41 -26.43
C ALA E 359 26.38 34.86 -26.01
N LYS E 360 26.95 35.75 -26.82
CA LYS E 360 26.86 37.18 -26.64
C LYS E 360 26.21 37.78 -27.88
N GLN E 361 25.16 38.57 -27.67
CA GLN E 361 24.47 39.23 -28.77
C GLN E 361 24.59 40.73 -28.58
N ASP E 362 25.12 41.40 -29.60
CA ASP E 362 25.18 42.86 -29.59
CA ASP E 362 25.18 42.86 -29.59
C ASP E 362 23.77 43.43 -29.66
N LEU E 363 23.44 44.32 -28.72
CA LEU E 363 22.07 44.81 -28.61
C LEU E 363 21.73 45.83 -29.68
N ALA E 364 22.72 46.43 -30.34
CA ALA E 364 22.48 47.35 -31.43
C ALA E 364 22.73 46.74 -32.81
N THR E 365 23.05 45.45 -32.89
CA THR E 365 23.27 44.79 -34.18
CA THR E 365 23.27 44.79 -34.18
C THR E 365 22.65 43.40 -34.28
N GLY E 366 22.44 42.70 -33.17
CA GLY E 366 21.96 41.33 -33.20
C GLY E 366 23.03 40.29 -33.47
N GLY E 367 24.26 40.70 -33.73
CA GLY E 367 25.34 39.76 -33.98
C GLY E 367 25.60 38.85 -32.80
N VAL E 368 25.56 37.54 -33.03
CA VAL E 368 25.71 36.55 -31.97
C VAL E 368 27.06 35.86 -32.12
N GLN E 369 27.81 35.81 -31.03
CA GLN E 369 29.06 35.07 -30.96
C GLN E 369 28.97 34.04 -29.84
N VAL E 370 29.22 32.78 -30.16
CA VAL E 370 29.25 31.74 -29.13
C VAL E 370 30.51 31.90 -28.30
N LEU E 371 30.34 31.95 -26.98
CA LEU E 371 31.45 32.18 -26.05
C LEU E 371 31.94 30.89 -25.40
N SER E 372 31.05 30.06 -24.89
CA SER E 372 31.41 28.87 -24.15
C SER E 372 31.37 27.63 -25.05
N SER E 373 32.14 26.62 -24.65
CA SER E 373 32.16 25.35 -25.35
C SER E 373 31.92 24.17 -24.41
N THR E 374 31.60 24.42 -23.14
CA THR E 374 31.30 23.36 -22.19
C THR E 374 29.90 22.81 -22.47
N PHE E 375 29.49 21.83 -21.66
CA PHE E 375 28.20 21.20 -21.81
C PHE E 375 27.25 21.68 -20.72
N LEU E 376 25.95 21.64 -21.04
CA LEU E 376 24.90 22.11 -20.14
C LEU E 376 25.22 23.50 -19.62
N ASP E 377 25.63 24.38 -20.53
CA ASP E 377 25.95 25.75 -20.16
C ASP E 377 24.69 26.46 -19.71
N GLU E 378 24.72 27.05 -18.52
CA GLU E 378 23.51 27.64 -17.94
C GLU E 378 23.88 28.85 -17.10
N THR E 379 22.89 29.69 -16.87
CA THR E 379 22.93 30.79 -15.91
C THR E 379 24.24 31.57 -15.98
N PRO E 380 24.49 32.30 -17.06
CA PRO E 380 25.65 33.18 -17.11
C PRO E 380 25.40 34.46 -16.33
N SER E 381 26.49 35.06 -15.84
CA SER E 381 26.42 36.33 -15.14
C SER E 381 27.63 37.16 -15.50
N LEU E 382 27.40 38.44 -15.82
CA LEU E 382 28.44 39.30 -16.37
C LEU E 382 29.10 40.10 -15.26
N ALA E 383 30.41 40.27 -15.37
CA ALA E 383 31.10 41.22 -14.52
C ALA E 383 30.58 42.64 -14.79
N PRO E 384 30.66 43.54 -13.81
CA PRO E 384 30.19 44.91 -14.05
C PRO E 384 30.99 45.66 -15.10
N ASN E 385 32.17 45.16 -15.47
CA ASN E 385 32.97 45.75 -16.53
C ASN E 385 32.83 45.01 -17.86
N GLY E 386 31.91 44.05 -17.94
CA GLY E 386 31.64 43.40 -19.20
C GLY E 386 32.75 42.51 -19.72
N THR E 387 33.78 42.22 -18.92
CA THR E 387 34.95 41.50 -19.41
C THR E 387 34.92 40.00 -19.13
N MET E 388 34.13 39.55 -18.16
CA MET E 388 34.09 38.14 -17.79
C MET E 388 32.67 37.70 -17.50
N VAL E 389 32.38 36.44 -17.81
CA VAL E 389 31.09 35.82 -17.54
C VAL E 389 31.33 34.61 -16.65
N ILE E 390 30.55 34.50 -15.58
CA ILE E 390 30.51 33.31 -14.75
C ILE E 390 29.23 32.56 -15.04
N TYR E 391 29.32 31.24 -15.13
CA TYR E 391 28.16 30.42 -15.48
C TYR E 391 28.36 29.01 -14.92
N SER E 392 27.30 28.22 -15.00
CA SER E 392 27.35 26.83 -14.57
C SER E 392 27.32 25.92 -15.78
N SER E 393 27.95 24.75 -15.65
CA SER E 393 28.08 23.81 -16.75
C SER E 393 28.05 22.39 -16.19
N SER E 394 28.24 21.42 -17.08
CA SER E 394 28.39 20.03 -16.68
C SER E 394 29.70 19.77 -15.97
N GLN E 395 30.65 20.71 -16.02
CA GLN E 395 31.90 20.58 -15.30
C GLN E 395 31.65 20.12 -13.87
N GLY E 396 32.45 19.15 -13.43
CA GLY E 396 32.29 18.65 -12.08
C GLY E 396 30.95 18.02 -11.86
N MET E 397 30.26 17.62 -12.93
CA MET E 397 28.92 17.08 -12.84
CA MET E 397 28.91 17.08 -12.85
C MET E 397 28.00 18.05 -12.11
N GLY E 398 28.19 19.34 -12.37
CA GLY E 398 27.38 20.39 -11.79
C GLY E 398 28.02 21.10 -10.63
N SER E 399 29.09 20.53 -10.06
CA SER E 399 29.69 21.02 -8.83
C SER E 399 30.71 22.13 -9.07
N VAL E 400 30.89 22.56 -10.32
CA VAL E 400 31.90 23.55 -10.68
C VAL E 400 31.24 24.65 -11.48
N LEU E 401 31.56 25.89 -11.15
CA LEU E 401 31.25 27.02 -12.01
C LEU E 401 32.47 27.34 -12.88
N ASN E 402 32.21 28.02 -14.00
CA ASN E 402 33.25 28.36 -14.95
C ASN E 402 33.22 29.86 -15.26
N LEU E 403 34.41 30.39 -15.51
CA LEU E 403 34.59 31.75 -16.03
C LEU E 403 35.01 31.66 -17.49
N VAL E 404 34.49 32.58 -18.29
CA VAL E 404 34.94 32.77 -19.66
C VAL E 404 35.06 34.27 -19.92
N SER E 405 36.16 34.68 -20.53
CA SER E 405 36.31 36.08 -20.88
C SER E 405 35.36 36.44 -22.02
N THR E 406 34.87 37.68 -22.00
CA THR E 406 33.86 38.08 -22.96
C THR E 406 34.44 38.30 -24.36
N ASP E 407 35.76 38.33 -24.49
CA ASP E 407 36.40 38.20 -25.80
C ASP E 407 36.48 36.77 -26.29
N GLY E 408 36.11 35.80 -25.46
CA GLY E 408 36.18 34.40 -25.84
C GLY E 408 37.55 33.76 -25.69
N ARG E 409 38.56 34.52 -25.24
CA ARG E 409 39.94 34.07 -25.35
C ARG E 409 40.33 33.12 -24.21
N PHE E 410 39.68 33.21 -23.05
CA PHE E 410 40.06 32.43 -21.89
C PHE E 410 38.85 31.74 -21.25
N LYS E 411 39.06 30.50 -20.83
CA LYS E 411 38.06 29.68 -20.16
C LYS E 411 38.73 29.00 -18.98
N ALA E 412 38.04 28.93 -17.84
CA ALA E 412 38.59 28.19 -16.72
C ALA E 412 37.49 27.71 -15.78
N ARG E 413 37.81 26.65 -15.05
CA ARG E 413 37.00 26.18 -13.93
C ARG E 413 37.36 26.95 -12.66
N LEU E 414 36.33 27.28 -11.87
CA LEU E 414 36.57 27.80 -10.54
C LEU E 414 36.97 26.66 -9.60
N PRO E 415 37.57 26.99 -8.46
CA PRO E 415 37.84 25.95 -7.45
C PRO E 415 36.58 25.16 -7.14
N ALA E 416 36.73 23.84 -7.06
CA ALA E 416 35.58 22.98 -6.84
C ALA E 416 34.97 23.25 -5.47
N THR E 417 33.64 23.23 -5.41
CA THR E 417 32.90 23.35 -4.17
C THR E 417 32.54 21.97 -3.63
N ASP E 418 31.98 21.97 -2.41
CA ASP E 418 31.54 20.73 -1.76
C ASP E 418 30.09 20.39 -2.06
N GLY E 419 29.59 20.79 -3.22
CA GLY E 419 28.21 20.53 -3.56
C GLY E 419 27.94 20.85 -5.02
N GLN E 420 26.66 20.83 -5.38
CA GLN E 420 26.22 21.22 -6.71
C GLN E 420 25.94 22.71 -6.71
N VAL E 421 26.48 23.44 -7.67
CA VAL E 421 26.41 24.90 -7.71
CA VAL E 421 26.42 24.90 -7.71
C VAL E 421 25.53 25.33 -8.87
N LYS E 422 24.58 26.21 -8.59
CA LYS E 422 23.66 26.74 -9.57
C LYS E 422 23.43 28.21 -9.31
N PHE E 423 22.77 28.87 -10.26
CA PHE E 423 22.26 30.22 -10.09
C PHE E 423 23.36 31.20 -9.67
N PRO E 424 24.49 31.23 -10.39
CA PRO E 424 25.53 32.21 -10.06
C PRO E 424 25.07 33.61 -10.38
N ALA E 425 25.59 34.57 -9.62
CA ALA E 425 25.19 35.97 -9.77
C ALA E 425 26.38 36.86 -9.47
N TRP E 426 26.78 37.67 -10.45
CA TRP E 426 27.94 38.53 -10.30
C TRP E 426 27.55 39.79 -9.56
N SER E 427 28.24 40.09 -8.47
CA SER E 427 27.92 41.28 -7.70
C SER E 427 28.15 42.53 -8.55
N PRO E 428 27.56 43.66 -8.15
CA PRO E 428 28.02 44.95 -8.71
C PRO E 428 29.43 45.26 -8.25
N TYR E 429 30.01 46.35 -8.75
CA TYR E 429 31.25 46.85 -8.18
C TYR E 429 31.13 46.92 -6.66
N LEU E 430 32.20 46.52 -5.97
CA LEU E 430 32.22 46.49 -4.52
C LEU E 430 33.38 47.30 -3.97
#